data_7M28
# 
_entry.id   7M28 
# 
_audit_conform.dict_name       mmcif_pdbx.dic 
_audit_conform.dict_version    5.397 
_audit_conform.dict_location   http://mmcif.pdb.org/dictionaries/ascii/mmcif_pdbx.dic 
# 
loop_
_database_2.database_id 
_database_2.database_code 
_database_2.pdbx_database_accession 
_database_2.pdbx_DOI 
PDB   7M28         pdb_00007m28 10.2210/pdb7m28/pdb 
WWPDB D_1000255405 ?            ?                   
BMRB  30883        ?            10.13018/BMR30883   
# 
loop_
_pdbx_audit_revision_history.ordinal 
_pdbx_audit_revision_history.data_content_type 
_pdbx_audit_revision_history.major_revision 
_pdbx_audit_revision_history.minor_revision 
_pdbx_audit_revision_history.revision_date 
1 'Structure model' 1 0 2021-03-24 
2 'Structure model' 1 1 2021-11-10 
3 'Structure model' 1 2 2021-12-08 
4 'Structure model' 1 3 2023-06-14 
5 'Structure model' 1 4 2024-10-30 
# 
_pdbx_audit_revision_details.ordinal             1 
_pdbx_audit_revision_details.revision_ordinal    1 
_pdbx_audit_revision_details.data_content_type   'Structure model' 
_pdbx_audit_revision_details.provider            repository 
_pdbx_audit_revision_details.type                'Initial release' 
_pdbx_audit_revision_details.description         ? 
_pdbx_audit_revision_details.details             ? 
# 
loop_
_pdbx_audit_revision_group.ordinal 
_pdbx_audit_revision_group.revision_ordinal 
_pdbx_audit_revision_group.data_content_type 
_pdbx_audit_revision_group.group 
1 2 'Structure model' 'Database references' 
2 3 'Structure model' 'Database references' 
3 4 'Structure model' Other                 
4 5 'Structure model' 'Data collection'     
5 5 'Structure model' 'Database references' 
6 5 'Structure model' 'Structure summary'   
# 
loop_
_pdbx_audit_revision_category.ordinal 
_pdbx_audit_revision_category.revision_ordinal 
_pdbx_audit_revision_category.data_content_type 
_pdbx_audit_revision_category.category 
1  2 'Structure model' citation                  
2  2 'Structure model' database_2                
3  3 'Structure model' citation                  
4  3 'Structure model' citation_author           
5  4 'Structure model' pdbx_database_status      
6  5 'Structure model' chem_comp_atom            
7  5 'Structure model' chem_comp_bond            
8  5 'Structure model' database_2                
9  5 'Structure model' pdbx_entry_details        
10 5 'Structure model' pdbx_modification_feature 
# 
loop_
_pdbx_audit_revision_item.ordinal 
_pdbx_audit_revision_item.revision_ordinal 
_pdbx_audit_revision_item.data_content_type 
_pdbx_audit_revision_item.item 
1  2 'Structure model' '_citation.country'                          
2  2 'Structure model' '_citation.journal_abbrev'                   
3  2 'Structure model' '_citation.journal_id_CSD'                   
4  2 'Structure model' '_citation.journal_id_ISSN'                  
5  2 'Structure model' '_citation.pdbx_database_id_DOI'             
6  2 'Structure model' '_citation.pdbx_database_id_PubMed'          
7  2 'Structure model' '_citation.title'                            
8  2 'Structure model' '_citation.year'                             
9  2 'Structure model' '_database_2.pdbx_DOI'                       
10 2 'Structure model' '_database_2.pdbx_database_accession'        
11 3 'Structure model' '_citation.journal_volume'                   
12 3 'Structure model' '_citation.page_first'                       
13 3 'Structure model' '_citation.page_last'                        
14 3 'Structure model' '_citation_author.identifier_ORCID'          
15 4 'Structure model' '_pdbx_database_status.status_code_nmr_data' 
16 5 'Structure model' '_database_2.pdbx_DOI'                       
# 
_pdbx_database_status.status_code                     REL 
_pdbx_database_status.status_code_sf                  ? 
_pdbx_database_status.status_code_mr                  REL 
_pdbx_database_status.entry_id                        7M28 
_pdbx_database_status.recvd_initial_deposition_date   2021-03-16 
_pdbx_database_status.SG_entry                        N 
_pdbx_database_status.deposit_site                    RCSB 
_pdbx_database_status.process_site                    RCSB 
_pdbx_database_status.status_code_cs                  REL 
_pdbx_database_status.status_code_nmr_data            REL 
_pdbx_database_status.methods_development_category    ? 
_pdbx_database_status.pdb_format_compatible           Y 
# 
loop_
_pdbx_database_related.db_name 
_pdbx_database_related.details 
_pdbx_database_related.db_id 
_pdbx_database_related.content_type 
PDB  'Structure published in same article'                   7M25  unspecified 
PDB  'Structure published in same article'                   7M27  unspecified 
BMRB 'Solution NMR Structure of PawL-Derived Peptide PLP-22' 30883 unspecified 
# 
loop_
_audit_author.name 
_audit_author.pdbx_ordinal 
_audit_author.identifier_ORCID 
'Payne, C.D.'     1 0000-0002-9316-1465 
'Rosengren, K.J.' 2 0000-0002-5007-8434 
# 
_citation.abstract                  ? 
_citation.abstract_id_CAS           ? 
_citation.book_id_ISBN              ? 
_citation.book_publisher            ? 
_citation.book_publisher_city       ? 
_citation.book_title                ? 
_citation.coordinate_linkage        ? 
_citation.country                   US 
_citation.database_id_Medline       ? 
_citation.details                   ? 
_citation.id                        primary 
_citation.journal_abbrev            J.Nat.Prod. 
_citation.journal_id_ASTM           ? 
_citation.journal_id_CSD            ? 
_citation.journal_id_ISSN           1520-6025 
_citation.journal_full              ? 
_citation.journal_issue             ? 
_citation.journal_volume            84 
_citation.language                  ? 
_citation.page_first                2914 
_citation.page_last                 2922 
_citation.title                     
'Structural Characterization of the PawL-Derived Peptide Family, an Ancient Subfamily of Orbitides.' 
_citation.year                      2021 
_citation.database_id_CSD           ? 
_citation.pdbx_database_id_DOI      10.1021/acs.jnatprod.1c00672 
_citation.pdbx_database_id_PubMed   34672199 
_citation.pdbx_database_id_patent   ? 
_citation.unpublished_flag          ? 
# 
loop_
_citation_author.citation_id 
_citation_author.name 
_citation_author.ordinal 
_citation_author.identifier_ORCID 
primary 'Payne, C.D.'     1 ? 
primary 'Fisher, M.F.'    2 ? 
primary 'Mylne, J.S.'     3 ? 
primary 'Rosengren, K.J.' 4 ? 
# 
_entity.id                         1 
_entity.type                       polymer 
_entity.src_method                 syn 
_entity.pdbx_description           'PawL-Derived Peptide PLP-22' 
_entity.formula_weight             759.847 
_entity.pdbx_number_of_molecules   1 
_entity.pdbx_ec                    ? 
_entity.pdbx_mutation              ? 
_entity.pdbx_fragment              ? 
_entity.details                    ? 
# 
_entity_poly.entity_id                      1 
_entity_poly.type                           'polypeptide(L)' 
_entity_poly.nstd_linkage                   no 
_entity_poly.nstd_monomer                   no 
_entity_poly.pdbx_seq_one_letter_code       GLPPYVD 
_entity_poly.pdbx_seq_one_letter_code_can   GLPPYVD 
_entity_poly.pdbx_strand_id                 A 
_entity_poly.pdbx_target_identifier         ? 
# 
loop_
_entity_poly_seq.entity_id 
_entity_poly_seq.num 
_entity_poly_seq.mon_id 
_entity_poly_seq.hetero 
1 1 GLY n 
1 2 LEU n 
1 3 PRO n 
1 4 PRO n 
1 5 TYR n 
1 6 VAL n 
1 7 ASP n 
# 
_pdbx_entity_src_syn.entity_id              1 
_pdbx_entity_src_syn.pdbx_src_id            1 
_pdbx_entity_src_syn.pdbx_alt_source_flag   sample 
_pdbx_entity_src_syn.pdbx_beg_seq_num       1 
_pdbx_entity_src_syn.pdbx_end_seq_num       7 
_pdbx_entity_src_syn.organism_scientific    'Inula racemosa' 
_pdbx_entity_src_syn.organism_common_name   ? 
_pdbx_entity_src_syn.ncbi_taxonomy_id       483693 
_pdbx_entity_src_syn.details                ? 
# 
loop_
_chem_comp.id 
_chem_comp.type 
_chem_comp.mon_nstd_flag 
_chem_comp.name 
_chem_comp.pdbx_synonyms 
_chem_comp.formula 
_chem_comp.formula_weight 
ASP 'L-peptide linking' y 'ASPARTIC ACID' ? 'C4 H7 N O4'  133.103 
GLY 'peptide linking'   y GLYCINE         ? 'C2 H5 N O2'  75.067  
LEU 'L-peptide linking' y LEUCINE         ? 'C6 H13 N O2' 131.173 
PRO 'L-peptide linking' y PROLINE         ? 'C5 H9 N O2'  115.130 
TYR 'L-peptide linking' y TYROSINE        ? 'C9 H11 N O3' 181.189 
VAL 'L-peptide linking' y VALINE          ? 'C5 H11 N O2' 117.146 
# 
loop_
_pdbx_poly_seq_scheme.asym_id 
_pdbx_poly_seq_scheme.entity_id 
_pdbx_poly_seq_scheme.seq_id 
_pdbx_poly_seq_scheme.mon_id 
_pdbx_poly_seq_scheme.ndb_seq_num 
_pdbx_poly_seq_scheme.pdb_seq_num 
_pdbx_poly_seq_scheme.auth_seq_num 
_pdbx_poly_seq_scheme.pdb_mon_id 
_pdbx_poly_seq_scheme.auth_mon_id 
_pdbx_poly_seq_scheme.pdb_strand_id 
_pdbx_poly_seq_scheme.pdb_ins_code 
_pdbx_poly_seq_scheme.hetero 
A 1 1 GLY 1 1 1 GLY GLY A . n 
A 1 2 LEU 2 2 2 LEU LEU A . n 
A 1 3 PRO 3 3 3 PRO PRO A . n 
A 1 4 PRO 4 4 4 PRO PRO A . n 
A 1 5 TYR 5 5 5 TYR TYR A . n 
A 1 6 VAL 6 6 6 VAL VAL A . n 
A 1 7 ASP 7 7 7 ASP ASP A . n 
# 
_exptl.absorpt_coefficient_mu     ? 
_exptl.absorpt_correction_T_max   ? 
_exptl.absorpt_correction_T_min   ? 
_exptl.absorpt_correction_type    ? 
_exptl.absorpt_process_details    ? 
_exptl.entry_id                   7M28 
_exptl.crystals_number            ? 
_exptl.details                    ? 
_exptl.method                     'SOLUTION NMR' 
_exptl.method_details             ? 
# 
_struct.entry_id                     7M28 
_struct.title                        'Solution NMR Structure of PawL-Derived Peptide PLP-22' 
_struct.pdbx_model_details           ? 
_struct.pdbx_formula_weight          ? 
_struct.pdbx_formula_weight_method   ? 
_struct.pdbx_model_type_details      ? 
_struct.pdbx_CASP_flag               N 
# 
_struct_keywords.entry_id        7M28 
_struct_keywords.text            'cyclic, PLP, orbitide, AEP-processed, PLANT PROTEIN' 
_struct_keywords.pdbx_keywords   'PLANT PROTEIN' 
# 
_struct_asym.id                            A 
_struct_asym.pdbx_blank_PDB_chainid_flag   N 
_struct_asym.pdbx_modified                 N 
_struct_asym.entity_id                     1 
_struct_asym.details                       ? 
# 
_struct_ref.id                         1 
_struct_ref.db_name                    PDB 
_struct_ref.db_code                    7M28 
_struct_ref.pdbx_db_accession          7M28 
_struct_ref.pdbx_db_isoform            ? 
_struct_ref.entity_id                  1 
_struct_ref.pdbx_seq_one_letter_code   ? 
_struct_ref.pdbx_align_begin           1 
# 
_struct_ref_seq.align_id                      1 
_struct_ref_seq.ref_id                        1 
_struct_ref_seq.pdbx_PDB_id_code              7M28 
_struct_ref_seq.pdbx_strand_id                A 
_struct_ref_seq.seq_align_beg                 1 
_struct_ref_seq.pdbx_seq_align_beg_ins_code   ? 
_struct_ref_seq.seq_align_end                 7 
_struct_ref_seq.pdbx_seq_align_end_ins_code   ? 
_struct_ref_seq.pdbx_db_accession             7M28 
_struct_ref_seq.db_align_beg                  1 
_struct_ref_seq.pdbx_db_align_beg_ins_code    ? 
_struct_ref_seq.db_align_end                  7 
_struct_ref_seq.pdbx_db_align_end_ins_code    ? 
_struct_ref_seq.pdbx_auth_seq_align_beg       1 
_struct_ref_seq.pdbx_auth_seq_align_end       7 
# 
_pdbx_struct_assembly.id                   1 
_pdbx_struct_assembly.details              author_defined_assembly 
_pdbx_struct_assembly.method_details       ? 
_pdbx_struct_assembly.oligomeric_details   monomeric 
_pdbx_struct_assembly.oligomeric_count     1 
# 
_pdbx_struct_assembly_gen.assembly_id       1 
_pdbx_struct_assembly_gen.oper_expression   1 
_pdbx_struct_assembly_gen.asym_id_list      A 
# 
_pdbx_struct_assembly_auth_evidence.id                     1 
_pdbx_struct_assembly_auth_evidence.assembly_id            1 
_pdbx_struct_assembly_auth_evidence.experimental_support   none 
_pdbx_struct_assembly_auth_evidence.details                'Monomeric structure is fully consistent with NOESY data' 
# 
_pdbx_struct_oper_list.id                   1 
_pdbx_struct_oper_list.type                 'identity operation' 
_pdbx_struct_oper_list.name                 1_555 
_pdbx_struct_oper_list.symmetry_operation   ? 
_pdbx_struct_oper_list.matrix[1][1]         1.0000000000 
_pdbx_struct_oper_list.matrix[1][2]         0.0000000000 
_pdbx_struct_oper_list.matrix[1][3]         0.0000000000 
_pdbx_struct_oper_list.vector[1]            0.0000000000 
_pdbx_struct_oper_list.matrix[2][1]         0.0000000000 
_pdbx_struct_oper_list.matrix[2][2]         1.0000000000 
_pdbx_struct_oper_list.matrix[2][3]         0.0000000000 
_pdbx_struct_oper_list.vector[2]            0.0000000000 
_pdbx_struct_oper_list.matrix[3][1]         0.0000000000 
_pdbx_struct_oper_list.matrix[3][2]         0.0000000000 
_pdbx_struct_oper_list.matrix[3][3]         1.0000000000 
_pdbx_struct_oper_list.vector[3]            0.0000000000 
# 
_struct_conn.id                            covale1 
_struct_conn.conn_type_id                  covale 
_struct_conn.pdbx_leaving_atom_flag        both 
_struct_conn.pdbx_PDB_id                   ? 
_struct_conn.ptnr1_label_asym_id           A 
_struct_conn.ptnr1_label_comp_id           GLY 
_struct_conn.ptnr1_label_seq_id            1 
_struct_conn.ptnr1_label_atom_id           N 
_struct_conn.pdbx_ptnr1_label_alt_id       ? 
_struct_conn.pdbx_ptnr1_PDB_ins_code       ? 
_struct_conn.pdbx_ptnr1_standard_comp_id   ? 
_struct_conn.ptnr1_symmetry                1_555 
_struct_conn.ptnr2_label_asym_id           A 
_struct_conn.ptnr2_label_comp_id           ASP 
_struct_conn.ptnr2_label_seq_id            7 
_struct_conn.ptnr2_label_atom_id           C 
_struct_conn.pdbx_ptnr2_label_alt_id       ? 
_struct_conn.pdbx_ptnr2_PDB_ins_code       ? 
_struct_conn.ptnr1_auth_asym_id            A 
_struct_conn.ptnr1_auth_comp_id            GLY 
_struct_conn.ptnr1_auth_seq_id             1 
_struct_conn.ptnr2_auth_asym_id            A 
_struct_conn.ptnr2_auth_comp_id            ASP 
_struct_conn.ptnr2_auth_seq_id             7 
_struct_conn.ptnr2_symmetry                1_555 
_struct_conn.pdbx_ptnr3_label_atom_id      ? 
_struct_conn.pdbx_ptnr3_label_seq_id       ? 
_struct_conn.pdbx_ptnr3_label_comp_id      ? 
_struct_conn.pdbx_ptnr3_label_asym_id      ? 
_struct_conn.pdbx_ptnr3_label_alt_id       ? 
_struct_conn.pdbx_ptnr3_PDB_ins_code       ? 
_struct_conn.details                       ? 
_struct_conn.pdbx_dist_value               1.313 
_struct_conn.pdbx_value_order              ? 
_struct_conn.pdbx_role                     ? 
# 
_struct_conn_type.id          covale 
_struct_conn_type.criteria    ? 
_struct_conn_type.reference   ? 
# 
_pdbx_modification_feature.ordinal                            1 
_pdbx_modification_feature.label_comp_id                      GLY 
_pdbx_modification_feature.label_asym_id                      A 
_pdbx_modification_feature.label_seq_id                       1 
_pdbx_modification_feature.label_alt_id                       ? 
_pdbx_modification_feature.modified_residue_label_comp_id     ASP 
_pdbx_modification_feature.modified_residue_label_asym_id     A 
_pdbx_modification_feature.modified_residue_label_seq_id      7 
_pdbx_modification_feature.modified_residue_label_alt_id      ? 
_pdbx_modification_feature.auth_comp_id                       GLY 
_pdbx_modification_feature.auth_asym_id                       A 
_pdbx_modification_feature.auth_seq_id                        1 
_pdbx_modification_feature.PDB_ins_code                       ? 
_pdbx_modification_feature.symmetry                           1_555 
_pdbx_modification_feature.modified_residue_auth_comp_id      ASP 
_pdbx_modification_feature.modified_residue_auth_asym_id      A 
_pdbx_modification_feature.modified_residue_auth_seq_id       7 
_pdbx_modification_feature.modified_residue_PDB_ins_code      ? 
_pdbx_modification_feature.modified_residue_symmetry          1_555 
_pdbx_modification_feature.comp_id_linking_atom               N 
_pdbx_modification_feature.modified_residue_id_linking_atom   C 
_pdbx_modification_feature.modified_residue_id                . 
_pdbx_modification_feature.ref_pcm_id                         . 
_pdbx_modification_feature.ref_comp_id                        . 
_pdbx_modification_feature.type                               None 
_pdbx_modification_feature.category                           'Non-standard linkage' 
# 
_pdbx_entry_details.entry_id                   7M28 
_pdbx_entry_details.compound_details           ? 
_pdbx_entry_details.source_details             ? 
_pdbx_entry_details.nonpolymer_details         ? 
_pdbx_entry_details.sequence_details           ? 
_pdbx_entry_details.has_ligand_of_interest     ? 
_pdbx_entry_details.has_protein_modification   Y 
# 
loop_
_pdbx_validate_torsion.id 
_pdbx_validate_torsion.PDB_model_num 
_pdbx_validate_torsion.auth_comp_id 
_pdbx_validate_torsion.auth_asym_id 
_pdbx_validate_torsion.auth_seq_id 
_pdbx_validate_torsion.PDB_ins_code 
_pdbx_validate_torsion.label_alt_id 
_pdbx_validate_torsion.phi 
_pdbx_validate_torsion.psi 
1 8  VAL A 6 ? ? -67.87 86.00  
2 16 PRO A 3 ? ? -23.56 -53.78 
3 17 PRO A 3 ? ? -25.16 -52.76 
4 20 PRO A 3 ? ? -24.37 -51.92 
# 
_pdbx_nmr_ensemble.entry_id                                      7M28 
_pdbx_nmr_ensemble.conformers_calculated_total_number            50 
_pdbx_nmr_ensemble.conformers_submitted_total_number             20 
_pdbx_nmr_ensemble.conformer_selection_criteria                  'structures with the least restraint violations' 
_pdbx_nmr_ensemble.representative_conformer                      ? 
_pdbx_nmr_ensemble.average_constraints_per_residue               ? 
_pdbx_nmr_ensemble.average_constraint_violations_per_residue     ? 
_pdbx_nmr_ensemble.maximum_distance_constraint_violation         ? 
_pdbx_nmr_ensemble.average_distance_constraint_violation         ? 
_pdbx_nmr_ensemble.maximum_upper_distance_constraint_violation   ? 
_pdbx_nmr_ensemble.maximum_lower_distance_constraint_violation   ? 
_pdbx_nmr_ensemble.distance_constraint_violation_method          ? 
_pdbx_nmr_ensemble.maximum_torsion_angle_constraint_violation    ? 
_pdbx_nmr_ensemble.average_torsion_angle_constraint_violation    ? 
_pdbx_nmr_ensemble.torsion_angle_constraint_violation_method     ? 
# 
_pdbx_nmr_representative.entry_id             7M28 
_pdbx_nmr_representative.conformer_id         1 
_pdbx_nmr_representative.selection_criteria   'closest to the average' 
# 
_pdbx_nmr_sample_details.solution_id      1 
_pdbx_nmr_sample_details.contents         '2 mg/mL PLP-22, 90% H2O/10% D2O' 
_pdbx_nmr_sample_details.solvent_system   '90% H2O/10% D2O' 
_pdbx_nmr_sample_details.label            PLP-22 
_pdbx_nmr_sample_details.type             solution 
_pdbx_nmr_sample_details.details          ? 
# 
_pdbx_nmr_exptl_sample.solution_id           1 
_pdbx_nmr_exptl_sample.component             PLP-22 
_pdbx_nmr_exptl_sample.concentration         2 
_pdbx_nmr_exptl_sample.concentration_range   ? 
_pdbx_nmr_exptl_sample.concentration_units   mg/mL 
_pdbx_nmr_exptl_sample.isotopic_labeling     'natural abundance' 
# 
loop_
_pdbx_nmr_exptl_sample_conditions.conditions_id 
_pdbx_nmr_exptl_sample_conditions.temperature 
_pdbx_nmr_exptl_sample_conditions.pressure_units 
_pdbx_nmr_exptl_sample_conditions.pressure 
_pdbx_nmr_exptl_sample_conditions.pH 
_pdbx_nmr_exptl_sample_conditions.ionic_strength 
_pdbx_nmr_exptl_sample_conditions.details 
_pdbx_nmr_exptl_sample_conditions.ionic_strength_err 
_pdbx_nmr_exptl_sample_conditions.ionic_strength_units 
_pdbx_nmr_exptl_sample_conditions.label 
_pdbx_nmr_exptl_sample_conditions.pH_err 
_pdbx_nmr_exptl_sample_conditions.pH_units 
_pdbx_nmr_exptl_sample_conditions.pressure_err 
_pdbx_nmr_exptl_sample_conditions.temperature_err 
_pdbx_nmr_exptl_sample_conditions.temperature_units 
1 288 atm 1 3.5 0 ? ? mM 288K ? pH ? ? K 
2 293 atm 1 3.5 0 ? ? mM 293K ? pH ? ? K 
3 298 atm 1 3.5 0 ? ? mM 298K ? pH ? ? K 
4 303 atm 1 3.5 0 ? ? mM 303K ? pH ? ? K 
5 308 atm 1 3.5 0 ? ? mM 308K ? pH ? ? K 
# 
loop_
_pdbx_nmr_exptl.experiment_id 
_pdbx_nmr_exptl.conditions_id 
_pdbx_nmr_exptl.solution_id 
_pdbx_nmr_exptl.type 
_pdbx_nmr_exptl.spectrometer_id 
_pdbx_nmr_exptl.sample_state 
1 3 1 '2D 1H-1H NOESY' 1 isotropic 
2 3 1 '2D 1H-1H TOCSY' 1 isotropic 
3 3 1 '2D 1H-13C HSQC' 1 isotropic 
4 3 1 '2D 1H-15N HSQC' 1 isotropic 
5 1 1 '2D 1H-1H TOCSY' 1 isotropic 
8 2 1 '2D 1H-1H TOCSY' 1 isotropic 
7 4 1 '2D 1H-1H TOCSY' 1 isotropic 
6 5 1 '2D 1H-1H TOCSY' 1 isotropic 
# 
loop_
_pdbx_nmr_refine.entry_id 
_pdbx_nmr_refine.method 
_pdbx_nmr_refine.details 
_pdbx_nmr_refine.software_ordinal 
7M28 'simulated annealing' 'using torsion angle dynamics'                         2 
7M28 'simulated annealing' 'using torsion angle dynamics and Cartesian space'     5 
7M28 'simulated annealing' 'minimized in explicit water using Cartesian dynamics' 1 
# 
loop_
_pdbx_nmr_software.ordinal 
_pdbx_nmr_software.classification 
_pdbx_nmr_software.name 
_pdbx_nmr_software.version 
_pdbx_nmr_software.authors 
1 refinement                  CNS   ? 'Brunger, Adams, Clore, Gros, Nilges and Read' 
2 'structure calculation'     CYANA ? 'Guntert, Mumenthaler and Wuthrich'            
5 'structure calculation'     CNS   ? 'Brunger, Adams, Clore, Gros, Nilges and Read' 
3 'chemical shift assignment' CARA  ? 'Keller and Wuthrich'                          
4 'peak picking'              CARA  ? 'Keller and Wuthrich'                          
# 
loop_
_chem_comp_atom.comp_id 
_chem_comp_atom.atom_id 
_chem_comp_atom.type_symbol 
_chem_comp_atom.pdbx_aromatic_flag 
_chem_comp_atom.pdbx_stereo_config 
_chem_comp_atom.pdbx_ordinal 
ASP N    N N N 1   
ASP CA   C N S 2   
ASP C    C N N 3   
ASP O    O N N 4   
ASP CB   C N N 5   
ASP CG   C N N 6   
ASP OD1  O N N 7   
ASP OD2  O N N 8   
ASP OXT  O N N 9   
ASP H    H N N 10  
ASP H2   H N N 11  
ASP HA   H N N 12  
ASP HB2  H N N 13  
ASP HB3  H N N 14  
ASP HD2  H N N 15  
ASP HXT  H N N 16  
GLY N    N N N 17  
GLY CA   C N N 18  
GLY C    C N N 19  
GLY O    O N N 20  
GLY OXT  O N N 21  
GLY H    H N N 22  
GLY H2   H N N 23  
GLY HA2  H N N 24  
GLY HA3  H N N 25  
GLY HXT  H N N 26  
LEU N    N N N 27  
LEU CA   C N S 28  
LEU C    C N N 29  
LEU O    O N N 30  
LEU CB   C N N 31  
LEU CG   C N N 32  
LEU CD1  C N N 33  
LEU CD2  C N N 34  
LEU OXT  O N N 35  
LEU H    H N N 36  
LEU H2   H N N 37  
LEU HA   H N N 38  
LEU HB2  H N N 39  
LEU HB3  H N N 40  
LEU HG   H N N 41  
LEU HD11 H N N 42  
LEU HD12 H N N 43  
LEU HD13 H N N 44  
LEU HD21 H N N 45  
LEU HD22 H N N 46  
LEU HD23 H N N 47  
LEU HXT  H N N 48  
PRO N    N N N 49  
PRO CA   C N S 50  
PRO C    C N N 51  
PRO O    O N N 52  
PRO CB   C N N 53  
PRO CG   C N N 54  
PRO CD   C N N 55  
PRO OXT  O N N 56  
PRO H    H N N 57  
PRO HA   H N N 58  
PRO HB2  H N N 59  
PRO HB3  H N N 60  
PRO HG2  H N N 61  
PRO HG3  H N N 62  
PRO HD2  H N N 63  
PRO HD3  H N N 64  
PRO HXT  H N N 65  
TYR N    N N N 66  
TYR CA   C N S 67  
TYR C    C N N 68  
TYR O    O N N 69  
TYR CB   C N N 70  
TYR CG   C Y N 71  
TYR CD1  C Y N 72  
TYR CD2  C Y N 73  
TYR CE1  C Y N 74  
TYR CE2  C Y N 75  
TYR CZ   C Y N 76  
TYR OH   O N N 77  
TYR OXT  O N N 78  
TYR H    H N N 79  
TYR H2   H N N 80  
TYR HA   H N N 81  
TYR HB2  H N N 82  
TYR HB3  H N N 83  
TYR HD1  H N N 84  
TYR HD2  H N N 85  
TYR HE1  H N N 86  
TYR HE2  H N N 87  
TYR HH   H N N 88  
TYR HXT  H N N 89  
VAL N    N N N 90  
VAL CA   C N S 91  
VAL C    C N N 92  
VAL O    O N N 93  
VAL CB   C N N 94  
VAL CG1  C N N 95  
VAL CG2  C N N 96  
VAL OXT  O N N 97  
VAL H    H N N 98  
VAL H2   H N N 99  
VAL HA   H N N 100 
VAL HB   H N N 101 
VAL HG11 H N N 102 
VAL HG12 H N N 103 
VAL HG13 H N N 104 
VAL HG21 H N N 105 
VAL HG22 H N N 106 
VAL HG23 H N N 107 
VAL HXT  H N N 108 
# 
loop_
_chem_comp_bond.comp_id 
_chem_comp_bond.atom_id_1 
_chem_comp_bond.atom_id_2 
_chem_comp_bond.value_order 
_chem_comp_bond.pdbx_aromatic_flag 
_chem_comp_bond.pdbx_stereo_config 
_chem_comp_bond.pdbx_ordinal 
ASP N   CA   sing N N 1   
ASP N   H    sing N N 2   
ASP N   H2   sing N N 3   
ASP CA  C    sing N N 4   
ASP CA  CB   sing N N 5   
ASP CA  HA   sing N N 6   
ASP C   O    doub N N 7   
ASP C   OXT  sing N N 8   
ASP CB  CG   sing N N 9   
ASP CB  HB2  sing N N 10  
ASP CB  HB3  sing N N 11  
ASP CG  OD1  doub N N 12  
ASP CG  OD2  sing N N 13  
ASP OD2 HD2  sing N N 14  
ASP OXT HXT  sing N N 15  
GLY N   CA   sing N N 16  
GLY N   H    sing N N 17  
GLY N   H2   sing N N 18  
GLY CA  C    sing N N 19  
GLY CA  HA2  sing N N 20  
GLY CA  HA3  sing N N 21  
GLY C   O    doub N N 22  
GLY C   OXT  sing N N 23  
GLY OXT HXT  sing N N 24  
LEU N   CA   sing N N 25  
LEU N   H    sing N N 26  
LEU N   H2   sing N N 27  
LEU CA  C    sing N N 28  
LEU CA  CB   sing N N 29  
LEU CA  HA   sing N N 30  
LEU C   O    doub N N 31  
LEU C   OXT  sing N N 32  
LEU CB  CG   sing N N 33  
LEU CB  HB2  sing N N 34  
LEU CB  HB3  sing N N 35  
LEU CG  CD1  sing N N 36  
LEU CG  CD2  sing N N 37  
LEU CG  HG   sing N N 38  
LEU CD1 HD11 sing N N 39  
LEU CD1 HD12 sing N N 40  
LEU CD1 HD13 sing N N 41  
LEU CD2 HD21 sing N N 42  
LEU CD2 HD22 sing N N 43  
LEU CD2 HD23 sing N N 44  
LEU OXT HXT  sing N N 45  
PRO N   CA   sing N N 46  
PRO N   CD   sing N N 47  
PRO N   H    sing N N 48  
PRO CA  C    sing N N 49  
PRO CA  CB   sing N N 50  
PRO CA  HA   sing N N 51  
PRO C   O    doub N N 52  
PRO C   OXT  sing N N 53  
PRO CB  CG   sing N N 54  
PRO CB  HB2  sing N N 55  
PRO CB  HB3  sing N N 56  
PRO CG  CD   sing N N 57  
PRO CG  HG2  sing N N 58  
PRO CG  HG3  sing N N 59  
PRO CD  HD2  sing N N 60  
PRO CD  HD3  sing N N 61  
PRO OXT HXT  sing N N 62  
TYR N   CA   sing N N 63  
TYR N   H    sing N N 64  
TYR N   H2   sing N N 65  
TYR CA  C    sing N N 66  
TYR CA  CB   sing N N 67  
TYR CA  HA   sing N N 68  
TYR C   O    doub N N 69  
TYR C   OXT  sing N N 70  
TYR CB  CG   sing N N 71  
TYR CB  HB2  sing N N 72  
TYR CB  HB3  sing N N 73  
TYR CG  CD1  doub Y N 74  
TYR CG  CD2  sing Y N 75  
TYR CD1 CE1  sing Y N 76  
TYR CD1 HD1  sing N N 77  
TYR CD2 CE2  doub Y N 78  
TYR CD2 HD2  sing N N 79  
TYR CE1 CZ   doub Y N 80  
TYR CE1 HE1  sing N N 81  
TYR CE2 CZ   sing Y N 82  
TYR CE2 HE2  sing N N 83  
TYR CZ  OH   sing N N 84  
TYR OH  HH   sing N N 85  
TYR OXT HXT  sing N N 86  
VAL N   CA   sing N N 87  
VAL N   H    sing N N 88  
VAL N   H2   sing N N 89  
VAL CA  C    sing N N 90  
VAL CA  CB   sing N N 91  
VAL CA  HA   sing N N 92  
VAL C   O    doub N N 93  
VAL C   OXT  sing N N 94  
VAL CB  CG1  sing N N 95  
VAL CB  CG2  sing N N 96  
VAL CB  HB   sing N N 97  
VAL CG1 HG11 sing N N 98  
VAL CG1 HG12 sing N N 99  
VAL CG1 HG13 sing N N 100 
VAL CG2 HG21 sing N N 101 
VAL CG2 HG22 sing N N 102 
VAL CG2 HG23 sing N N 103 
VAL OXT HXT  sing N N 104 
# 
_pdbx_audit_support.funding_organization   'Australian Research Council (ARC)' 
_pdbx_audit_support.country                Australia 
_pdbx_audit_support.grant_number           DP190102058 
_pdbx_audit_support.ordinal                1 
# 
_pdbx_nmr_spectrometer.spectrometer_id   1 
_pdbx_nmr_spectrometer.model             'AVANCE III' 
_pdbx_nmr_spectrometer.type              ? 
_pdbx_nmr_spectrometer.manufacturer      Bruker 
_pdbx_nmr_spectrometer.field_strength    900 
_pdbx_nmr_spectrometer.details           ? 
# 
_atom_sites.entry_id                    7M28 
_atom_sites.Cartn_transf_matrix[1][1]   ? 
_atom_sites.Cartn_transf_matrix[1][2]   ? 
_atom_sites.Cartn_transf_matrix[1][3]   ? 
_atom_sites.Cartn_transf_matrix[2][1]   ? 
_atom_sites.Cartn_transf_matrix[2][2]   ? 
_atom_sites.Cartn_transf_matrix[2][3]   ? 
_atom_sites.Cartn_transf_matrix[3][1]   ? 
_atom_sites.Cartn_transf_matrix[3][2]   ? 
_atom_sites.Cartn_transf_matrix[3][3]   ? 
_atom_sites.Cartn_transf_vector[1]      ? 
_atom_sites.Cartn_transf_vector[2]      ? 
_atom_sites.Cartn_transf_vector[3]      ? 
_atom_sites.fract_transf_matrix[1][1]   1.000000 
_atom_sites.fract_transf_matrix[1][2]   0.000000 
_atom_sites.fract_transf_matrix[1][3]   0.000000 
_atom_sites.fract_transf_matrix[2][1]   0.000000 
_atom_sites.fract_transf_matrix[2][2]   1.000000 
_atom_sites.fract_transf_matrix[2][3]   0.000000 
_atom_sites.fract_transf_matrix[3][1]   0.000000 
_atom_sites.fract_transf_matrix[3][2]   0.000000 
_atom_sites.fract_transf_matrix[3][3]   1.000000 
_atom_sites.fract_transf_vector[1]      0.00000 
_atom_sites.fract_transf_vector[2]      0.00000 
_atom_sites.fract_transf_vector[3]      0.00000 
_atom_sites.solution_primary            ? 
_atom_sites.solution_secondary          ? 
_atom_sites.solution_hydrogens          ? 
_atom_sites.special_details             ? 
# 
loop_
_atom_type.symbol 
C 
H 
N 
O 
# 
loop_
_atom_site.group_PDB 
_atom_site.id 
_atom_site.type_symbol 
_atom_site.label_atom_id 
_atom_site.label_alt_id 
_atom_site.label_comp_id 
_atom_site.label_asym_id 
_atom_site.label_entity_id 
_atom_site.label_seq_id 
_atom_site.pdbx_PDB_ins_code 
_atom_site.Cartn_x 
_atom_site.Cartn_y 
_atom_site.Cartn_z 
_atom_site.occupancy 
_atom_site.B_iso_or_equiv 
_atom_site.pdbx_formal_charge 
_atom_site.auth_seq_id 
_atom_site.auth_comp_id 
_atom_site.auth_asym_id 
_atom_site.auth_atom_id 
_atom_site.pdbx_PDB_model_num 
ATOM 1    N N    . GLY A 1 1 ? -1.585 0.292  2.639  1.00 0.00 ? 1 GLY A N    1  
ATOM 2    C CA   . GLY A 1 1 ? -1.148 -0.896 3.322  1.00 0.00 ? 1 GLY A CA   1  
ATOM 3    C C    . GLY A 1 1 ? -0.692 -1.929 2.346  1.00 0.00 ? 1 GLY A C    1  
ATOM 4    O O    . GLY A 1 1 ? 0.316  -2.602 2.560  1.00 0.00 ? 1 GLY A O    1  
ATOM 5    H H1   . GLY A 1 1 ? -1.049 0.653  1.899  1.00 0.00 ? 1 GLY A H1   1  
ATOM 6    H HA2  . GLY A 1 1 ? -0.334 -0.646 3.987  1.00 0.00 ? 1 GLY A HA2  1  
ATOM 7    H HA3  . GLY A 1 1 ? -1.972 -1.294 3.894  1.00 0.00 ? 1 GLY A HA3  1  
ATOM 8    N N    . LEU A 1 2 ? -1.415 -2.024 1.250  1.00 0.00 ? 2 LEU A N    1  
ATOM 9    C CA   . LEU A 1 2 ? -1.089 -2.948 0.171  1.00 0.00 ? 2 LEU A CA   1  
ATOM 10   C C    . LEU A 1 2 ? 0.286  -2.585 -0.393 1.00 0.00 ? 2 LEU A C    1  
ATOM 11   O O    . LEU A 1 2 ? 0.616  -1.413 -0.427 1.00 0.00 ? 2 LEU A O    1  
ATOM 12   C CB   . LEU A 1 2 ? -2.153 -2.856 -0.927 1.00 0.00 ? 2 LEU A CB   1  
ATOM 13   C CG   . LEU A 1 2 ? -3.596 -3.172 -0.510 1.00 0.00 ? 2 LEU A CG   1  
ATOM 14   C CD1  . LEU A 1 2 ? -4.545 -2.963 -1.678 1.00 0.00 ? 2 LEU A CD1  1  
ATOM 15   C CD2  . LEU A 1 2 ? -3.708 -4.599 0.016  1.00 0.00 ? 2 LEU A CD2  1  
ATOM 16   H H    . LEU A 1 2 ? -2.199 -1.441 1.170  1.00 0.00 ? 2 LEU A H    1  
ATOM 17   H HA   . LEU A 1 2 ? -1.066 -3.950 0.573  1.00 0.00 ? 2 LEU A HA   1  
ATOM 18   H HB2  . LEU A 1 2 ? -2.134 -1.853 -1.327 1.00 0.00 ? 2 LEU A HB2  1  
ATOM 19   H HB3  . LEU A 1 2 ? -1.873 -3.541 -1.712 1.00 0.00 ? 2 LEU A HB3  1  
ATOM 20   H HG   . LEU A 1 2 ? -3.889 -2.494 0.279  1.00 0.00 ? 2 LEU A HG   1  
ATOM 21   H HD11 . LEU A 1 2 ? -4.488 -1.938 -2.011 1.00 0.00 ? 2 LEU A HD11 1  
ATOM 22   H HD12 . LEU A 1 2 ? -5.554 -3.184 -1.364 1.00 0.00 ? 2 LEU A HD12 1  
ATOM 23   H HD13 . LEU A 1 2 ? -4.268 -3.621 -2.489 1.00 0.00 ? 2 LEU A HD13 1  
ATOM 24   H HD21 . LEU A 1 2 ? -3.394 -5.291 -0.751 1.00 0.00 ? 2 LEU A HD21 1  
ATOM 25   H HD22 . LEU A 1 2 ? -4.733 -4.802 0.282  1.00 0.00 ? 2 LEU A HD22 1  
ATOM 26   H HD23 . LEU A 1 2 ? -3.082 -4.716 0.888  1.00 0.00 ? 2 LEU A HD23 1  
ATOM 27   N N    . PRO A 1 3 ? 1.098  -3.583 -0.817 1.00 0.00 ? 3 PRO A N    1  
ATOM 28   C CA   . PRO A 1 3 ? 2.480  -3.389 -1.304 1.00 0.00 ? 3 PRO A CA   1  
ATOM 29   C C    . PRO A 1 3 ? 2.771  -2.051 -2.080 1.00 0.00 ? 3 PRO A C    1  
ATOM 30   O O    . PRO A 1 3 ? 3.638  -1.290 -1.644 1.00 0.00 ? 3 PRO A O    1  
ATOM 31   C CB   . PRO A 1 3 ? 2.775  -4.650 -2.148 1.00 0.00 ? 3 PRO A CB   1  
ATOM 32   C CG   . PRO A 1 3 ? 1.576  -5.551 -1.985 1.00 0.00 ? 3 PRO A CG   1  
ATOM 33   C CD   . PRO A 1 3 ? 0.750  -5.009 -0.842 1.00 0.00 ? 3 PRO A CD   1  
ATOM 34   H HA   . PRO A 1 3 ? 3.141  -3.386 -0.449 1.00 0.00 ? 3 PRO A HA   1  
ATOM 35   H HB2  . PRO A 1 3 ? 2.924  -4.369 -3.180 1.00 0.00 ? 3 PRO A HB2  1  
ATOM 36   H HB3  . PRO A 1 3 ? 3.673  -5.124 -1.778 1.00 0.00 ? 3 PRO A HB3  1  
ATOM 37   H HG2  . PRO A 1 3 ? 0.993  -5.550 -2.893 1.00 0.00 ? 3 PRO A HG2  1  
ATOM 38   H HG3  . PRO A 1 3 ? 1.906  -6.556 -1.764 1.00 0.00 ? 3 PRO A HG3  1  
ATOM 39   H HD2  . PRO A 1 3 ? -0.301 -5.147 -1.043 1.00 0.00 ? 3 PRO A HD2  1  
ATOM 40   H HD3  . PRO A 1 3 ? 1.024  -5.490 0.085  1.00 0.00 ? 3 PRO A HD3  1  
ATOM 41   N N    . PRO A 1 4 ? 2.042  -1.705 -3.192 1.00 0.00 ? 4 PRO A N    1  
ATOM 42   C CA   . PRO A 1 4 ? 2.311  -0.482 -3.935 1.00 0.00 ? 4 PRO A CA   1  
ATOM 43   C C    . PRO A 1 4 ? 1.389  0.691  -3.535 1.00 0.00 ? 4 PRO A C    1  
ATOM 44   O O    . PRO A 1 4 ? 1.267  1.678  -4.269 1.00 0.00 ? 4 PRO A O    1  
ATOM 45   C CB   . PRO A 1 4 ? 2.026  -0.916 -5.366 1.00 0.00 ? 4 PRO A CB   1  
ATOM 46   C CG   . PRO A 1 4 ? 0.928  -1.935 -5.256 1.00 0.00 ? 4 PRO A CG   1  
ATOM 47   C CD   . PRO A 1 4 ? 0.939  -2.455 -3.832 1.00 0.00 ? 4 PRO A CD   1  
ATOM 48   H HA   . PRO A 1 4 ? 3.344  -0.182 -3.851 1.00 0.00 ? 4 PRO A HA   1  
ATOM 49   H HB2  . PRO A 1 4 ? 1.717  -0.057 -5.943 1.00 0.00 ? 4 PRO A HB2  1  
ATOM 50   H HB3  . PRO A 1 4 ? 2.919  -1.345 -5.799 1.00 0.00 ? 4 PRO A HB3  1  
ATOM 51   H HG2  . PRO A 1 4 ? -0.022 -1.471 -5.473 1.00 0.00 ? 4 PRO A HG2  1  
ATOM 52   H HG3  . PRO A 1 4 ? 1.110  -2.743 -5.949 1.00 0.00 ? 4 PRO A HG3  1  
ATOM 53   H HD2  . PRO A 1 4 ? 0.000  -2.239 -3.342 1.00 0.00 ? 4 PRO A HD2  1  
ATOM 54   H HD3  . PRO A 1 4 ? 1.134  -3.516 -3.816 1.00 0.00 ? 4 PRO A HD3  1  
ATOM 55   N N    . TYR A 1 5 ? 0.760  0.594  -2.385 1.00 0.00 ? 5 TYR A N    1  
ATOM 56   C CA   . TYR A 1 5 ? -0.143 1.631  -1.912 1.00 0.00 ? 5 TYR A CA   1  
ATOM 57   C C    . TYR A 1 5 ? 0.191  2.024  -0.493 1.00 0.00 ? 5 TYR A C    1  
ATOM 58   O O    . TYR A 1 5 ? 0.564  1.185  0.321  1.00 0.00 ? 5 TYR A O    1  
ATOM 59   C CB   . TYR A 1 5 ? -1.607 1.166  -1.947 1.00 0.00 ? 5 TYR A CB   1  
ATOM 60   C CG   . TYR A 1 5 ? -2.198 0.971  -3.320 1.00 0.00 ? 5 TYR A CG   1  
ATOM 61   C CD1  . TYR A 1 5 ? -2.317 -0.289 -3.884 1.00 0.00 ? 5 TYR A CD1  1  
ATOM 62   C CD2  . TYR A 1 5 ? -2.660 2.054  -4.043 1.00 0.00 ? 5 TYR A CD2  1  
ATOM 63   C CE1  . TYR A 1 5 ? -2.881 -0.455 -5.131 1.00 0.00 ? 5 TYR A CE1  1  
ATOM 64   C CE2  . TYR A 1 5 ? -3.218 1.899  -5.286 1.00 0.00 ? 5 TYR A CE2  1  
ATOM 65   C CZ   . TYR A 1 5 ? -3.330 0.647  -5.828 1.00 0.00 ? 5 TYR A CZ   1  
ATOM 66   O OH   . TYR A 1 5 ? -3.906 0.491  -7.069 1.00 0.00 ? 5 TYR A OH   1  
ATOM 67   H H    . TYR A 1 5 ? 0.917  -0.189 -1.807 1.00 0.00 ? 5 TYR A H    1  
ATOM 68   H HA   . TYR A 1 5 ? -0.039 2.488  -2.559 1.00 0.00 ? 5 TYR A HA   1  
ATOM 69   H HB2  . TYR A 1 5 ? -1.683 0.224  -1.425 1.00 0.00 ? 5 TYR A HB2  1  
ATOM 70   H HB3  . TYR A 1 5 ? -2.209 1.896  -1.425 1.00 0.00 ? 5 TYR A HB3  1  
ATOM 71   H HD1  . TYR A 1 5 ? -1.961 -1.149 -3.336 1.00 0.00 ? 5 TYR A HD1  1  
ATOM 72   H HD2  . TYR A 1 5 ? -2.573 3.041  -3.619 1.00 0.00 ? 5 TYR A HD2  1  
ATOM 73   H HE1  . TYR A 1 5 ? -2.967 -1.445 -5.557 1.00 0.00 ? 5 TYR A HE1  1  
ATOM 74   H HE2  . TYR A 1 5 ? -3.570 2.762  -5.830 1.00 0.00 ? 5 TYR A HE2  1  
ATOM 75   H HH   . TYR A 1 5 ? -3.541 1.161  -7.665 1.00 0.00 ? 5 TYR A HH   1  
ATOM 76   N N    . VAL A 1 6 ? 0.000  3.283  -0.168 1.00 0.00 ? 6 VAL A N    1  
ATOM 77   C CA   . VAL A 1 6 ? 0.236  3.757  1.198  1.00 0.00 ? 6 VAL A CA   1  
ATOM 78   C C    . VAL A 1 6 ? -0.872 3.259  2.130  1.00 0.00 ? 6 VAL A C    1  
ATOM 79   O O    . VAL A 1 6 ? -0.772 3.347  3.347  1.00 0.00 ? 6 VAL A O    1  
ATOM 80   C CB   . VAL A 1 6 ? 0.358  5.305  1.293  1.00 0.00 ? 6 VAL A CB   1  
ATOM 81   C CG1  . VAL A 1 6 ? 1.521  5.804  0.462  1.00 0.00 ? 6 VAL A CG1  1  
ATOM 82   C CG2  . VAL A 1 6 ? -0.928 5.998  0.878  1.00 0.00 ? 6 VAL A CG2  1  
ATOM 83   H H    . VAL A 1 6 ? -0.294 3.916  -0.861 1.00 0.00 ? 6 VAL A H    1  
ATOM 84   H HA   . VAL A 1 6 ? 1.165  3.308  1.512  1.00 0.00 ? 6 VAL A HA   1  
ATOM 85   H HB   . VAL A 1 6 ? 0.564  5.554  2.324  1.00 0.00 ? 6 VAL A HB   1  
ATOM 86   H HG11 . VAL A 1 6 ? 2.440  5.365  0.821  1.00 0.00 ? 6 VAL A HG11 1  
ATOM 87   H HG12 . VAL A 1 6 ? 1.579  6.880  0.538  1.00 0.00 ? 6 VAL A HG12 1  
ATOM 88   H HG13 . VAL A 1 6 ? 1.370  5.526  -0.571 1.00 0.00 ? 6 VAL A HG13 1  
ATOM 89   H HG21 . VAL A 1 6 ? -1.152 5.745  -0.145 1.00 0.00 ? 6 VAL A HG21 1  
ATOM 90   H HG22 . VAL A 1 6 ? -0.802 7.067  0.963  1.00 0.00 ? 6 VAL A HG22 1  
ATOM 91   H HG23 . VAL A 1 6 ? -1.737 5.675  1.516  1.00 0.00 ? 6 VAL A HG23 1  
ATOM 92   N N    . ASP A 1 7 ? -1.917 2.709  1.518  1.00 0.00 ? 7 ASP A N    1  
ATOM 93   C CA   . ASP A 1 7 ? -3.069 2.141  2.218  1.00 0.00 ? 7 ASP A CA   1  
ATOM 94   C C    . ASP A 1 7 ? -2.680 0.911  3.015  1.00 0.00 ? 7 ASP A C    1  
ATOM 95   O O    . ASP A 1 7 ? -3.381 0.520  3.951  1.00 0.00 ? 7 ASP A O    1  
ATOM 96   C CB   . ASP A 1 7 ? -4.174 1.750  1.225  1.00 0.00 ? 7 ASP A CB   1  
ATOM 97   C CG   . ASP A 1 7 ? -4.756 2.917  0.477  1.00 0.00 ? 7 ASP A CG   1  
ATOM 98   O OD1  . ASP A 1 7 ? -4.238 3.265  -0.589 1.00 0.00 ? 7 ASP A OD1  1  
ATOM 99   O OD2  . ASP A 1 7 ? -5.757 3.505  0.944  1.00 0.00 ? 7 ASP A OD2  1  
ATOM 100  H H    . ASP A 1 7 ? -1.911 2.713  0.536  1.00 0.00 ? 7 ASP A H    1  
ATOM 101  H HA   . ASP A 1 7 ? -3.463 2.889  2.890  1.00 0.00 ? 7 ASP A HA   1  
ATOM 102  H HB2  . ASP A 1 7 ? -3.763 1.065  0.499  1.00 0.00 ? 7 ASP A HB2  1  
ATOM 103  H HB3  . ASP A 1 7 ? -4.970 1.253  1.760  1.00 0.00 ? 7 ASP A HB3  1  
ATOM 104  N N    . GLY A 1 1 ? -1.796 0.262  2.674  1.00 0.00 ? 1 GLY A N    2  
ATOM 105  C CA   . GLY A 1 1 ? -1.487 -0.980 3.359  1.00 0.00 ? 1 GLY A CA   2  
ATOM 106  C C    . GLY A 1 1 ? -1.043 -2.068 2.426  1.00 0.00 ? 1 GLY A C    2  
ATOM 107  O O    . GLY A 1 1 ? -0.386 -3.018 2.833  1.00 0.00 ? 1 GLY A O    2  
ATOM 108  H H1   . GLY A 1 1 ? -1.121 0.687  2.100  1.00 0.00 ? 1 GLY A H1   2  
ATOM 109  H HA2  . GLY A 1 1 ? -0.706 -0.801 4.083  1.00 0.00 ? 1 GLY A HA2  2  
ATOM 110  H HA3  . GLY A 1 1 ? -2.373 -1.309 3.878  1.00 0.00 ? 1 GLY A HA3  2  
ATOM 111  N N    . LEU A 1 2 ? -1.414 -1.942 1.192  1.00 0.00 ? 2 LEU A N    2  
ATOM 112  C CA   . LEU A 1 2 ? -1.056 -2.907 0.175  1.00 0.00 ? 2 LEU A CA   2  
ATOM 113  C C    . LEU A 1 2 ? 0.338  -2.584 -0.354 1.00 0.00 ? 2 LEU A C    2  
ATOM 114  O O    . LEU A 1 2 ? 0.728  -1.432 -0.317 1.00 0.00 ? 2 LEU A O    2  
ATOM 115  C CB   . LEU A 1 2 ? -2.094 -2.895 -0.967 1.00 0.00 ? 2 LEU A CB   2  
ATOM 116  C CG   . LEU A 1 2 ? -3.527 -3.364 -0.627 1.00 0.00 ? 2 LEU A CG   2  
ATOM 117  C CD1  . LEU A 1 2 ? -3.520 -4.734 0.024  1.00 0.00 ? 2 LEU A CD1  2  
ATOM 118  C CD2  . LEU A 1 2 ? -4.295 -2.349 0.221  1.00 0.00 ? 2 LEU A CD2  2  
ATOM 119  H H    . LEU A 1 2 ? -1.956 -1.168 0.943  1.00 0.00 ? 2 LEU A H    2  
ATOM 120  H HA   . LEU A 1 2 ? -1.037 -3.883 0.634  1.00 0.00 ? 2 LEU A HA   2  
ATOM 121  H HB2  . LEU A 1 2 ? -2.165 -1.878 -1.321 1.00 0.00 ? 2 LEU A HB2  2  
ATOM 122  H HB3  . LEU A 1 2 ? -1.719 -3.509 -1.772 1.00 0.00 ? 2 LEU A HB3  2  
ATOM 123  H HG   . LEU A 1 2 ? -4.046 -3.477 -1.566 1.00 0.00 ? 2 LEU A HG   2  
ATOM 124  H HD11 . LEU A 1 2 ? -3.054 -5.449 -0.639 1.00 0.00 ? 2 LEU A HD11 2  
ATOM 125  H HD12 . LEU A 1 2 ? -4.537 -5.039 0.219  1.00 0.00 ? 2 LEU A HD12 2  
ATOM 126  H HD13 . LEU A 1 2 ? -2.975 -4.695 0.956  1.00 0.00 ? 2 LEU A HD13 2  
ATOM 127  H HD21 . LEU A 1 2 ? -5.280 -2.733 0.440  1.00 0.00 ? 2 LEU A HD21 2  
ATOM 128  H HD22 . LEU A 1 2 ? -4.384 -1.418 -0.321 1.00 0.00 ? 2 LEU A HD22 2  
ATOM 129  H HD23 . LEU A 1 2 ? -3.761 -2.178 1.144  1.00 0.00 ? 2 LEU A HD23 2  
ATOM 130  N N    . PRO A 1 3 ? 1.105  -3.592 -0.829 1.00 0.00 ? 3 PRO A N    2  
ATOM 131  C CA   . PRO A 1 3 ? 2.483  -3.420 -1.331 1.00 0.00 ? 3 PRO A CA   2  
ATOM 132  C C    . PRO A 1 3 ? 2.780  -2.085 -2.113 1.00 0.00 ? 3 PRO A C    2  
ATOM 133  O O    . PRO A 1 3 ? 3.690  -1.347 -1.722 1.00 0.00 ? 3 PRO A O    2  
ATOM 134  C CB   . PRO A 1 3 ? 2.740  -4.683 -2.191 1.00 0.00 ? 3 PRO A CB   2  
ATOM 135  C CG   . PRO A 1 3 ? 1.510  -5.542 -2.050 1.00 0.00 ? 3 PRO A CG   2  
ATOM 136  C CD   . PRO A 1 3 ? 0.720  -5.007 -0.881 1.00 0.00 ? 3 PRO A CD   2  
ATOM 137  H HA   . PRO A 1 3 ? 3.158  -3.435 -0.489 1.00 0.00 ? 3 PRO A HA   2  
ATOM 138  H HB2  . PRO A 1 3 ? 2.909  -4.394 -3.219 1.00 0.00 ? 3 PRO A HB2  2  
ATOM 139  H HB3  . PRO A 1 3 ? 3.616  -5.194 -1.817 1.00 0.00 ? 3 PRO A HB3  2  
ATOM 140  H HG2  . PRO A 1 3 ? 0.919  -5.496 -2.951 1.00 0.00 ? 3 PRO A HG2  2  
ATOM 141  H HG3  . PRO A 1 3 ? 1.805  -6.563 -1.862 1.00 0.00 ? 3 PRO A HG3  2  
ATOM 142  H HD2  . PRO A 1 3 ? -0.339 -5.115 -1.061 1.00 0.00 ? 3 PRO A HD2  2  
ATOM 143  H HD3  . PRO A 1 3 ? 1.001  -5.516 0.029  1.00 0.00 ? 3 PRO A HD3  2  
ATOM 144  N N    . PRO A 1 4 ? 2.022  -1.720 -3.193 1.00 0.00 ? 4 PRO A N    2  
ATOM 145  C CA   . PRO A 1 4 ? 2.288  -0.502 -3.939 1.00 0.00 ? 4 PRO A CA   2  
ATOM 146  C C    . PRO A 1 4 ? 1.449  0.708  -3.476 1.00 0.00 ? 4 PRO A C    2  
ATOM 147  O O    . PRO A 1 4 ? 1.478  1.765  -4.110 1.00 0.00 ? 4 PRO A O    2  
ATOM 148  C CB   . PRO A 1 4 ? 1.896  -0.887 -5.375 1.00 0.00 ? 4 PRO A CB   2  
ATOM 149  C CG   . PRO A 1 4 ? 1.105  -2.167 -5.271 1.00 0.00 ? 4 PRO A CG   2  
ATOM 150  C CD   . PRO A 1 4 ? 0.913  -2.449 -3.807 1.00 0.00 ? 4 PRO A CD   2  
ATOM 151  H HA   . PRO A 1 4 ? 3.335  -0.244 -3.919 1.00 0.00 ? 4 PRO A HA   2  
ATOM 152  H HB2  . PRO A 1 4 ? 1.302  -0.093 -5.803 1.00 0.00 ? 4 PRO A HB2  2  
ATOM 153  H HB3  . PRO A 1 4 ? 2.790  -1.025 -5.967 1.00 0.00 ? 4 PRO A HB3  2  
ATOM 154  H HG2  . PRO A 1 4 ? 0.147  -2.044 -5.753 1.00 0.00 ? 4 PRO A HG2  2  
ATOM 155  H HG3  . PRO A 1 4 ? 1.653  -2.971 -5.740 1.00 0.00 ? 4 PRO A HG3  2  
ATOM 156  H HD2  . PRO A 1 4 ? -0.034 -2.065 -3.465 1.00 0.00 ? 4 PRO A HD2  2  
ATOM 157  H HD3  . PRO A 1 4 ? 0.990  -3.506 -3.606 1.00 0.00 ? 4 PRO A HD3  2  
ATOM 158  N N    . TYR A 1 5 ? 0.735  0.581  -2.370 1.00 0.00 ? 5 TYR A N    2  
ATOM 159  C CA   . TYR A 1 5 ? -0.144 1.657  -1.929 1.00 0.00 ? 5 TYR A CA   2  
ATOM 160  C C    . TYR A 1 5 ? 0.093  1.980  -0.458 1.00 0.00 ? 5 TYR A C    2  
ATOM 161  O O    . TYR A 1 5 ? 0.331  1.091  0.346  1.00 0.00 ? 5 TYR A O    2  
ATOM 162  C CB   . TYR A 1 5 ? -1.626 1.274  -2.143 1.00 0.00 ? 5 TYR A CB   2  
ATOM 163  C CG   . TYR A 1 5 ? -1.990 0.899  -3.576 1.00 0.00 ? 5 TYR A CG   2  
ATOM 164  C CD1  . TYR A 1 5 ? -2.233 1.870  -4.537 1.00 0.00 ? 5 TYR A CD1  2  
ATOM 165  C CD2  . TYR A 1 5 ? -2.095 -0.431 -3.958 1.00 0.00 ? 5 TYR A CD2  2  
ATOM 166  C CE1  . TYR A 1 5 ? -2.569 1.524  -5.836 1.00 0.00 ? 5 TYR A CE1  2  
ATOM 167  C CE2  . TYR A 1 5 ? -2.427 -0.784 -5.250 1.00 0.00 ? 5 TYR A CE2  2  
ATOM 168  C CZ   . TYR A 1 5 ? -2.661 0.194  -6.183 1.00 0.00 ? 5 TYR A CZ   2  
ATOM 169  O OH   . TYR A 1 5 ? -3.001 -0.166 -7.478 1.00 0.00 ? 5 TYR A OH   2  
ATOM 170  H H    . TYR A 1 5 ? 0.820  -0.233 -1.823 1.00 0.00 ? 5 TYR A H    2  
ATOM 171  H HA   . TYR A 1 5 ? 0.076  2.531  -2.522 1.00 0.00 ? 5 TYR A HA   2  
ATOM 172  H HB2  . TYR A 1 5 ? -1.861 0.428  -1.515 1.00 0.00 ? 5 TYR A HB2  2  
ATOM 173  H HB3  . TYR A 1 5 ? -2.245 2.108  -1.848 1.00 0.00 ? 5 TYR A HB3  2  
ATOM 174  H HD1  . TYR A 1 5 ? -2.158 2.912  -4.263 1.00 0.00 ? 5 TYR A HD1  2  
ATOM 175  H HD2  . TYR A 1 5 ? -1.913 -1.204 -3.226 1.00 0.00 ? 5 TYR A HD2  2  
ATOM 176  H HE1  . TYR A 1 5 ? -2.755 2.294  -6.571 1.00 0.00 ? 5 TYR A HE1  2  
ATOM 177  H HE2  . TYR A 1 5 ? -2.500 -1.826 -5.524 1.00 0.00 ? 5 TYR A HE2  2  
ATOM 178  H HH   . TYR A 1 5 ? -2.476 0.364  -8.096 1.00 0.00 ? 5 TYR A HH   2  
ATOM 179  N N    . VAL A 1 6 ? -0.032 3.242  -0.090 1.00 0.00 ? 6 VAL A N    2  
ATOM 180  C CA   . VAL A 1 6 ? 0.184  3.670  1.305  1.00 0.00 ? 6 VAL A CA   2  
ATOM 181  C C    . VAL A 1 6 ? -0.961 3.138  2.191  1.00 0.00 ? 6 VAL A C    2  
ATOM 182  O O    . VAL A 1 6 ? -0.847 3.049  3.422  1.00 0.00 ? 6 VAL A O    2  
ATOM 183  C CB   . VAL A 1 6 ? 0.275  5.230  1.416  1.00 0.00 ? 6 VAL A CB   2  
ATOM 184  C CG1  . VAL A 1 6 ? 0.611  5.683  2.835  1.00 0.00 ? 6 VAL A CG1  2  
ATOM 185  C CG2  . VAL A 1 6 ? 1.297  5.775  0.437  1.00 0.00 ? 6 VAL A CG2  2  
ATOM 186  H H    . VAL A 1 6 ? -0.283 3.925  -0.750 1.00 0.00 ? 6 VAL A H    2  
ATOM 187  H HA   . VAL A 1 6 ? 1.111  3.230  1.642  1.00 0.00 ? 6 VAL A HA   2  
ATOM 188  H HB   . VAL A 1 6 ? -0.690 5.642  1.162  1.00 0.00 ? 6 VAL A HB   2  
ATOM 189  H HG11 . VAL A 1 6 ? -0.154 5.337  3.514  1.00 0.00 ? 6 VAL A HG11 2  
ATOM 190  H HG12 . VAL A 1 6 ? 0.659  6.762  2.867  1.00 0.00 ? 6 VAL A HG12 2  
ATOM 191  H HG13 . VAL A 1 6 ? 1.565  5.273  3.128  1.00 0.00 ? 6 VAL A HG13 2  
ATOM 192  H HG21 . VAL A 1 6 ? 2.266  5.348  0.650  1.00 0.00 ? 6 VAL A HG21 2  
ATOM 193  H HG22 . VAL A 1 6 ? 1.349  6.849  0.532  1.00 0.00 ? 6 VAL A HG22 2  
ATOM 194  H HG23 . VAL A 1 6 ? 1.002  5.513  -0.568 1.00 0.00 ? 6 VAL A HG23 2  
ATOM 195  N N    . ASP A 1 7 ? -2.029 2.718  1.532  1.00 0.00 ? 7 ASP A N    2  
ATOM 196  C CA   . ASP A 1 7 ? -3.226 2.179  2.175  1.00 0.00 ? 7 ASP A CA   2  
ATOM 197  C C    . ASP A 1 7 ? -2.984 0.826  2.834  1.00 0.00 ? 7 ASP A C    2  
ATOM 198  O O    . ASP A 1 7 ? -3.886 0.280  3.456  1.00 0.00 ? 7 ASP A O    2  
ATOM 199  C CB   . ASP A 1 7 ? -4.381 2.056  1.178  1.00 0.00 ? 7 ASP A CB   2  
ATOM 200  C CG   . ASP A 1 7 ? -4.799 3.380  0.607  1.00 0.00 ? 7 ASP A CG   2  
ATOM 201  O OD1  . ASP A 1 7 ? -5.570 4.109  1.256  1.00 0.00 ? 7 ASP A OD1  2  
ATOM 202  O OD2  . ASP A 1 7 ? -4.350 3.724  -0.504 1.00 0.00 ? 7 ASP A OD2  2  
ATOM 203  H H    . ASP A 1 7 ? -2.010 2.807  0.557  1.00 0.00 ? 7 ASP A H    2  
ATOM 204  H HA   . ASP A 1 7 ? -3.520 2.880  2.941  1.00 0.00 ? 7 ASP A HA   2  
ATOM 205  H HB2  . ASP A 1 7 ? -4.077 1.418  0.361  1.00 0.00 ? 7 ASP A HB2  2  
ATOM 206  H HB3  . ASP A 1 7 ? -5.231 1.611  1.676  1.00 0.00 ? 7 ASP A HB3  2  
ATOM 207  N N    . GLY A 1 1 ? -1.625 0.041  2.667  1.00 0.00 ? 1 GLY A N    3  
ATOM 208  C CA   . GLY A 1 1 ? -1.108 -1.111 3.372  1.00 0.00 ? 1 GLY A CA   3  
ATOM 209  C C    . GLY A 1 1 ? -0.677 -2.127 2.372  1.00 0.00 ? 1 GLY A C    3  
ATOM 210  O O    . GLY A 1 1 ? 0.273  -2.893 2.588  1.00 0.00 ? 1 GLY A O    3  
ATOM 211  H H1   . GLY A 1 1 ? -1.142 0.378  1.881  1.00 0.00 ? 1 GLY A H1   3  
ATOM 212  H HA2  . GLY A 1 1 ? -0.265 -0.813 3.979  1.00 0.00 ? 1 GLY A HA2  3  
ATOM 213  H HA3  . GLY A 1 1 ? -1.880 -1.533 3.998  1.00 0.00 ? 1 GLY A HA3  3  
ATOM 214  N N    . LEU A 1 2 ? -1.379 -2.104 1.261  1.00 0.00 ? 2 LEU A N    3  
ATOM 215  C CA   . LEU A 1 2 ? -1.095 -2.916 0.095  1.00 0.00 ? 2 LEU A CA   3  
ATOM 216  C C    . LEU A 1 2 ? 0.316  -2.585 -0.378 1.00 0.00 ? 2 LEU A C    3  
ATOM 217  O O    . LEU A 1 2 ? 0.689  -1.425 -0.350 1.00 0.00 ? 2 LEU A O    3  
ATOM 218  C CB   . LEU A 1 2 ? -2.086 -2.539 -1.011 1.00 0.00 ? 2 LEU A CB   3  
ATOM 219  C CG   . LEU A 1 2 ? -3.570 -2.629 -0.649 1.00 0.00 ? 2 LEU A CG   3  
ATOM 220  C CD1  . LEU A 1 2 ? -4.420 -2.069 -1.768 1.00 0.00 ? 2 LEU A CD1  3  
ATOM 221  C CD2  . LEU A 1 2 ? -3.961 -4.063 -0.356 1.00 0.00 ? 2 LEU A CD2  3  
ATOM 222  H H    . LEU A 1 2 ? -2.156 -1.509 1.247  1.00 0.00 ? 2 LEU A H    3  
ATOM 223  H HA   . LEU A 1 2 ? -1.195 -3.964 0.334  1.00 0.00 ? 2 LEU A HA   3  
ATOM 224  H HB2  . LEU A 1 2 ? -1.874 -1.525 -1.316 1.00 0.00 ? 2 LEU A HB2  3  
ATOM 225  H HB3  . LEU A 1 2 ? -1.907 -3.189 -1.855 1.00 0.00 ? 2 LEU A HB3  3  
ATOM 226  H HG   . LEU A 1 2 ? -3.755 -2.038 0.236  1.00 0.00 ? 2 LEU A HG   3  
ATOM 227  H HD11 . LEU A 1 2 ? -4.182 -1.027 -1.918 1.00 0.00 ? 2 LEU A HD11 3  
ATOM 228  H HD12 . LEU A 1 2 ? -5.466 -2.171 -1.516 1.00 0.00 ? 2 LEU A HD12 3  
ATOM 229  H HD13 . LEU A 1 2 ? -4.210 -2.618 -2.673 1.00 0.00 ? 2 LEU A HD13 3  
ATOM 230  H HD21 . LEU A 1 2 ? -3.769 -4.673 -1.225 1.00 0.00 ? 2 LEU A HD21 3  
ATOM 231  H HD22 . LEU A 1 2 ? -5.014 -4.102 -0.115 1.00 0.00 ? 2 LEU A HD22 3  
ATOM 232  H HD23 . LEU A 1 2 ? -3.386 -4.432 0.480  1.00 0.00 ? 2 LEU A HD23 3  
ATOM 233  N N    . PRO A 1 3 ? 1.107  -3.579 -0.810 1.00 0.00 ? 3 PRO A N    3  
ATOM 234  C CA   . PRO A 1 3 ? 2.501  -3.380 -1.262 1.00 0.00 ? 3 PRO A CA   3  
ATOM 235  C C    . PRO A 1 3 ? 2.774  -2.073 -2.092 1.00 0.00 ? 3 PRO A C    3  
ATOM 236  O O    . PRO A 1 3 ? 3.686  -1.316 -1.736 1.00 0.00 ? 3 PRO A O    3  
ATOM 237  C CB   . PRO A 1 3 ? 2.812  -4.639 -2.064 1.00 0.00 ? 3 PRO A CB   3  
ATOM 238  C CG   . PRO A 1 3 ? 1.936  -5.692 -1.472 1.00 0.00 ? 3 PRO A CG   3  
ATOM 239  C CD   . PRO A 1 3 ? 0.723  -5.002 -0.879 1.00 0.00 ? 3 PRO A CD   3  
ATOM 240  H HA   . PRO A 1 3 ? 3.148  -3.346 -0.398 1.00 0.00 ? 3 PRO A HA   3  
ATOM 241  H HB2  . PRO A 1 3 ? 2.609  -4.478 -3.111 1.00 0.00 ? 3 PRO A HB2  3  
ATOM 242  H HB3  . PRO A 1 3 ? 3.855  -4.891 -1.945 1.00 0.00 ? 3 PRO A HB3  3  
ATOM 243  H HG2  . PRO A 1 3 ? 1.628  -6.383 -2.244 1.00 0.00 ? 3 PRO A HG2  3  
ATOM 244  H HG3  . PRO A 1 3 ? 2.479  -6.219 -0.702 1.00 0.00 ? 3 PRO A HG3  3  
ATOM 245  H HD2  . PRO A 1 3 ? -0.140 -5.131 -1.515 1.00 0.00 ? 3 PRO A HD2  3  
ATOM 246  H HD3  . PRO A 1 3 ? 0.519  -5.390 0.108  1.00 0.00 ? 3 PRO A HD3  3  
ATOM 247  N N    . PRO A 1 4 ? 1.993  -1.739 -3.166 1.00 0.00 ? 4 PRO A N    3  
ATOM 248  C CA   . PRO A 1 4 ? 2.256  -0.547 -3.947 1.00 0.00 ? 4 PRO A CA   3  
ATOM 249  C C    . PRO A 1 4 ? 1.426  0.690  -3.525 1.00 0.00 ? 4 PRO A C    3  
ATOM 250  O O    . PRO A 1 4 ? 1.412  1.693  -4.232 1.00 0.00 ? 4 PRO A O    3  
ATOM 251  C CB   . PRO A 1 4 ? 1.867  -0.992 -5.349 1.00 0.00 ? 4 PRO A CB   3  
ATOM 252  C CG   . PRO A 1 4 ? 0.744  -1.968 -5.152 1.00 0.00 ? 4 PRO A CG   3  
ATOM 253  C CD   . PRO A 1 4 ? 0.842  -2.485 -3.735 1.00 0.00 ? 4 PRO A CD   3  
ATOM 254  H HA   . PRO A 1 4 ? 3.306  -0.300 -3.939 1.00 0.00 ? 4 PRO A HA   3  
ATOM 255  H HB2  . PRO A 1 4 ? 1.551  -0.132 -5.920 1.00 0.00 ? 4 PRO A HB2  3  
ATOM 256  H HB3  . PRO A 1 4 ? 2.713  -1.459 -5.831 1.00 0.00 ? 4 PRO A HB3  3  
ATOM 257  H HG2  . PRO A 1 4 ? -0.200 -1.465 -5.297 1.00 0.00 ? 4 PRO A HG2  3  
ATOM 258  H HG3  . PRO A 1 4 ? 0.841  -2.782 -5.854 1.00 0.00 ? 4 PRO A HG3  3  
ATOM 259  H HD2  . PRO A 1 4 ? -0.065 -2.259 -3.193 1.00 0.00 ? 4 PRO A HD2  3  
ATOM 260  H HD3  . PRO A 1 4 ? 1.024  -3.548 -3.732 1.00 0.00 ? 4 PRO A HD3  3  
ATOM 261  N N    . TYR A 1 5 ? 0.740  0.625  -2.394 1.00 0.00 ? 5 TYR A N    3  
ATOM 262  C CA   . TYR A 1 5 ? -0.081 1.756  -1.946 1.00 0.00 ? 5 TYR A CA   3  
ATOM 263  C C    . TYR A 1 5 ? 0.119  2.025  -0.460 1.00 0.00 ? 5 TYR A C    3  
ATOM 264  O O    . TYR A 1 5 ? 0.403  1.111  0.305  1.00 0.00 ? 5 TYR A O    3  
ATOM 265  C CB   . TYR A 1 5 ? -1.579 1.510  -2.225 1.00 0.00 ? 5 TYR A CB   3  
ATOM 266  C CG   . TYR A 1 5 ? -1.954 1.394  -3.694 1.00 0.00 ? 5 TYR A CG   3  
ATOM 267  C CD1  . TYR A 1 5 ? -2.328 0.177  -4.246 1.00 0.00 ? 5 TYR A CD1  3  
ATOM 268  C CD2  . TYR A 1 5 ? -1.940 2.510  -4.523 1.00 0.00 ? 5 TYR A CD2  3  
ATOM 269  C CE1  . TYR A 1 5 ? -2.675 0.078  -5.580 1.00 0.00 ? 5 TYR A CE1  3  
ATOM 270  C CE2  . TYR A 1 5 ? -2.286 2.418  -5.853 1.00 0.00 ? 5 TYR A CE2  3  
ATOM 271  C CZ   . TYR A 1 5 ? -2.653 1.204  -6.376 1.00 0.00 ? 5 TYR A CZ   3  
ATOM 272  O OH   . TYR A 1 5 ? -3.001 1.113  -7.709 1.00 0.00 ? 5 TYR A OH   3  
ATOM 273  H H    . TYR A 1 5 ? 0.787  -0.180 -1.829 1.00 0.00 ? 5 TYR A H    3  
ATOM 274  H HA   . TYR A 1 5 ? 0.236  2.626  -2.502 1.00 0.00 ? 5 TYR A HA   3  
ATOM 275  H HB2  . TYR A 1 5 ? -1.876 0.592  -1.742 1.00 0.00 ? 5 TYR A HB2  3  
ATOM 276  H HB3  . TYR A 1 5 ? -2.148 2.322  -1.798 1.00 0.00 ? 5 TYR A HB3  3  
ATOM 277  H HD1  . TYR A 1 5 ? -2.344 -0.702 -3.620 1.00 0.00 ? 5 TYR A HD1  3  
ATOM 278  H HD2  . TYR A 1 5 ? -1.651 3.466  -4.116 1.00 0.00 ? 5 TYR A HD2  3  
ATOM 279  H HE1  . TYR A 1 5 ? -2.964 -0.876 -5.995 1.00 0.00 ? 5 TYR A HE1  3  
ATOM 280  H HE2  . TYR A 1 5 ? -2.268 3.299  -6.478 1.00 0.00 ? 5 TYR A HE2  3  
ATOM 281  H HH   . TYR A 1 5 ? -2.337 1.611  -8.206 1.00 0.00 ? 5 TYR A HH   3  
ATOM 282  N N    . VAL A 1 6 ? -0.089 3.261  -0.034 1.00 0.00 ? 6 VAL A N    3  
ATOM 283  C CA   . VAL A 1 6 ? 0.082  3.637  1.383  1.00 0.00 ? 6 VAL A CA   3  
ATOM 284  C C    . VAL A 1 6 ? -1.059 3.077  2.238  1.00 0.00 ? 6 VAL A C    3  
ATOM 285  O O    . VAL A 1 6 ? -1.054 3.186  3.460  1.00 0.00 ? 6 VAL A O    3  
ATOM 286  C CB   . VAL A 1 6 ? 0.195  5.178  1.591  1.00 0.00 ? 6 VAL A CB   3  
ATOM 287  C CG1  . VAL A 1 6 ? 1.364  5.750  0.802  1.00 0.00 ? 6 VAL A CG1  3  
ATOM 288  C CG2  . VAL A 1 6 ? -1.104 5.897  1.231  1.00 0.00 ? 6 VAL A CG2  3  
ATOM 289  H H    . VAL A 1 6 ? -0.360 3.950  -0.681 1.00 0.00 ? 6 VAL A H    3  
ATOM 290  H HA   . VAL A 1 6 ? 0.998  3.171  1.717  1.00 0.00 ? 6 VAL A HA   3  
ATOM 291  H HB   . VAL A 1 6 ? 0.398  5.344  2.637  1.00 0.00 ? 6 VAL A HB   3  
ATOM 292  H HG11 . VAL A 1 6 ? 1.221  5.549  -0.250 1.00 0.00 ? 6 VAL A HG11 3  
ATOM 293  H HG12 . VAL A 1 6 ? 2.283  5.289  1.133  1.00 0.00 ? 6 VAL A HG12 3  
ATOM 294  H HG13 . VAL A 1 6 ? 1.419  6.816  0.959  1.00 0.00 ? 6 VAL A HG13 3  
ATOM 295  H HG21 . VAL A 1 6 ? -0.983 6.958  1.388  1.00 0.00 ? 6 VAL A HG21 3  
ATOM 296  H HG22 . VAL A 1 6 ? -1.901 5.528  1.859  1.00 0.00 ? 6 VAL A HG22 3  
ATOM 297  H HG23 . VAL A 1 6 ? -1.349 5.712  0.198  1.00 0.00 ? 6 VAL A HG23 3  
ATOM 298  N N    . ASP A 1 7 ? -2.026 2.478  1.560  1.00 0.00 ? 7 ASP A N    3  
ATOM 299  C CA   . ASP A 1 7 ? -3.179 1.816  2.176  1.00 0.00 ? 7 ASP A CA   3  
ATOM 300  C C    . ASP A 1 7 ? -2.710 0.667  3.069  1.00 0.00 ? 7 ASP A C    3  
ATOM 301  O O    . ASP A 1 7 ? -3.291 0.394  4.112  1.00 0.00 ? 7 ASP A O    3  
ATOM 302  C CB   . ASP A 1 7 ? -4.085 1.253  1.066  1.00 0.00 ? 7 ASP A CB   3  
ATOM 303  C CG   . ASP A 1 7 ? -5.335 0.562  1.582  1.00 0.00 ? 7 ASP A CG   3  
ATOM 304  O OD1  . ASP A 1 7 ? -6.408 1.196  1.596  1.00 0.00 ? 7 ASP A OD1  3  
ATOM 305  O OD2  . ASP A 1 7 ? -5.277 -0.628 1.948  1.00 0.00 ? 7 ASP A OD2  3  
ATOM 306  H H    . ASP A 1 7 ? -1.950 2.506  0.584  1.00 0.00 ? 7 ASP A H    3  
ATOM 307  H HA   . ASP A 1 7 ? -3.737 2.536  2.755  1.00 0.00 ? 7 ASP A HA   3  
ATOM 308  H HB2  . ASP A 1 7 ? -4.395 2.064  0.424  1.00 0.00 ? 7 ASP A HB2  3  
ATOM 309  H HB3  . ASP A 1 7 ? -3.516 0.544  0.483  1.00 0.00 ? 7 ASP A HB3  3  
ATOM 310  N N    . GLY A 1 1 ? -1.696 0.333  2.677  1.00 0.00 ? 1 GLY A N    4  
ATOM 311  C CA   . GLY A 1 1 ? -1.294 -0.882 3.341  1.00 0.00 ? 1 GLY A CA   4  
ATOM 312  C C    . GLY A 1 1 ? -0.837 -1.936 2.362  1.00 0.00 ? 1 GLY A C    4  
ATOM 313  O O    . GLY A 1 1 ? 0.057  -2.733 2.660  1.00 0.00 ? 1 GLY A O    4  
ATOM 314  H H1   . GLY A 1 1 ? -1.304 0.563  1.808  1.00 0.00 ? 1 GLY A H1   4  
ATOM 315  H HA2  . GLY A 1 1 ? -0.490 -0.656 4.024  1.00 0.00 ? 1 GLY A HA2  4  
ATOM 316  H HA3  . GLY A 1 1 ? -2.130 -1.269 3.905  1.00 0.00 ? 1 GLY A HA3  4  
ATOM 317  N N    . LEU A 1 2 ? -1.459 -1.969 1.201  1.00 0.00 ? 2 LEU A N    4  
ATOM 318  C CA   . LEU A 1 2 ? -1.066 -2.906 0.148  1.00 0.00 ? 2 LEU A CA   4  
ATOM 319  C C    . LEU A 1 2 ? 0.332  -2.561 -0.365 1.00 0.00 ? 2 LEU A C    4  
ATOM 320  O O    . LEU A 1 2 ? 0.719  -1.405 -0.312 1.00 0.00 ? 2 LEU A O    4  
ATOM 321  C CB   . LEU A 1 2 ? -2.083 -2.902 -1.005 1.00 0.00 ? 2 LEU A CB   4  
ATOM 322  C CG   . LEU A 1 2 ? -3.489 -3.399 -0.667 1.00 0.00 ? 2 LEU A CG   4  
ATOM 323  C CD1  . LEU A 1 2 ? -4.378 -3.322 -1.881 1.00 0.00 ? 2 LEU A CD1  4  
ATOM 324  C CD2  . LEU A 1 2 ? -3.445 -4.826 -0.147 1.00 0.00 ? 2 LEU A CD2  4  
ATOM 325  H H    . LEU A 1 2 ? -2.218 -1.362 1.063  1.00 0.00 ? 2 LEU A H    4  
ATOM 326  H HA   . LEU A 1 2 ? -1.029 -3.889 0.591  1.00 0.00 ? 2 LEU A HA   4  
ATOM 327  H HB2  . LEU A 1 2 ? -2.169 -1.889 -1.367 1.00 0.00 ? 2 LEU A HB2  4  
ATOM 328  H HB3  . LEU A 1 2 ? -1.693 -3.514 -1.804 1.00 0.00 ? 2 LEU A HB3  4  
ATOM 329  H HG   . LEU A 1 2 ? -3.917 -2.773 0.099  1.00 0.00 ? 2 LEU A HG   4  
ATOM 330  H HD11 . LEU A 1 2 ? -5.375 -3.643 -1.618 1.00 0.00 ? 2 LEU A HD11 4  
ATOM 331  H HD12 . LEU A 1 2 ? -3.983 -3.978 -2.642 1.00 0.00 ? 2 LEU A HD12 4  
ATOM 332  H HD13 . LEU A 1 2 ? -4.408 -2.311 -2.257 1.00 0.00 ? 2 LEU A HD13 4  
ATOM 333  H HD21 . LEU A 1 2 ? -3.013 -5.471 -0.898 1.00 0.00 ? 2 LEU A HD21 4  
ATOM 334  H HD22 . LEU A 1 2 ? -4.450 -5.155 0.071  1.00 0.00 ? 2 LEU A HD22 4  
ATOM 335  H HD23 . LEU A 1 2 ? -2.851 -4.869 0.752  1.00 0.00 ? 2 LEU A HD23 4  
ATOM 336  N N    . PRO A 1 3 ? 1.112  -3.566 -0.824 1.00 0.00 ? 3 PRO A N    4  
ATOM 337  C CA   . PRO A 1 3 ? 2.492  -3.391 -1.313 1.00 0.00 ? 3 PRO A CA   4  
ATOM 338  C C    . PRO A 1 3 ? 2.782  -2.072 -2.112 1.00 0.00 ? 3 PRO A C    4  
ATOM 339  O O    . PRO A 1 3 ? 3.685  -1.330 -1.727 1.00 0.00 ? 3 PRO A O    4  
ATOM 340  C CB   . PRO A 1 3 ? 2.772  -4.657 -2.145 1.00 0.00 ? 3 PRO A CB   4  
ATOM 341  C CG   . PRO A 1 3 ? 1.551  -5.523 -2.007 1.00 0.00 ? 3 PRO A CG   4  
ATOM 342  C CD   . PRO A 1 3 ? 0.741  -4.982 -0.864 1.00 0.00 ? 3 PRO A CD   4  
ATOM 343  H HA   . PRO A 1 3 ? 3.160  -3.381 -0.465 1.00 0.00 ? 3 PRO A HA   4  
ATOM 344  H HB2  . PRO A 1 3 ? 2.955  -4.387 -3.175 1.00 0.00 ? 3 PRO A HB2  4  
ATOM 345  H HB3  . PRO A 1 3 ? 3.644  -5.155 -1.747 1.00 0.00 ? 3 PRO A HB3  4  
ATOM 346  H HG2  . PRO A 1 3 ? 0.970  -5.493 -2.917 1.00 0.00 ? 3 PRO A HG2  4  
ATOM 347  H HG3  . PRO A 1 3 ? 1.851  -6.540 -1.799 1.00 0.00 ? 3 PRO A HG3  4  
ATOM 348  H HD2  . PRO A 1 3 ? -0.316 -5.101 -1.061 1.00 0.00 ? 3 PRO A HD2  4  
ATOM 349  H HD3  . PRO A 1 3 ? 1.010  -5.476 0.058  1.00 0.00 ? 3 PRO A HD3  4  
ATOM 350  N N    . PRO A 1 4 ? 2.030  -1.719 -3.199 1.00 0.00 ? 4 PRO A N    4  
ATOM 351  C CA   . PRO A 1 4 ? 2.294  -0.498 -3.936 1.00 0.00 ? 4 PRO A CA   4  
ATOM 352  C C    . PRO A 1 4 ? 1.389  0.680  -3.514 1.00 0.00 ? 4 PRO A C    4  
ATOM 353  O O    . PRO A 1 4 ? 1.291  1.682  -4.226 1.00 0.00 ? 4 PRO A O    4  
ATOM 354  C CB   . PRO A 1 4 ? 1.984  -0.921 -5.368 1.00 0.00 ? 4 PRO A CB   4  
ATOM 355  C CG   . PRO A 1 4 ? 0.895  -1.952 -5.249 1.00 0.00 ? 4 PRO A CG   4  
ATOM 356  C CD   . PRO A 1 4 ? 0.920  -2.472 -3.828 1.00 0.00 ? 4 PRO A CD   4  
ATOM 357  H HA   . PRO A 1 4 ? 3.330  -0.204 -3.869 1.00 0.00 ? 4 PRO A HA   4  
ATOM 358  H HB2  . PRO A 1 4 ? 1.660  -0.059 -5.932 1.00 0.00 ? 4 PRO A HB2  4  
ATOM 359  H HB3  . PRO A 1 4 ? 2.871  -1.339 -5.821 1.00 0.00 ? 4 PRO A HB3  4  
ATOM 360  H HG2  . PRO A 1 4 ? -0.060 -1.496 -5.459 1.00 0.00 ? 4 PRO A HG2  4  
ATOM 361  H HG3  . PRO A 1 4 ? 1.078  -2.757 -5.946 1.00 0.00 ? 4 PRO A HG3  4  
ATOM 362  H HD2  . PRO A 1 4 ? -0.014 -2.263 -3.327 1.00 0.00 ? 4 PRO A HD2  4  
ATOM 363  H HD3  . PRO A 1 4 ? 1.121  -3.532 -3.817 1.00 0.00 ? 4 PRO A HD3  4  
ATOM 364  N N    . TYR A 1 5 ? 0.759  0.574  -2.361 1.00 0.00 ? 5 TYR A N    4  
ATOM 365  C CA   . TYR A 1 5 ? -0.152 1.601  -1.888 1.00 0.00 ? 5 TYR A CA   4  
ATOM 366  C C    . TYR A 1 5 ? 0.164  1.999  -0.460 1.00 0.00 ? 5 TYR A C    4  
ATOM 367  O O    . TYR A 1 5 ? 0.434  1.152  0.383  1.00 0.00 ? 5 TYR A O    4  
ATOM 368  C CB   . TYR A 1 5 ? -1.596 1.119  -1.961 1.00 0.00 ? 5 TYR A CB   4  
ATOM 369  C CG   . TYR A 1 5 ? -2.153 0.957  -3.356 1.00 0.00 ? 5 TYR A CG   4  
ATOM 370  C CD1  . TYR A 1 5 ? -2.643 2.051  -4.047 1.00 0.00 ? 5 TYR A CD1  4  
ATOM 371  C CD2  . TYR A 1 5 ? -2.218 -0.287 -3.968 1.00 0.00 ? 5 TYR A CD2  4  
ATOM 372  C CE1  . TYR A 1 5 ? -3.181 1.916  -5.301 1.00 0.00 ? 5 TYR A CE1  4  
ATOM 373  C CE2  . TYR A 1 5 ? -2.751 -0.429 -5.232 1.00 0.00 ? 5 TYR A CE2  4  
ATOM 374  C CZ   . TYR A 1 5 ? -3.233 0.678  -5.890 1.00 0.00 ? 5 TYR A CZ   4  
ATOM 375  O OH   . TYR A 1 5 ? -3.783 0.546  -7.148 1.00 0.00 ? 5 TYR A OH   4  
ATOM 376  H H    . TYR A 1 5 ? 0.926  -0.209 -1.789 1.00 0.00 ? 5 TYR A H    4  
ATOM 377  H HA   . TYR A 1 5 ? -0.047 2.465  -2.527 1.00 0.00 ? 5 TYR A HA   4  
ATOM 378  H HB2  . TYR A 1 5 ? -1.657 0.157  -1.475 1.00 0.00 ? 5 TYR A HB2  4  
ATOM 379  H HB3  . TYR A 1 5 ? -2.227 1.811  -1.424 1.00 0.00 ? 5 TYR A HB3  4  
ATOM 380  H HD1  . TYR A 1 5 ? -2.599 3.026  -3.585 1.00 0.00 ? 5 TYR A HD1  4  
ATOM 381  H HD2  . TYR A 1 5 ? -1.839 -1.152 -3.444 1.00 0.00 ? 5 TYR A HD2  4  
ATOM 382  H HE1  . TYR A 1 5 ? -3.558 2.782  -5.824 1.00 0.00 ? 5 TYR A HE1  4  
ATOM 383  H HE2  . TYR A 1 5 ? -2.793 -1.401 -5.698 1.00 0.00 ? 5 TYR A HE2  4  
ATOM 384  H HH   . TYR A 1 5 ? -3.538 1.344  -7.635 1.00 0.00 ? 5 TYR A HH   4  
ATOM 385  N N    . VAL A 1 6 ? 0.060  3.276  -0.162 1.00 0.00 ? 6 VAL A N    4  
ATOM 386  C CA   . VAL A 1 6 ? 0.365  3.769  1.185  1.00 0.00 ? 6 VAL A CA   4  
ATOM 387  C C    . VAL A 1 6 ? -0.740 3.408  2.179  1.00 0.00 ? 6 VAL A C    4  
ATOM 388  O O    . VAL A 1 6 ? -0.618 3.645  3.384  1.00 0.00 ? 6 VAL A O    4  
ATOM 389  C CB   . VAL A 1 6 ? 0.636  5.296  1.219  1.00 0.00 ? 6 VAL A CB   4  
ATOM 390  C CG1  . VAL A 1 6 ? 1.839  5.641  0.369  1.00 0.00 ? 6 VAL A CG1  4  
ATOM 391  C CG2  . VAL A 1 6 ? -0.582 6.090  0.766  1.00 0.00 ? 6 VAL A CG2  4  
ATOM 392  H H    . VAL A 1 6 ? -0.238 3.907  -0.852 1.00 0.00 ? 6 VAL A H    4  
ATOM 393  H HA   . VAL A 1 6 ? 1.262  3.252  1.494  1.00 0.00 ? 6 VAL A HA   4  
ATOM 394  H HB   . VAL A 1 6 ? 0.866  5.570  2.238  1.00 0.00 ? 6 VAL A HB   4  
ATOM 395  H HG11 . VAL A 1 6 ? 1.647  5.342  -0.650 1.00 0.00 ? 6 VAL A HG11 4  
ATOM 396  H HG12 . VAL A 1 6 ? 2.711  5.124  0.741  1.00 0.00 ? 6 VAL A HG12 4  
ATOM 397  H HG13 . VAL A 1 6 ? 2.008  6.707  0.401  1.00 0.00 ? 6 VAL A HG13 4  
ATOM 398  H HG21 . VAL A 1 6 ? -1.416 5.858  1.412  1.00 0.00 ? 6 VAL A HG21 4  
ATOM 399  H HG22 . VAL A 1 6 ? -0.827 5.829  -0.252 1.00 0.00 ? 6 VAL A HG22 4  
ATOM 400  H HG23 . VAL A 1 6 ? -0.364 7.145  0.827  1.00 0.00 ? 6 VAL A HG23 4  
ATOM 401  N N    . ASP A 1 7 ? -1.823 2.864  1.656  1.00 0.00 ? 7 ASP A N    4  
ATOM 402  C CA   . ASP A 1 7 ? -2.946 2.389  2.455  1.00 0.00 ? 7 ASP A CA   4  
ATOM 403  C C    . ASP A 1 7 ? -2.542 1.158  3.259  1.00 0.00 ? 7 ASP A C    4  
ATOM 404  O O    . ASP A 1 7 ? -2.957 0.988  4.414  1.00 0.00 ? 7 ASP A O    4  
ATOM 405  C CB   . ASP A 1 7 ? -4.125 2.039  1.539  1.00 0.00 ? 7 ASP A CB   4  
ATOM 406  C CG   . ASP A 1 7 ? -5.341 1.532  2.283  1.00 0.00 ? 7 ASP A CG   4  
ATOM 407  O OD1  . ASP A 1 7 ? -6.225 2.344  2.627  1.00 0.00 ? 7 ASP A OD1  4  
ATOM 408  O OD2  . ASP A 1 7 ? -5.454 0.307  2.508  1.00 0.00 ? 7 ASP A OD2  4  
ATOM 409  H H    . ASP A 1 7 ? -1.873 2.807  0.678  1.00 0.00 ? 7 ASP A H    4  
ATOM 410  H HA   . ASP A 1 7 ? -3.247 3.177  3.128  1.00 0.00 ? 7 ASP A HA   4  
ATOM 411  H HB2  . ASP A 1 7 ? -4.420 2.916  0.985  1.00 0.00 ? 7 ASP A HB2  4  
ATOM 412  H HB3  . ASP A 1 7 ? -3.804 1.274  0.848  1.00 0.00 ? 7 ASP A HB3  4  
ATOM 413  N N    . GLY A 1 1 ? -1.709 0.374  2.669  1.00 0.00 ? 1 GLY A N    5  
ATOM 414  C CA   . GLY A 1 1 ? -1.522 -0.933 3.272  1.00 0.00 ? 1 GLY A CA   5  
ATOM 415  C C    . GLY A 1 1 ? -0.929 -1.930 2.312  1.00 0.00 ? 1 GLY A C    5  
ATOM 416  O O    . GLY A 1 1 ? 0.089  -2.564 2.616  1.00 0.00 ? 1 GLY A O    5  
ATOM 417  H H1   . GLY A 1 1 ? -1.237 0.604  1.840  1.00 0.00 ? 1 GLY A H1   5  
ATOM 418  H HA2  . GLY A 1 1 ? -0.865 -0.837 4.124  1.00 0.00 ? 1 GLY A HA2  5  
ATOM 419  H HA3  . GLY A 1 1 ? -2.479 -1.302 3.608  1.00 0.00 ? 1 GLY A HA3  5  
ATOM 420  N N    . LEU A 1 2 ? -1.559 -2.068 1.153  1.00 0.00 ? 2 LEU A N    5  
ATOM 421  C CA   . LEU A 1 2 ? -1.094 -2.983 0.095  1.00 0.00 ? 2 LEU A CA   5  
ATOM 422  C C    . LEU A 1 2 ? 0.307  -2.578 -0.359 1.00 0.00 ? 2 LEU A C    5  
ATOM 423  O O    . LEU A 1 2 ? 0.614  -1.412 -0.351 1.00 0.00 ? 2 LEU A O    5  
ATOM 424  C CB   . LEU A 1 2 ? -2.040 -2.966 -1.131 1.00 0.00 ? 2 LEU A CB   5  
ATOM 425  C CG   . LEU A 1 2 ? -3.461 -3.545 -0.982 1.00 0.00 ? 2 LEU A CG   5  
ATOM 426  C CD1  . LEU A 1 2 ? -4.345 -2.683 -0.093 1.00 0.00 ? 2 LEU A CD1  5  
ATOM 427  C CD2  . LEU A 1 2 ? -4.092 -3.730 -2.353 1.00 0.00 ? 2 LEU A CD2  5  
ATOM 428  H H    . LEU A 1 2 ? -2.371 -1.544 1.008  1.00 0.00 ? 2 LEU A H    5  
ATOM 429  H HA   . LEU A 1 2 ? -1.058 -3.981 0.505  1.00 0.00 ? 2 LEU A HA   5  
ATOM 430  H HB2  . LEU A 1 2 ? -2.150 -1.932 -1.415 1.00 0.00 ? 2 LEU A HB2  5  
ATOM 431  H HB3  . LEU A 1 2 ? -1.544 -3.487 -1.937 1.00 0.00 ? 2 LEU A HB3  5  
ATOM 432  H HG   . LEU A 1 2 ? -3.392 -4.518 -0.520 1.00 0.00 ? 2 LEU A HG   5  
ATOM 433  H HD11 . LEU A 1 2 ? -4.431 -1.693 -0.518 1.00 0.00 ? 2 LEU A HD11 5  
ATOM 434  H HD12 . LEU A 1 2 ? -3.903 -2.616 0.889  1.00 0.00 ? 2 LEU A HD12 5  
ATOM 435  H HD13 . LEU A 1 2 ? -5.326 -3.129 -0.016 1.00 0.00 ? 2 LEU A HD13 5  
ATOM 436  H HD21 . LEU A 1 2 ? -4.146 -2.776 -2.857 1.00 0.00 ? 2 LEU A HD21 5  
ATOM 437  H HD22 . LEU A 1 2 ? -5.087 -4.134 -2.241 1.00 0.00 ? 2 LEU A HD22 5  
ATOM 438  H HD23 . LEU A 1 2 ? -3.493 -4.410 -2.939 1.00 0.00 ? 2 LEU A HD23 5  
ATOM 439  N N    . PRO A 1 3 ? 1.162  -3.534 -0.769 1.00 0.00 ? 3 PRO A N    5  
ATOM 440  C CA   . PRO A 1 3 ? 2.553  -3.256 -1.195 1.00 0.00 ? 3 PRO A CA   5  
ATOM 441  C C    . PRO A 1 3 ? 2.762  -1.979 -2.097 1.00 0.00 ? 3 PRO A C    5  
ATOM 442  O O    . PRO A 1 3 ? 3.634  -1.157 -1.781 1.00 0.00 ? 3 PRO A O    5  
ATOM 443  C CB   . PRO A 1 3 ? 2.986  -4.545 -1.895 1.00 0.00 ? 3 PRO A CB   5  
ATOM 444  C CG   . PRO A 1 3 ? 2.189  -5.612 -1.221 1.00 0.00 ? 3 PRO A CG   5  
ATOM 445  C CD   . PRO A 1 3 ? 0.866  -4.987 -0.838 1.00 0.00 ? 3 PRO A CD   5  
ATOM 446  H HA   . PRO A 1 3 ? 3.163  -3.114 -0.314 1.00 0.00 ? 3 PRO A HA   5  
ATOM 447  H HB2  . PRO A 1 3 ? 2.776  -4.486 -2.952 1.00 0.00 ? 3 PRO A HB2  5  
ATOM 448  H HB3  . PRO A 1 3 ? 4.044  -4.700 -1.746 1.00 0.00 ? 3 PRO A HB3  5  
ATOM 449  H HG2  . PRO A 1 3 ? 2.032  -6.438 -1.900 1.00 0.00 ? 3 PRO A HG2  5  
ATOM 450  H HG3  . PRO A 1 3 ? 2.709  -5.952 -0.338 1.00 0.00 ? 3 PRO A HG3  5  
ATOM 451  H HD2  . PRO A 1 3 ? 0.119  -5.192 -1.589 1.00 0.00 ? 3 PRO A HD2  5  
ATOM 452  H HD3  . PRO A 1 3 ? 0.544  -5.359 0.125  1.00 0.00 ? 3 PRO A HD3  5  
ATOM 453  N N    . PRO A 1 4 ? 1.978  -1.751 -3.201 1.00 0.00 ? 4 PRO A N    5  
ATOM 454  C CA   . PRO A 1 4 ? 2.168  -0.559 -4.036 1.00 0.00 ? 4 PRO A CA   5  
ATOM 455  C C    . PRO A 1 4 ? 1.382  0.674  -3.540 1.00 0.00 ? 4 PRO A C    5  
ATOM 456  O O    . PRO A 1 4 ? 1.352  1.709  -4.210 1.00 0.00 ? 4 PRO A O    5  
ATOM 457  C CB   . PRO A 1 4 ? 1.632  -1.012 -5.392 1.00 0.00 ? 4 PRO A CB   5  
ATOM 458  C CG   . PRO A 1 4 ? 0.531  -1.959 -5.060 1.00 0.00 ? 4 PRO A CG   5  
ATOM 459  C CD   . PRO A 1 4 ? 0.909  -2.621 -3.758 1.00 0.00 ? 4 PRO A CD   5  
ATOM 460  H HA   . PRO A 1 4 ? 3.213  -0.306 -4.131 1.00 0.00 ? 4 PRO A HA   5  
ATOM 461  H HB2  . PRO A 1 4 ? 1.268  -0.155 -5.939 1.00 0.00 ? 4 PRO A HB2  5  
ATOM 462  H HB3  . PRO A 1 4 ? 2.413  -1.499 -5.955 1.00 0.00 ? 4 PRO A HB3  5  
ATOM 463  H HG2  . PRO A 1 4 ? -0.393 -1.414 -4.946 1.00 0.00 ? 4 PRO A HG2  5  
ATOM 464  H HG3  . PRO A 1 4 ? 0.433  -2.698 -5.842 1.00 0.00 ? 4 PRO A HG3  5  
ATOM 465  H HD2  . PRO A 1 4 ? 0.059  -2.654 -3.092 1.00 0.00 ? 4 PRO A HD2  5  
ATOM 466  H HD3  . PRO A 1 4 ? 1.281  -3.617 -3.944 1.00 0.00 ? 4 PRO A HD3  5  
ATOM 467  N N    . TYR A 1 5 ? 0.754  0.572  -2.382 1.00 0.00 ? 5 TYR A N    5  
ATOM 468  C CA   . TYR A 1 5 ? -0.051 1.666  -1.868 1.00 0.00 ? 5 TYR A CA   5  
ATOM 469  C C    . TYR A 1 5 ? 0.316  1.969  -0.424 1.00 0.00 ? 5 TYR A C    5  
ATOM 470  O O    . TYR A 1 5 ? 0.479  1.072  0.381  1.00 0.00 ? 5 TYR A O    5  
ATOM 471  C CB   . TYR A 1 5 ? -1.556 1.339  -1.986 1.00 0.00 ? 5 TYR A CB   5  
ATOM 472  C CG   . TYR A 1 5 ? -2.012 1.072  -3.411 1.00 0.00 ? 5 TYR A CG   5  
ATOM 473  C CD1  . TYR A 1 5 ? -2.057 2.094  -4.339 1.00 0.00 ? 5 TYR A CD1  5  
ATOM 474  C CD2  . TYR A 1 5 ? -2.389 -0.200 -3.827 1.00 0.00 ? 5 TYR A CD2  5  
ATOM 475  C CE1  . TYR A 1 5 ? -2.457 1.866  -5.637 1.00 0.00 ? 5 TYR A CE1  5  
ATOM 476  C CE2  . TYR A 1 5 ? -2.793 -0.436 -5.127 1.00 0.00 ? 5 TYR A CE2  5  
ATOM 477  C CZ   . TYR A 1 5 ? -2.823 0.603  -6.027 1.00 0.00 ? 5 TYR A CZ   5  
ATOM 478  O OH   . TYR A 1 5 ? -3.220 0.379  -7.333 1.00 0.00 ? 5 TYR A OH   5  
ATOM 479  H H    . TYR A 1 5 ? 0.848  -0.240 -1.837 1.00 0.00 ? 5 TYR A H    5  
ATOM 480  H HA   . TYR A 1 5 ? 0.162  2.533  -2.474 1.00 0.00 ? 5 TYR A HA   5  
ATOM 481  H HB2  . TYR A 1 5 ? -1.772 0.462  -1.397 1.00 0.00 ? 5 TYR A HB2  5  
ATOM 482  H HB3  . TYR A 1 5 ? -2.127 2.171  -1.601 1.00 0.00 ? 5 TYR A HB3  5  
ATOM 483  H HD1  . TYR A 1 5 ? -1.767 3.087  -4.029 1.00 0.00 ? 5 TYR A HD1  5  
ATOM 484  H HD2  . TYR A 1 5 ? -2.366 -1.017 -3.123 1.00 0.00 ? 5 TYR A HD2  5  
ATOM 485  H HE1  . TYR A 1 5 ? -2.482 2.681  -6.346 1.00 0.00 ? 5 TYR A HE1  5  
ATOM 486  H HE2  . TYR A 1 5 ? -3.082 -1.432 -5.431 1.00 0.00 ? 5 TYR A HE2  5  
ATOM 487  H HH   . TYR A 1 5 ? -2.648 0.936  -7.880 1.00 0.00 ? 5 TYR A HH   5  
ATOM 488  N N    . VAL A 1 6 ? 0.406  3.232  -0.083 1.00 0.00 ? 6 VAL A N    5  
ATOM 489  C CA   . VAL A 1 6 ? 0.781  3.636  1.281  1.00 0.00 ? 6 VAL A CA   5  
ATOM 490  C C    . VAL A 1 6 ? -0.321 3.285  2.293  1.00 0.00 ? 6 VAL A C    5  
ATOM 491  O O    . VAL A 1 6 ? -0.102 3.276  3.508  1.00 0.00 ? 6 VAL A O    5  
ATOM 492  C CB   . VAL A 1 6 ? 1.130  5.151  1.372  1.00 0.00 ? 6 VAL A CB   5  
ATOM 493  C CG1  . VAL A 1 6 ? 2.281  5.491  0.440  1.00 0.00 ? 6 VAL A CG1  5  
ATOM 494  C CG2  . VAL A 1 6 ? -0.080 6.026  1.069  1.00 0.00 ? 6 VAL A CG2  5  
ATOM 495  H H    . VAL A 1 6 ? 0.232  3.920  -0.763 1.00 0.00 ? 6 VAL A H    5  
ATOM 496  H HA   . VAL A 1 6 ? 1.657  3.061  1.540  1.00 0.00 ? 6 VAL A HA   5  
ATOM 497  H HB   . VAL A 1 6 ? 1.456  5.352  2.382  1.00 0.00 ? 6 VAL A HB   5  
ATOM 498  H HG11 . VAL A 1 6 ? 3.159  4.933  0.732  1.00 0.00 ? 6 VAL A HG11 5  
ATOM 499  H HG12 . VAL A 1 6 ? 2.489  6.550  0.491  1.00 0.00 ? 6 VAL A HG12 5  
ATOM 500  H HG13 . VAL A 1 6 ? 2.010  5.229  -0.571 1.00 0.00 ? 6 VAL A HG13 5  
ATOM 501  H HG21 . VAL A 1 6 ? -0.439 5.815  0.073  1.00 0.00 ? 6 VAL A HG21 5  
ATOM 502  H HG22 . VAL A 1 6 ? 0.199  7.067  1.137  1.00 0.00 ? 6 VAL A HG22 5  
ATOM 503  H HG23 . VAL A 1 6 ? -0.862 5.816  1.783  1.00 0.00 ? 6 VAL A HG23 5  
ATOM 504  N N    . ASP A 1 7 ? -1.490 2.979  1.768  1.00 0.00 ? 7 ASP A N    5  
ATOM 505  C CA   . ASP A 1 7 ? -2.659 2.616  2.554  1.00 0.00 ? 7 ASP A CA   5  
ATOM 506  C C    . ASP A 1 7 ? -2.484 1.273  3.261  1.00 0.00 ? 7 ASP A C    5  
ATOM 507  O O    . ASP A 1 7 ? -3.033 1.061  4.349  1.00 0.00 ? 7 ASP A O    5  
ATOM 508  C CB   . ASP A 1 7 ? -3.907 2.570  1.667  1.00 0.00 ? 7 ASP A CB   5  
ATOM 509  C CG   . ASP A 1 7 ? -4.292 3.912  1.096  1.00 0.00 ? 7 ASP A CG   5  
ATOM 510  O OD1  . ASP A 1 7 ? -3.797 4.284  0.007  1.00 0.00 ? 7 ASP A OD1  5  
ATOM 511  O OD2  . ASP A 1 7 ? -5.115 4.611  1.708  1.00 0.00 ? 7 ASP A OD2  5  
ATOM 512  H H    . ASP A 1 7 ? -1.567 3.025  0.792  1.00 0.00 ? 7 ASP A H    5  
ATOM 513  H HA   . ASP A 1 7 ? -2.805 3.384  3.300  1.00 0.00 ? 7 ASP A HA   5  
ATOM 514  H HB2  . ASP A 1 7 ? -3.732 1.893  0.844  1.00 0.00 ? 7 ASP A HB2  5  
ATOM 515  H HB3  . ASP A 1 7 ? -4.732 2.200  2.256  1.00 0.00 ? 7 ASP A HB3  5  
ATOM 516  N N    . GLY A 1 1 ? -1.688 0.288  2.710  1.00 0.00 ? 1 GLY A N    6  
ATOM 517  C CA   . GLY A 1 1 ? -1.345 -0.951 3.378  1.00 0.00 ? 1 GLY A CA   6  
ATOM 518  C C    . GLY A 1 1 ? -0.911 -2.013 2.406  1.00 0.00 ? 1 GLY A C    6  
ATOM 519  O O    . GLY A 1 1 ? -0.118 -2.885 2.743  1.00 0.00 ? 1 GLY A O    6  
ATOM 520  H H1   . GLY A 1 1 ? -1.222 0.542  1.884  1.00 0.00 ? 1 GLY A H1   6  
ATOM 521  H HA2  . GLY A 1 1 ? -0.540 -0.763 4.074  1.00 0.00 ? 1 GLY A HA2  6  
ATOM 522  H HA3  . GLY A 1 1 ? -2.207 -1.307 3.922  1.00 0.00 ? 1 GLY A HA3  6  
ATOM 523  N N    . LEU A 1 2 ? -1.434 -1.940 1.200  1.00 0.00 ? 2 LEU A N    6  
ATOM 524  C CA   . LEU A 1 2 ? -1.073 -2.879 0.135  1.00 0.00 ? 2 LEU A CA   6  
ATOM 525  C C    . LEU A 1 2 ? 0.361  -2.593 -0.319 1.00 0.00 ? 2 LEU A C    6  
ATOM 526  O O    . LEU A 1 2 ? 0.813  -1.471 -0.179 1.00 0.00 ? 2 LEU A O    6  
ATOM 527  C CB   . LEU A 1 2 ? -2.030 -2.767 -1.079 1.00 0.00 ? 2 LEU A CB   6  
ATOM 528  C CG   . LEU A 1 2 ? -3.508 -3.165 -0.889 1.00 0.00 ? 2 LEU A CG   6  
ATOM 529  C CD1  . LEU A 1 2 ? -4.267 -2.180 -0.013 1.00 0.00 ? 2 LEU A CD1  6  
ATOM 530  C CD2  . LEU A 1 2 ? -4.182 -3.308 -2.238 1.00 0.00 ? 2 LEU A CD2  6  
ATOM 531  H H    . LEU A 1 2 ? -2.089 -1.233 1.026  1.00 0.00 ? 2 LEU A H    6  
ATOM 532  H HA   . LEU A 1 2 ? -1.117 -3.878 0.542  1.00 0.00 ? 2 LEU A HA   6  
ATOM 533  H HB2  . LEU A 1 2 ? -2.018 -1.738 -1.399 1.00 0.00 ? 2 LEU A HB2  6  
ATOM 534  H HB3  . LEU A 1 2 ? -1.620 -3.367 -1.878 1.00 0.00 ? 2 LEU A HB3  6  
ATOM 535  H HG   . LEU A 1 2 ? -3.548 -4.127 -0.401 1.00 0.00 ? 2 LEU A HG   6  
ATOM 536  H HD11 . LEU A 1 2 ? -3.816 -2.145 0.967  1.00 0.00 ? 2 LEU A HD11 6  
ATOM 537  H HD12 . LEU A 1 2 ? -5.297 -2.493 0.073  1.00 0.00 ? 2 LEU A HD12 6  
ATOM 538  H HD13 . LEU A 1 2 ? -4.228 -1.197 -0.461 1.00 0.00 ? 2 LEU A HD13 6  
ATOM 539  H HD21 . LEU A 1 2 ? -4.121 -2.370 -2.770 1.00 0.00 ? 2 LEU A HD21 6  
ATOM 540  H HD22 . LEU A 1 2 ? -5.219 -3.575 -2.099 1.00 0.00 ? 2 LEU A HD22 6  
ATOM 541  H HD23 . LEU A 1 2 ? -3.683 -4.077 -2.809 1.00 0.00 ? 2 LEU A HD23 6  
ATOM 542  N N    . PRO A 1 3 ? 1.094  -3.590 -0.862 1.00 0.00 ? 3 PRO A N    6  
ATOM 543  C CA   . PRO A 1 3 ? 2.492  -3.411 -1.310 1.00 0.00 ? 3 PRO A CA   6  
ATOM 544  C C    . PRO A 1 3 ? 2.793  -2.082 -2.106 1.00 0.00 ? 3 PRO A C    6  
ATOM 545  O O    . PRO A 1 3 ? 3.701  -1.350 -1.717 1.00 0.00 ? 3 PRO A O    6  
ATOM 546  C CB   . PRO A 1 3 ? 2.790  -4.673 -2.131 1.00 0.00 ? 3 PRO A CB   6  
ATOM 547  C CG   . PRO A 1 3 ? 1.881  -5.711 -1.562 1.00 0.00 ? 3 PRO A CG   6  
ATOM 548  C CD   . PRO A 1 3 ? 0.645  -4.992 -1.058 1.00 0.00 ? 3 PRO A CD   6  
ATOM 549  H HA   . PRO A 1 3 ? 3.133  -3.397 -0.440 1.00 0.00 ? 3 PRO A HA   6  
ATOM 550  H HB2  . PRO A 1 3 ? 2.611  -4.499 -3.181 1.00 0.00 ? 3 PRO A HB2  6  
ATOM 551  H HB3  . PRO A 1 3 ? 3.825  -4.951 -1.991 1.00 0.00 ? 3 PRO A HB3  6  
ATOM 552  H HG2  . PRO A 1 3 ? 1.611  -6.419 -2.331 1.00 0.00 ? 3 PRO A HG2  6  
ATOM 553  H HG3  . PRO A 1 3 ? 2.374  -6.219 -0.747 1.00 0.00 ? 3 PRO A HG3  6  
ATOM 554  H HD2  . PRO A 1 3 ? -0.145 -5.042 -1.792 1.00 0.00 ? 3 PRO A HD2  6  
ATOM 555  H HD3  . PRO A 1 3 ? 0.319  -5.424 -0.125 1.00 0.00 ? 3 PRO A HD3  6  
ATOM 556  N N    . PRO A 1 4 ? 2.031  -1.708 -3.186 1.00 0.00 ? 4 PRO A N    6  
ATOM 557  C CA   . PRO A 1 4 ? 2.302  -0.486 -3.924 1.00 0.00 ? 4 PRO A CA   6  
ATOM 558  C C    . PRO A 1 4 ? 1.383  0.686  -3.518 1.00 0.00 ? 4 PRO A C    6  
ATOM 559  O O    . PRO A 1 4 ? 1.260  1.671  -4.247 1.00 0.00 ? 4 PRO A O    6  
ATOM 560  C CB   . PRO A 1 4 ? 2.004  -0.920 -5.356 1.00 0.00 ? 4 PRO A CB   6  
ATOM 561  C CG   . PRO A 1 4 ? 0.875  -1.901 -5.227 1.00 0.00 ? 4 PRO A CG   6  
ATOM 562  C CD   . PRO A 1 4 ? 0.906  -2.431 -3.803 1.00 0.00 ? 4 PRO A CD   6  
ATOM 563  H HA   . PRO A 1 4 ? 3.337  -0.189 -3.849 1.00 0.00 ? 4 PRO A HA   6  
ATOM 564  H HB2  . PRO A 1 4 ? 1.719  -0.058 -5.942 1.00 0.00 ? 4 PRO A HB2  6  
ATOM 565  H HB3  . PRO A 1 4 ? 2.878  -1.385 -5.788 1.00 0.00 ? 4 PRO A HB3  6  
ATOM 566  H HG2  . PRO A 1 4 ? -0.063 -1.401 -5.416 1.00 0.00 ? 4 PRO A HG2  6  
ATOM 567  H HG3  . PRO A 1 4 ? 1.012  -2.707 -5.932 1.00 0.00 ? 4 PRO A HG3  6  
ATOM 568  H HD2  . PRO A 1 4 ? -0.019 -2.203 -3.294 1.00 0.00 ? 4 PRO A HD2  6  
ATOM 569  H HD3  . PRO A 1 4 ? 1.079  -3.496 -3.801 1.00 0.00 ? 4 PRO A HD3  6  
ATOM 570  N N    . TYR A 1 5 ? 0.745  0.583  -2.365 1.00 0.00 ? 5 TYR A N    6  
ATOM 571  C CA   . TYR A 1 5 ? -0.157 1.623  -1.906 1.00 0.00 ? 5 TYR A CA   6  
ATOM 572  C C    . TYR A 1 5 ? 0.143  1.971  -0.461 1.00 0.00 ? 5 TYR A C    6  
ATOM 573  O O    . TYR A 1 5 ? 0.328  1.088  0.365  1.00 0.00 ? 5 TYR A O    6  
ATOM 574  C CB   . TYR A 1 5 ? -1.631 1.187  -2.036 1.00 0.00 ? 5 TYR A CB   6  
ATOM 575  C CG   . TYR A 1 5 ? -2.125 0.962  -3.459 1.00 0.00 ? 5 TYR A CG   6  
ATOM 576  C CD1  . TYR A 1 5 ? -2.222 -0.316 -3.991 1.00 0.00 ? 5 TYR A CD1  6  
ATOM 577  C CD2  . TYR A 1 5 ? -2.508 2.033  -4.258 1.00 0.00 ? 5 TYR A CD2  6  
ATOM 578  C CE1  . TYR A 1 5 ? -2.685 -0.524 -5.275 1.00 0.00 ? 5 TYR A CE1  6  
ATOM 579  C CE2  . TYR A 1 5 ? -2.970 1.833  -5.547 1.00 0.00 ? 5 TYR A CE2  6  
ATOM 580  C CZ   . TYR A 1 5 ? -3.058 0.551  -6.049 1.00 0.00 ? 5 TYR A CZ   6  
ATOM 581  O OH   . TYR A 1 5 ? -3.535 0.341  -7.335 1.00 0.00 ? 5 TYR A OH   6  
ATOM 582  H H    . TYR A 1 5 ? 0.902  -0.194 -1.785 1.00 0.00 ? 5 TYR A H    6  
ATOM 583  H HA   . TYR A 1 5 ? 0.006  2.492  -2.524 1.00 0.00 ? 5 TYR A HA   6  
ATOM 584  H HB2  . TYR A 1 5 ? -1.763 0.262  -1.496 1.00 0.00 ? 5 TYR A HB2  6  
ATOM 585  H HB3  . TYR A 1 5 ? -2.258 1.936  -1.579 1.00 0.00 ? 5 TYR A HB3  6  
ATOM 586  H HD1  . TYR A 1 5 ? -1.930 -1.162 -3.388 1.00 0.00 ? 5 TYR A HD1  6  
ATOM 587  H HD2  . TYR A 1 5 ? -2.437 3.034  -3.864 1.00 0.00 ? 5 TYR A HD2  6  
ATOM 588  H HE1  . TYR A 1 5 ? -2.752 -1.528 -5.667 1.00 0.00 ? 5 TYR A HE1  6  
ATOM 589  H HE2  . TYR A 1 5 ? -3.263 2.678  -6.154 1.00 0.00 ? 5 TYR A HE2  6  
ATOM 590  H HH   . TYR A 1 5 ? -3.103 0.984  -7.912 1.00 0.00 ? 5 TYR A HH   6  
ATOM 591  N N    . VAL A 1 6 ? 0.126  3.249  -0.135 1.00 0.00 ? 6 VAL A N    6  
ATOM 592  C CA   . VAL A 1 6 ? 0.433  3.706  1.232  1.00 0.00 ? 6 VAL A CA   6  
ATOM 593  C C    . VAL A 1 6 ? -0.694 3.357  2.209  1.00 0.00 ? 6 VAL A C    6  
ATOM 594  O O    . VAL A 1 6 ? -0.591 3.594  3.410  1.00 0.00 ? 6 VAL A O    6  
ATOM 595  C CB   . VAL A 1 6 ? 0.733  5.226  1.301  1.00 0.00 ? 6 VAL A CB   6  
ATOM 596  C CG1  . VAL A 1 6 ? 1.943  5.571  0.459  1.00 0.00 ? 6 VAL A CG1  6  
ATOM 597  C CG2  . VAL A 1 6 ? -0.472 6.047  0.869  1.00 0.00 ? 6 VAL A CG2  6  
ATOM 598  H H    . VAL A 1 6 ? -0.100 3.916  -0.820 1.00 0.00 ? 6 VAL A H    6  
ATOM 599  H HA   . VAL A 1 6 ? 1.316  3.166  1.541  1.00 0.00 ? 6 VAL A HA   6  
ATOM 600  H HB   . VAL A 1 6 ? 0.965  5.473  2.325  1.00 0.00 ? 6 VAL A HB   6  
ATOM 601  H HG11 . VAL A 1 6 ? 2.141  6.631  0.530  1.00 0.00 ? 6 VAL A HG11 6  
ATOM 602  H HG12 . VAL A 1 6 ? 1.748  5.310  -0.570 1.00 0.00 ? 6 VAL A HG12 6  
ATOM 603  H HG13 . VAL A 1 6 ? 2.802  5.020  0.813  1.00 0.00 ? 6 VAL A HG13 6  
ATOM 604  H HG21 . VAL A 1 6 ? -0.229 7.098  0.913  1.00 0.00 ? 6 VAL A HG21 6  
ATOM 605  H HG22 . VAL A 1 6 ? -1.303 5.841  1.529  1.00 0.00 ? 6 VAL A HG22 6  
ATOM 606  H HG23 . VAL A 1 6 ? -0.745 5.784  -0.141 1.00 0.00 ? 6 VAL A HG23 6  
ATOM 607  N N    . ASP A 1 7 ? -1.759 2.809  1.669  1.00 0.00 ? 7 ASP A N    6  
ATOM 608  C CA   . ASP A 1 7 ? -2.905 2.364  2.440  1.00 0.00 ? 7 ASP A CA   6  
ATOM 609  C C    . ASP A 1 7 ? -2.578 1.105  3.240  1.00 0.00 ? 7 ASP A C    6  
ATOM 610  O O    . ASP A 1 7 ? -3.096 0.901  4.337  1.00 0.00 ? 7 ASP A O    6  
ATOM 611  C CB   . ASP A 1 7 ? -4.095 2.101  1.514  1.00 0.00 ? 7 ASP A CB   6  
ATOM 612  C CG   . ASP A 1 7 ? -5.315 1.599  2.249  1.00 0.00 ? 7 ASP A CG   6  
ATOM 613  O OD1  . ASP A 1 7 ? -5.646 0.405  2.125  1.00 0.00 ? 7 ASP A OD1  6  
ATOM 614  O OD2  . ASP A 1 7 ? -5.966 2.391  2.955  1.00 0.00 ? 7 ASP A OD2  6  
ATOM 615  H H    . ASP A 1 7 ? -1.776 2.735  0.693  1.00 0.00 ? 7 ASP A H    6  
ATOM 616  H HA   . ASP A 1 7 ? -3.169 3.156  3.122  1.00 0.00 ? 7 ASP A HA   6  
ATOM 617  H HB2  . ASP A 1 7 ? -4.362 3.013  1.003  1.00 0.00 ? 7 ASP A HB2  6  
ATOM 618  H HB3  . ASP A 1 7 ? -3.809 1.359  0.782  1.00 0.00 ? 7 ASP A HB3  6  
ATOM 619  N N    . GLY A 1 1 ? -1.695 0.078  2.925  1.00 0.00 ? 1 GLY A N    7  
ATOM 620  C CA   . GLY A 1 1 ? -1.820 -1.308 3.324  1.00 0.00 ? 1 GLY A CA   7  
ATOM 621  C C    . GLY A 1 1 ? -1.176 -2.254 2.346  1.00 0.00 ? 1 GLY A C    7  
ATOM 622  O O    . GLY A 1 1 ? -0.285 -3.033 2.710  1.00 0.00 ? 1 GLY A O    7  
ATOM 623  H H1   . GLY A 1 1 ? -1.333 0.305  2.036  1.00 0.00 ? 1 GLY A H1   7  
ATOM 624  H HA2  . GLY A 1 1 ? -1.350 -1.435 4.288  1.00 0.00 ? 1 GLY A HA2  7  
ATOM 625  H HA3  . GLY A 1 1 ? -2.868 -1.553 3.411  1.00 0.00 ? 1 GLY A HA3  7  
ATOM 626  N N    . LEU A 1 2 ? -1.603 -2.179 1.111  1.00 0.00 ? 2 LEU A N    7  
ATOM 627  C CA   . LEU A 1 2 ? -1.091 -3.038 0.058  1.00 0.00 ? 2 LEU A CA   7  
ATOM 628  C C    . LEU A 1 2 ? 0.307  -2.588 -0.333 1.00 0.00 ? 2 LEU A C    7  
ATOM 629  O O    . LEU A 1 2 ? 0.592  -1.414 -0.276 1.00 0.00 ? 2 LEU A O    7  
ATOM 630  C CB   . LEU A 1 2 ? -2.011 -2.976 -1.168 1.00 0.00 ? 2 LEU A CB   7  
ATOM 631  C CG   . LEU A 1 2 ? -3.468 -3.376 -0.948 1.00 0.00 ? 2 LEU A CG   7  
ATOM 632  C CD1  . LEU A 1 2 ? -4.248 -3.268 -2.242 1.00 0.00 ? 2 LEU A CD1  7  
ATOM 633  C CD2  . LEU A 1 2 ? -3.566 -4.779 -0.378 1.00 0.00 ? 2 LEU A CD2  7  
ATOM 634  H H    . LEU A 1 2 ? -2.290 -1.515 0.888  1.00 0.00 ? 2 LEU A H    7  
ATOM 635  H HA   . LEU A 1 2 ? -1.056 -4.052 0.423  1.00 0.00 ? 2 LEU A HA   7  
ATOM 636  H HB2  . LEU A 1 2 ? -1.995 -1.962 -1.532 1.00 0.00 ? 2 LEU A HB2  7  
ATOM 637  H HB3  . LEU A 1 2 ? -1.597 -3.620 -1.930 1.00 0.00 ? 2 LEU A HB3  7  
ATOM 638  H HG   . LEU A 1 2 ? -3.914 -2.692 -0.243 1.00 0.00 ? 2 LEU A HG   7  
ATOM 639  H HD11 . LEU A 1 2 ? -4.209 -2.252 -2.606 1.00 0.00 ? 2 LEU A HD11 7  
ATOM 640  H HD12 . LEU A 1 2 ? -5.276 -3.546 -2.065 1.00 0.00 ? 2 LEU A HD12 7  
ATOM 641  H HD13 . LEU A 1 2 ? -3.820 -3.931 -2.980 1.00 0.00 ? 2 LEU A HD13 7  
ATOM 642  H HD21 . LEU A 1 2 ? -4.604 -5.048 -0.259 1.00 0.00 ? 2 LEU A HD21 7  
ATOM 643  H HD22 . LEU A 1 2 ? -3.077 -4.812 0.584  1.00 0.00 ? 2 LEU A HD22 7  
ATOM 644  H HD23 . LEU A 1 2 ? -3.087 -5.473 -1.053 1.00 0.00 ? 2 LEU A HD23 7  
ATOM 645  N N    . PRO A 1 3 ? 1.191  -3.516 -0.733 1.00 0.00 ? 3 PRO A N    7  
ATOM 646  C CA   . PRO A 1 3 ? 2.573  -3.196 -1.143 1.00 0.00 ? 3 PRO A CA   7  
ATOM 647  C C    . PRO A 1 3 ? 2.738  -1.940 -2.074 1.00 0.00 ? 3 PRO A C    7  
ATOM 648  O O    . PRO A 1 3 ? 3.582  -1.084 -1.784 1.00 0.00 ? 3 PRO A O    7  
ATOM 649  C CB   . PRO A 1 3 ? 3.051  -4.477 -1.824 1.00 0.00 ? 3 PRO A CB   7  
ATOM 650  C CG   . PRO A 1 3 ? 2.291  -5.558 -1.139 1.00 0.00 ? 3 PRO A CG   7  
ATOM 651  C CD   . PRO A 1 3 ? 0.942  -4.976 -0.788 1.00 0.00 ? 3 PRO A CD   7  
ATOM 652  H HA   . PRO A 1 3 ? 3.174  -3.021 -0.265 1.00 0.00 ? 3 PRO A HA   7  
ATOM 653  H HB2  . PRO A 1 3 ? 2.832  -4.435 -2.881 1.00 0.00 ? 3 PRO A HB2  7  
ATOM 654  H HB3  . PRO A 1 3 ? 4.115  -4.591 -1.682 1.00 0.00 ? 3 PRO A HB3  7  
ATOM 655  H HG2  . PRO A 1 3 ? 2.177  -6.403 -1.802 1.00 0.00 ? 3 PRO A HG2  7  
ATOM 656  H HG3  . PRO A 1 3 ? 2.812  -5.855 -0.242 1.00 0.00 ? 3 PRO A HG3  7  
ATOM 657  H HD2  . PRO A 1 3 ? 0.216  -5.215 -1.551 1.00 0.00 ? 3 PRO A HD2  7  
ATOM 658  H HD3  . PRO A 1 3 ? 0.616  -5.347 0.172  1.00 0.00 ? 3 PRO A HD3  7  
ATOM 659  N N    . PRO A 1 4 ? 1.937  -1.773 -3.181 1.00 0.00 ? 4 PRO A N    7  
ATOM 660  C CA   . PRO A 1 4 ? 2.092  -0.615 -4.068 1.00 0.00 ? 4 PRO A CA   7  
ATOM 661  C C    . PRO A 1 4 ? 1.347  0.652  -3.589 1.00 0.00 ? 4 PRO A C    7  
ATOM 662  O O    . PRO A 1 4 ? 1.280  1.650  -4.323 1.00 0.00 ? 4 PRO A O    7  
ATOM 663  C CB   . PRO A 1 4 ? 1.480  -1.115 -5.370 1.00 0.00 ? 4 PRO A CB   7  
ATOM 664  C CG   . PRO A 1 4 ? 0.389  -2.020 -4.938 1.00 0.00 ? 4 PRO A CG   7  
ATOM 665  C CD   . PRO A 1 4 ? 0.886  -2.698 -3.695 1.00 0.00 ? 4 PRO A CD   7  
ATOM 666  H HA   . PRO A 1 4 ? 3.132  -0.379 -4.234 1.00 0.00 ? 4 PRO A HA   7  
ATOM 667  H HB2  . PRO A 1 4 ? 1.101  -0.279 -5.938 1.00 0.00 ? 4 PRO A HB2  7  
ATOM 668  H HB3  . PRO A 1 4 ? 2.224  -1.645 -5.945 1.00 0.00 ? 4 PRO A HB3  7  
ATOM 669  H HG2  . PRO A 1 4 ? -0.499 -1.447 -4.723 1.00 0.00 ? 4 PRO A HG2  7  
ATOM 670  H HG3  . PRO A 1 4 ? 0.188  -2.750 -5.707 1.00 0.00 ? 4 PRO A HG3  7  
ATOM 671  H HD2  . PRO A 1 4 ? 0.086  -2.806 -2.979 1.00 0.00 ? 4 PRO A HD2  7  
ATOM 672  H HD3  . PRO A 1 4 ? 1.307  -3.661 -3.942 1.00 0.00 ? 4 PRO A HD3  7  
ATOM 673  N N    . TYR A 1 5 ? 0.783  0.621  -2.390 1.00 0.00 ? 5 TYR A N    7  
ATOM 674  C CA   . TYR A 1 5 ? 0.034  1.761  -1.870 1.00 0.00 ? 5 TYR A CA   7  
ATOM 675  C C    . TYR A 1 5 ? 0.371  1.984  -0.411 1.00 0.00 ? 5 TYR A C    7  
ATOM 676  O O    . TYR A 1 5 ? 0.176  1.086  0.420  1.00 0.00 ? 5 TYR A O    7  
ATOM 677  C CB   . TYR A 1 5 ? -1.486 1.538  -1.995 1.00 0.00 ? 5 TYR A CB   7  
ATOM 678  C CG   . TYR A 1 5 ? -1.994 1.309  -3.405 1.00 0.00 ? 5 TYR A CG   7  
ATOM 679  C CD1  . TYR A 1 5 ? -2.101 2.357  -4.308 1.00 0.00 ? 5 TYR A CD1  7  
ATOM 680  C CD2  . TYR A 1 5 ? -2.377 0.042  -3.824 1.00 0.00 ? 5 TYR A CD2  7  
ATOM 681  C CE1  . TYR A 1 5 ? -2.571 2.144  -5.589 1.00 0.00 ? 5 TYR A CE1  7  
ATOM 682  C CE2  . TYR A 1 5 ? -2.846 -0.178 -5.101 1.00 0.00 ? 5 TYR A CE2  7  
ATOM 683  C CZ   . TYR A 1 5 ? -2.940 0.872  -5.980 1.00 0.00 ? 5 TYR A CZ   7  
ATOM 684  O OH   . TYR A 1 5 ? -3.412 0.651  -7.259 1.00 0.00 ? 5 TYR A OH   7  
ATOM 685  H H    . TYR A 1 5 ? 0.883  -0.173 -1.819 1.00 0.00 ? 5 TYR A H    7  
ATOM 686  H HA   . TYR A 1 5 ? 0.308  2.632  -2.445 1.00 0.00 ? 5 TYR A HA   7  
ATOM 687  H HB2  . TYR A 1 5 ? -1.761 0.675  -1.408 1.00 0.00 ? 5 TYR A HB2  7  
ATOM 688  H HB3  . TYR A 1 5 ? -1.991 2.404  -1.594 1.00 0.00 ? 5 TYR A HB3  7  
ATOM 689  H HD1  . TYR A 1 5 ? -1.808 3.349  -3.999 1.00 0.00 ? 5 TYR A HD1  7  
ATOM 690  H HD2  . TYR A 1 5 ? -2.304 -0.785 -3.135 1.00 0.00 ? 5 TYR A HD2  7  
ATOM 691  H HE1  . TYR A 1 5 ? -2.647 2.975  -6.277 1.00 0.00 ? 5 TYR A HE1  7  
ATOM 692  H HE2  . TYR A 1 5 ? -3.135 -1.173 -5.406 1.00 0.00 ? 5 TYR A HE2  7  
ATOM 693  H HH   . TYR A 1 5 ? -4.226 0.134  -7.166 1.00 0.00 ? 5 TYR A HH   7  
ATOM 694  N N    . VAL A 1 6 ? 0.869  3.158  -0.075 1.00 0.00 ? 6 VAL A N    7  
ATOM 695  C CA   . VAL A 1 6 ? 1.181  3.453  1.312  1.00 0.00 ? 6 VAL A CA   7  
ATOM 696  C C    . VAL A 1 6 ? -0.110 3.673  2.107  1.00 0.00 ? 6 VAL A C    7  
ATOM 697  O O    . VAL A 1 6 ? -0.647 4.788  2.220  1.00 0.00 ? 6 VAL A O    7  
ATOM 698  C CB   . VAL A 1 6 ? 2.235  4.597  1.504  1.00 0.00 ? 6 VAL A CB   7  
ATOM 699  C CG1  . VAL A 1 6 ? 3.582  4.154  0.971  1.00 0.00 ? 6 VAL A CG1  7  
ATOM 700  C CG2  . VAL A 1 6 ? 1.824  5.891  0.819  1.00 0.00 ? 6 VAL A CG2  7  
ATOM 701  H H    . VAL A 1 6 ? 0.994  3.850  -0.759 1.00 0.00 ? 6 VAL A H    7  
ATOM 702  H HA   . VAL A 1 6 ? 1.591  2.528  1.693  1.00 0.00 ? 6 VAL A HA   7  
ATOM 703  H HB   . VAL A 1 6 ? 2.344  4.778  2.563  1.00 0.00 ? 6 VAL A HB   7  
ATOM 704  H HG11 . VAL A 1 6 ? 3.485  3.889  -0.072 1.00 0.00 ? 6 VAL A HG11 7  
ATOM 705  H HG12 . VAL A 1 6 ? 3.927  3.299  1.533  1.00 0.00 ? 6 VAL A HG12 7  
ATOM 706  H HG13 . VAL A 1 6 ? 4.293  4.960  1.071  1.00 0.00 ? 6 VAL A HG13 7  
ATOM 707  H HG21 . VAL A 1 6 ? 1.741  5.723  -0.244 1.00 0.00 ? 6 VAL A HG21 7  
ATOM 708  H HG22 . VAL A 1 6 ? 2.569  6.651  1.007  1.00 0.00 ? 6 VAL A HG22 7  
ATOM 709  H HG23 . VAL A 1 6 ? 0.871  6.213  1.211  1.00 0.00 ? 6 VAL A HG23 7  
ATOM 710  N N    . ASP A 1 7 ? -0.622 2.567  2.581  1.00 0.00 ? 7 ASP A N    7  
ATOM 711  C CA   . ASP A 1 7 ? -1.902 2.455  3.249  1.00 0.00 ? 7 ASP A CA   7  
ATOM 712  C C    . ASP A 1 7 ? -2.055 1.043  3.762  1.00 0.00 ? 7 ASP A C    7  
ATOM 713  O O    . ASP A 1 7 ? -2.452 0.824  4.900  1.00 0.00 ? 7 ASP A O    7  
ATOM 714  C CB   . ASP A 1 7 ? -3.054 2.772  2.270  1.00 0.00 ? 7 ASP A CB   7  
ATOM 715  C CG   . ASP A 1 7 ? -4.421 2.388  2.808  1.00 0.00 ? 7 ASP A CG   7  
ATOM 716  O OD1  . ASP A 1 7 ? -4.931 1.320  2.429  1.00 0.00 ? 7 ASP A OD1  7  
ATOM 717  O OD2  . ASP A 1 7 ? -5.002 3.137  3.611  1.00 0.00 ? 7 ASP A OD2  7  
ATOM 718  H H    . ASP A 1 7 ? -0.085 1.749  2.480  1.00 0.00 ? 7 ASP A H    7  
ATOM 719  H HA   . ASP A 1 7 ? -1.929 3.152  4.073  1.00 0.00 ? 7 ASP A HA   7  
ATOM 720  H HB2  . ASP A 1 7 ? -3.059 3.832  2.065  1.00 0.00 ? 7 ASP A HB2  7  
ATOM 721  H HB3  . ASP A 1 7 ? -2.885 2.237  1.349  1.00 0.00 ? 7 ASP A HB3  7  
ATOM 722  N N    . GLY A 1 1 ? -1.453 0.065  3.025  1.00 0.00 ? 1 GLY A N    8  
ATOM 723  C CA   . GLY A 1 1 ? -1.455 -1.305 3.474  1.00 0.00 ? 1 GLY A CA   8  
ATOM 724  C C    . GLY A 1 1 ? -0.994 -2.262 2.416  1.00 0.00 ? 1 GLY A C    8  
ATOM 725  O O    . GLY A 1 1 ? -0.180 -3.147 2.688  1.00 0.00 ? 1 GLY A O    8  
ATOM 726  H H1   . GLY A 1 1 ? -1.283 0.289  2.081  1.00 0.00 ? 1 GLY A H1   8  
ATOM 727  H HA2  . GLY A 1 1 ? -0.804 -1.394 4.331  1.00 0.00 ? 1 GLY A HA2  8  
ATOM 728  H HA3  . GLY A 1 1 ? -2.457 -1.575 3.771  1.00 0.00 ? 1 GLY A HA3  8  
ATOM 729  N N    . LEU A 1 2 ? -1.523 -2.126 1.222  1.00 0.00 ? 2 LEU A N    8  
ATOM 730  C CA   . LEU A 1 2 ? -1.100 -2.974 0.109  1.00 0.00 ? 2 LEU A CA   8  
ATOM 731  C C    . LEU A 1 2 ? 0.296  -2.567 -0.360 1.00 0.00 ? 2 LEU A C    8  
ATOM 732  O O    . LEU A 1 2 ? 0.629  -1.393 -0.311 1.00 0.00 ? 2 LEU A O    8  
ATOM 733  C CB   . LEU A 1 2 ? -2.113 -2.947 -1.059 1.00 0.00 ? 2 LEU A CB   8  
ATOM 734  C CG   . LEU A 1 2 ? -3.372 -3.841 -0.930 1.00 0.00 ? 2 LEU A CG   8  
ATOM 735  C CD1  . LEU A 1 2 ? -4.246 -3.452 0.250  1.00 0.00 ? 2 LEU A CD1  8  
ATOM 736  C CD2  . LEU A 1 2 ? -4.172 -3.813 -2.222 1.00 0.00 ? 2 LEU A CD2  8  
ATOM 737  H H    . LEU A 1 2 ? -2.217 -1.448 1.068  1.00 0.00 ? 2 LEU A H    8  
ATOM 738  H HA   . LEU A 1 2 ? -1.034 -3.979 0.499  1.00 0.00 ? 2 LEU A HA   8  
ATOM 739  H HB2  . LEU A 1 2 ? -2.452 -1.928 -1.172 1.00 0.00 ? 2 LEU A HB2  8  
ATOM 740  H HB3  . LEU A 1 2 ? -1.589 -3.235 -1.961 1.00 0.00 ? 2 LEU A HB3  8  
ATOM 741  H HG   . LEU A 1 2 ? -3.050 -4.860 -0.769 1.00 0.00 ? 2 LEU A HG   8  
ATOM 742  H HD11 . LEU A 1 2 ? -4.609 -2.445 0.114  1.00 0.00 ? 2 LEU A HD11 8  
ATOM 743  H HD12 . LEU A 1 2 ? -3.662 -3.501 1.157  1.00 0.00 ? 2 LEU A HD12 8  
ATOM 744  H HD13 . LEU A 1 2 ? -5.082 -4.131 0.321  1.00 0.00 ? 2 LEU A HD13 8  
ATOM 745  H HD21 . LEU A 1 2 ? -5.048 -4.435 -2.116 1.00 0.00 ? 2 LEU A HD21 8  
ATOM 746  H HD22 . LEU A 1 2 ? -3.563 -4.184 -3.032 1.00 0.00 ? 2 LEU A HD22 8  
ATOM 747  H HD23 . LEU A 1 2 ? -4.475 -2.799 -2.437 1.00 0.00 ? 2 LEU A HD23 8  
ATOM 748  N N    . PRO A 1 3 ? 1.130  -3.535 -0.806 1.00 0.00 ? 3 PRO A N    8  
ATOM 749  C CA   . PRO A 1 3 ? 2.529  -3.287 -1.223 1.00 0.00 ? 3 PRO A CA   8  
ATOM 750  C C    . PRO A 1 3 ? 2.777  -2.005 -2.096 1.00 0.00 ? 3 PRO A C    8  
ATOM 751  O O    . PRO A 1 3 ? 3.683  -1.230 -1.783 1.00 0.00 ? 3 PRO A O    8  
ATOM 752  C CB   . PRO A 1 3 ? 2.932  -4.569 -1.960 1.00 0.00 ? 3 PRO A CB   8  
ATOM 753  C CG   . PRO A 1 3 ? 2.072  -5.633 -1.369 1.00 0.00 ? 3 PRO A CG   8  
ATOM 754  C CD   . PRO A 1 3 ? 0.787  -4.971 -0.923 1.00 0.00 ? 3 PRO A CD   8  
ATOM 755  H HA   . PRO A 1 3 ? 3.142  -3.189 -0.339 1.00 0.00 ? 3 PRO A HA   8  
ATOM 756  H HB2  . PRO A 1 3 ? 2.768  -4.456 -3.022 1.00 0.00 ? 3 PRO A HB2  8  
ATOM 757  H HB3  . PRO A 1 3 ? 3.978  -4.771 -1.782 1.00 0.00 ? 3 PRO A HB3  8  
ATOM 758  H HG2  . PRO A 1 3 ? 1.861  -6.388 -2.114 1.00 0.00 ? 3 PRO A HG2  8  
ATOM 759  H HG3  . PRO A 1 3 ? 2.573  -6.080 -0.524 1.00 0.00 ? 3 PRO A HG3  8  
ATOM 760  H HD2  . PRO A 1 3 ? 0.011  -5.112 -1.661 1.00 0.00 ? 3 PRO A HD2  8  
ATOM 761  H HD3  . PRO A 1 3 ? 0.476  -5.370 0.032  1.00 0.00 ? 3 PRO A HD3  8  
ATOM 762  N N    . PRO A 1 4 ? 2.001  -1.733 -3.188 1.00 0.00 ? 4 PRO A N    8  
ATOM 763  C CA   . PRO A 1 4 ? 2.213  -0.546 -4.001 1.00 0.00 ? 4 PRO A CA   8  
ATOM 764  C C    . PRO A 1 4 ? 1.361  0.656  -3.558 1.00 0.00 ? 4 PRO A C    8  
ATOM 765  O O    . PRO A 1 4 ? 1.233  1.634  -4.294 1.00 0.00 ? 4 PRO A O    8  
ATOM 766  C CB   . PRO A 1 4 ? 1.781  -1.002 -5.405 1.00 0.00 ? 4 PRO A CB   8  
ATOM 767  C CG   . PRO A 1 4 ? 1.124  -2.343 -5.228 1.00 0.00 ? 4 PRO A CG   8  
ATOM 768  C CD   . PRO A 1 4 ? 0.924  -2.545 -3.759 1.00 0.00 ? 4 PRO A CD   8  
ATOM 769  H HA   . PRO A 1 4 ? 3.255  -0.262 -4.027 1.00 0.00 ? 4 PRO A HA   8  
ATOM 770  H HB2  . PRO A 1 4 ? 1.091  -0.278 -5.814 1.00 0.00 ? 4 PRO A HB2  8  
ATOM 771  H HB3  . PRO A 1 4 ? 2.649  -1.070 -6.042 1.00 0.00 ? 4 PRO A HB3  8  
ATOM 772  H HG2  . PRO A 1 4 ? 0.169  -2.346 -5.733 1.00 0.00 ? 4 PRO A HG2  8  
ATOM 773  H HG3  . PRO A 1 4 ? 1.760  -3.118 -5.633 1.00 0.00 ? 4 PRO A HG3  8  
ATOM 774  H HD2  . PRO A 1 4 ? -0.043 -2.172 -3.458 1.00 0.00 ? 4 PRO A HD2  8  
ATOM 775  H HD3  . PRO A 1 4 ? 1.029  -3.584 -3.489 1.00 0.00 ? 4 PRO A HD3  8  
ATOM 776  N N    . TYR A 1 5 ? 0.784  0.594  -2.371 1.00 0.00 ? 5 TYR A N    8  
ATOM 777  C CA   . TYR A 1 5 ? -0.070 1.675  -1.890 1.00 0.00 ? 5 TYR A CA   8  
ATOM 778  C C    . TYR A 1 5 ? 0.280  2.025  -0.463 1.00 0.00 ? 5 TYR A C    8  
ATOM 779  O O    . TYR A 1 5 ? 0.178  1.164  0.428  1.00 0.00 ? 5 TYR A O    8  
ATOM 780  C CB   . TYR A 1 5 ? -1.554 1.267  -1.956 1.00 0.00 ? 5 TYR A CB   8  
ATOM 781  C CG   . TYR A 1 5 ? -2.032 0.886  -3.332 1.00 0.00 ? 5 TYR A CG   8  
ATOM 782  C CD1  . TYR A 1 5 ? -2.076 -0.440 -3.720 1.00 0.00 ? 5 TYR A CD1  8  
ATOM 783  C CD2  . TYR A 1 5 ? -2.416 1.849  -4.248 1.00 0.00 ? 5 TYR A CD2  8  
ATOM 784  C CE1  . TYR A 1 5 ? -2.484 -0.802 -4.976 1.00 0.00 ? 5 TYR A CE1  8  
ATOM 785  C CE2  . TYR A 1 5 ? -2.836 1.496  -5.512 1.00 0.00 ? 5 TYR A CE2  8  
ATOM 786  C CZ   . TYR A 1 5 ? -2.864 0.166  -5.869 1.00 0.00 ? 5 TYR A CZ   8  
ATOM 787  O OH   . TYR A 1 5 ? -3.268 -0.199 -7.137 1.00 0.00 ? 5 TYR A OH   8  
ATOM 788  H H    . TYR A 1 5 ? 0.931  -0.184 -1.787 1.00 0.00 ? 5 TYR A H    8  
ATOM 789  H HA   . TYR A 1 5 ? 0.083  2.535  -2.524 1.00 0.00 ? 5 TYR A HA   8  
ATOM 790  H HB2  . TYR A 1 5 ? -1.712 0.419  -1.307 1.00 0.00 ? 5 TYR A HB2  8  
ATOM 791  H HB3  . TYR A 1 5 ? -2.157 2.092  -1.606 1.00 0.00 ? 5 TYR A HB3  8  
ATOM 792  H HD1  . TYR A 1 5 ? -1.781 -1.201 -3.014 1.00 0.00 ? 5 TYR A HD1  8  
ATOM 793  H HD2  . TYR A 1 5 ? -2.389 2.889  -3.957 1.00 0.00 ? 5 TYR A HD2  8  
ATOM 794  H HE1  . TYR A 1 5 ? -2.510 -1.843 -5.256 1.00 0.00 ? 5 TYR A HE1  8  
ATOM 795  H HE2  . TYR A 1 5 ? -3.134 2.257  -6.216 1.00 0.00 ? 5 TYR A HE2  8  
ATOM 796  H HH   . TYR A 1 5 ? -3.856 -0.960 -7.039 1.00 0.00 ? 5 TYR A HH   8  
ATOM 797  N N    . VAL A 1 6 ? 0.689  3.271  -0.230 1.00 0.00 ? 6 VAL A N    8  
ATOM 798  C CA   . VAL A 1 6 ? 1.004  3.728  1.124  1.00 0.00 ? 6 VAL A CA   8  
ATOM 799  C C    . VAL A 1 6 ? -0.244 3.793  1.981  1.00 0.00 ? 6 VAL A C    8  
ATOM 800  O O    . VAL A 1 6 ? -0.924 4.819  2.074  1.00 0.00 ? 6 VAL A O    8  
ATOM 801  C CB   . VAL A 1 6 ? 1.822  5.058  1.194  1.00 0.00 ? 6 VAL A CB   8  
ATOM 802  C CG1  . VAL A 1 6 ? 3.271  4.802  0.836  1.00 0.00 ? 6 VAL A CG1  8  
ATOM 803  C CG2  . VAL A 1 6 ? 1.244  6.119  0.261  1.00 0.00 ? 6 VAL A CG2  8  
ATOM 804  H H    . VAL A 1 6 ? 0.743  3.898  -0.981 1.00 0.00 ? 6 VAL A H    8  
ATOM 805  H HA   . VAL A 1 6 ? 1.605  2.931  1.540  1.00 0.00 ? 6 VAL A HA   8  
ATOM 806  H HB   . VAL A 1 6 ? 1.782  5.428  2.207  1.00 0.00 ? 6 VAL A HB   8  
ATOM 807  H HG11 . VAL A 1 6 ? 3.697  4.097  1.537  1.00 0.00 ? 6 VAL A HG11 8  
ATOM 808  H HG12 . VAL A 1 6 ? 3.824  5.728  0.877  1.00 0.00 ? 6 VAL A HG12 8  
ATOM 809  H HG13 . VAL A 1 6 ? 3.329  4.391  -0.160 1.00 0.00 ? 6 VAL A HG13 8  
ATOM 810  H HG21 . VAL A 1 6 ? 1.298  5.768  -0.758 1.00 0.00 ? 6 VAL A HG21 8  
ATOM 811  H HG22 . VAL A 1 6 ? 1.810  7.034  0.359  1.00 0.00 ? 6 VAL A HG22 8  
ATOM 812  H HG23 . VAL A 1 6 ? 0.214  6.303  0.525  1.00 0.00 ? 6 VAL A HG23 8  
ATOM 813  N N    . ASP A 1 7 ? -0.545 2.659  2.553  1.00 0.00 ? 7 ASP A N    8  
ATOM 814  C CA   . ASP A 1 7 ? -1.726 2.425  3.330  1.00 0.00 ? 7 ASP A CA   8  
ATOM 815  C C    . ASP A 1 7 ? -1.655 1.037  3.897  1.00 0.00 ? 7 ASP A C    8  
ATOM 816  O O    . ASP A 1 7 ? -1.725 0.847  5.106  1.00 0.00 ? 7 ASP A O    8  
ATOM 817  C CB   . ASP A 1 7 ? -2.983 2.533  2.455  1.00 0.00 ? 7 ASP A CB   8  
ATOM 818  C CG   . ASP A 1 7 ? -4.247 2.137  3.191  1.00 0.00 ? 7 ASP A CG   8  
ATOM 819  O OD1  . ASP A 1 7 ? -4.682 0.965  3.073  1.00 0.00 ? 7 ASP A OD1  8  
ATOM 820  O OD2  . ASP A 1 7 ? -4.815 2.983  3.920  1.00 0.00 ? 7 ASP A OD2  8  
ATOM 821  H H    . ASP A 1 7 ? 0.086  1.915  2.443  1.00 0.00 ? 7 ASP A H    8  
ATOM 822  H HA   . ASP A 1 7 ? -1.781 3.155  4.121  1.00 0.00 ? 7 ASP A HA   8  
ATOM 823  H HB2  . ASP A 1 7 ? -3.085 3.549  2.107  1.00 0.00 ? 7 ASP A HB2  8  
ATOM 824  H HB3  . ASP A 1 7 ? -2.856 1.889  1.599  1.00 0.00 ? 7 ASP A HB3  8  
ATOM 825  N N    . GLY A 1 1 ? -1.499 0.295  2.767  1.00 0.00 ? 1 GLY A N    9  
ATOM 826  C CA   . GLY A 1 1 ? -1.212 -0.995 3.358  1.00 0.00 ? 1 GLY A CA   9  
ATOM 827  C C    . GLY A 1 1 ? -0.790 -2.016 2.342  1.00 0.00 ? 1 GLY A C    9  
ATOM 828  O O    . GLY A 1 1 ? 0.082  -2.840 2.613  1.00 0.00 ? 1 GLY A O    9  
ATOM 829  H H1   . GLY A 1 1 ? -0.922 0.646  2.055  1.00 0.00 ? 1 GLY A H1   9  
ATOM 830  H HA2  . GLY A 1 1 ? -0.425 -0.881 4.087  1.00 0.00 ? 1 GLY A HA2  9  
ATOM 831  H HA3  . GLY A 1 1 ? -2.102 -1.347 3.859  1.00 0.00 ? 1 GLY A HA3  9  
ATOM 832  N N    . LEU A 1 2 ? -1.420 -1.982 1.181  1.00 0.00 ? 2 LEU A N    9  
ATOM 833  C CA   . LEU A 1 2 ? -1.087 -2.895 0.088  1.00 0.00 ? 2 LEU A CA   9  
ATOM 834  C C    . LEU A 1 2 ? 0.323  -2.574 -0.390 1.00 0.00 ? 2 LEU A C    9  
ATOM 835  O O    . LEU A 1 2 ? 0.693  -1.422 -0.376 1.00 0.00 ? 2 LEU A O    9  
ATOM 836  C CB   . LEU A 1 2 ? -2.072 -2.752 -1.105 1.00 0.00 ? 2 LEU A CB   9  
ATOM 837  C CG   . LEU A 1 2 ? -3.555 -3.142 -0.900 1.00 0.00 ? 2 LEU A CG   9  
ATOM 838  C CD1  . LEU A 1 2 ? -4.291 -2.167 0.012  1.00 0.00 ? 2 LEU A CD1  9  
ATOM 839  C CD2  . LEU A 1 2 ? -4.257 -3.242 -2.241 1.00 0.00 ? 2 LEU A CD2  9  
ATOM 840  H H    . LEU A 1 2 ? -2.126 -1.317 1.057  1.00 0.00 ? 2 LEU A H    9  
ATOM 841  H HA   . LEU A 1 2 ? -1.117 -3.906 0.469  1.00 0.00 ? 2 LEU A HA   9  
ATOM 842  H HB2  . LEU A 1 2 ? -2.059 -1.715 -1.399 1.00 0.00 ? 2 LEU A HB2  9  
ATOM 843  H HB3  . LEU A 1 2 ? -1.682 -3.337 -1.925 1.00 0.00 ? 2 LEU A HB3  9  
ATOM 844  H HG   . LEU A 1 2 ? -3.595 -4.115 -0.434 1.00 0.00 ? 2 LEU A HG   9  
ATOM 845  H HD11 . LEU A 1 2 ? -3.816 -2.157 0.982  1.00 0.00 ? 2 LEU A HD11 9  
ATOM 846  H HD12 . LEU A 1 2 ? -5.320 -2.479 0.116  1.00 0.00 ? 2 LEU A HD12 9  
ATOM 847  H HD13 . LEU A 1 2 ? -4.256 -1.177 -0.416 1.00 0.00 ? 2 LEU A HD13 9  
ATOM 848  H HD21 . LEU A 1 2 ? -5.295 -3.501 -2.084 1.00 0.00 ? 2 LEU A HD21 9  
ATOM 849  H HD22 . LEU A 1 2 ? -3.784 -4.007 -2.840 1.00 0.00 ? 2 LEU A HD22 9  
ATOM 850  H HD23 . LEU A 1 2 ? -4.196 -2.294 -2.753 1.00 0.00 ? 2 LEU A HD23 9  
ATOM 851  N N    . PRO A 1 3 ? 1.120  -3.573 -0.828 1.00 0.00 ? 3 PRO A N    9  
ATOM 852  C CA   . PRO A 1 3 ? 2.522  -3.366 -1.257 1.00 0.00 ? 3 PRO A CA   9  
ATOM 853  C C    . PRO A 1 3 ? 2.799  -2.066 -2.094 1.00 0.00 ? 3 PRO A C    9  
ATOM 854  O O    . PRO A 1 3 ? 3.710  -1.317 -1.751 1.00 0.00 ? 3 PRO A O    9  
ATOM 855  C CB   . PRO A 1 3 ? 2.869  -4.644 -2.025 1.00 0.00 ? 3 PRO A CB   9  
ATOM 856  C CG   . PRO A 1 3 ? 1.996  -5.693 -1.413 1.00 0.00 ? 3 PRO A CG   9  
ATOM 857  C CD   . PRO A 1 3 ? 0.736  -5.000 -0.928 1.00 0.00 ? 3 PRO A CD   9  
ATOM 858  H HA   . PRO A 1 3 ? 3.147  -3.302 -0.378 1.00 0.00 ? 3 PRO A HA   9  
ATOM 859  H HB2  . PRO A 1 3 ? 2.682  -4.518 -3.080 1.00 0.00 ? 3 PRO A HB2  9  
ATOM 860  H HB3  . PRO A 1 3 ? 3.913  -4.877 -1.874 1.00 0.00 ? 3 PRO A HB3  9  
ATOM 861  H HG2  . PRO A 1 3 ? 1.748  -6.439 -2.154 1.00 0.00 ? 3 PRO A HG2  9  
ATOM 862  H HG3  . PRO A 1 3 ? 2.511  -6.154 -0.583 1.00 0.00 ? 3 PRO A HG3  9  
ATOM 863  H HD2  . PRO A 1 3 ? -0.064 -5.128 -1.641 1.00 0.00 ? 3 PRO A HD2  9  
ATOM 864  H HD3  . PRO A 1 3 ? 0.446  -5.387 0.036  1.00 0.00 ? 3 PRO A HD3  9  
ATOM 865  N N    . PRO A 1 4 ? 2.016  -1.741 -3.170 1.00 0.00 ? 4 PRO A N    9  
ATOM 866  C CA   . PRO A 1 4 ? 2.252  -0.527 -3.942 1.00 0.00 ? 4 PRO A CA   9  
ATOM 867  C C    . PRO A 1 4 ? 1.346  0.659  -3.532 1.00 0.00 ? 4 PRO A C    9  
ATOM 868  O O    . PRO A 1 4 ? 1.191  1.616  -4.290 1.00 0.00 ? 4 PRO A O    9  
ATOM 869  C CB   . PRO A 1 4 ? 1.904  -0.985 -5.342 1.00 0.00 ? 4 PRO A CB   9  
ATOM 870  C CG   . PRO A 1 4 ? 0.782  -1.959 -5.159 1.00 0.00 ? 4 PRO A CG   9  
ATOM 871  C CD   . PRO A 1 4 ? 0.904  -2.520 -3.762 1.00 0.00 ? 4 PRO A CD   9  
ATOM 872  H HA   . PRO A 1 4 ? 3.288  -0.225 -3.915 1.00 0.00 ? 4 PRO A HA   9  
ATOM 873  H HB2  . PRO A 1 4 ? 1.598  -0.130 -5.929 1.00 0.00 ? 4 PRO A HB2  9  
ATOM 874  H HB3  . PRO A 1 4 ? 2.762  -1.455 -5.797 1.00 0.00 ? 4 PRO A HB3  9  
ATOM 875  H HG2  . PRO A 1 4 ? -0.162 -1.447 -5.272 1.00 0.00 ? 4 PRO A HG2  9  
ATOM 876  H HG3  . PRO A 1 4 ? 0.863  -2.749 -5.891 1.00 0.00 ? 4 PRO A HG3  9  
ATOM 877  H HD2  . PRO A 1 4 ? -0.012 -2.358 -3.211 1.00 0.00 ? 4 PRO A HD2  9  
ATOM 878  H HD3  . PRO A 1 4 ? 1.137  -3.572 -3.797 1.00 0.00 ? 4 PRO A HD3  9  
ATOM 879  N N    . TYR A 1 5 ? 0.747  0.595  -2.356 1.00 0.00 ? 5 TYR A N    9  
ATOM 880  C CA   . TYR A 1 5 ? -0.130 1.659  -1.886 1.00 0.00 ? 5 TYR A CA   9  
ATOM 881  C C    . TYR A 1 5 ? 0.189  1.985  -0.438 1.00 0.00 ? 5 TYR A C    9  
ATOM 882  O O    . TYR A 1 5 ? 0.331  1.094  0.380  1.00 0.00 ? 5 TYR A O    9  
ATOM 883  C CB   . TYR A 1 5 ? -1.618 1.258  -1.997 1.00 0.00 ? 5 TYR A CB   9  
ATOM 884  C CG   . TYR A 1 5 ? -2.120 0.977  -3.406 1.00 0.00 ? 5 TYR A CG   9  
ATOM 885  C CD1  . TYR A 1 5 ? -2.604 1.999  -4.210 1.00 0.00 ? 5 TYR A CD1  9  
ATOM 886  C CD2  . TYR A 1 5 ? -2.127 -0.309 -3.920 1.00 0.00 ? 5 TYR A CD2  9  
ATOM 887  C CE1  . TYR A 1 5 ? -3.079 1.744  -5.483 1.00 0.00 ? 5 TYR A CE1  9  
ATOM 888  C CE2  . TYR A 1 5 ? -2.593 -0.571 -5.189 1.00 0.00 ? 5 TYR A CE2  9  
ATOM 889  C CZ   . TYR A 1 5 ? -3.069 0.456  -5.966 1.00 0.00 ? 5 TYR A CZ   9  
ATOM 890  O OH   . TYR A 1 5 ? -3.540 0.193  -7.234 1.00 0.00 ? 5 TYR A OH   9  
ATOM 891  H H    . TYR A 1 5 ? 0.913  -0.173 -1.765 1.00 0.00 ? 5 TYR A H    9  
ATOM 892  H HA   . TYR A 1 5 ? 0.048  2.528  -2.499 1.00 0.00 ? 5 TYR A HA   9  
ATOM 893  H HB2  . TYR A 1 5 ? -1.781 0.367  -1.410 1.00 0.00 ? 5 TYR A HB2  9  
ATOM 894  H HB3  . TYR A 1 5 ? -2.219 2.054  -1.581 1.00 0.00 ? 5 TYR A HB3  9  
ATOM 895  H HD1  . TYR A 1 5 ? -2.606 3.010  -3.833 1.00 0.00 ? 5 TYR A HD1  9  
ATOM 896  H HD2  . TYR A 1 5 ? -1.753 -1.120 -3.314 1.00 0.00 ? 5 TYR A HD2  9  
ATOM 897  H HE1  . TYR A 1 5 ? -3.451 2.552  -6.094 1.00 0.00 ? 5 TYR A HE1  9  
ATOM 898  H HE2  . TYR A 1 5 ? -2.585 -1.582 -5.568 1.00 0.00 ? 5 TYR A HE2  9  
ATOM 899  H HH   . TYR A 1 5 ? -3.969 -0.671 -7.201 1.00 0.00 ? 5 TYR A HH   9  
ATOM 900  N N    . VAL A 1 6 ? 0.233  3.257  -0.098 1.00 0.00 ? 6 VAL A N    9  
ATOM 901  C CA   . VAL A 1 6 ? 0.560  3.674  1.276  1.00 0.00 ? 6 VAL A CA   9  
ATOM 902  C C    . VAL A 1 6 ? -0.574 3.366  2.271  1.00 0.00 ? 6 VAL A C    9  
ATOM 903  O O    . VAL A 1 6 ? -0.479 3.658  3.459  1.00 0.00 ? 6 VAL A O    9  
ATOM 904  C CB   . VAL A 1 6 ? 0.963  5.167  1.373  1.00 0.00 ? 6 VAL A CB   9  
ATOM 905  C CG1  . VAL A 1 6 ? 2.215  5.438  0.557  1.00 0.00 ? 6 VAL A CG1  9  
ATOM 906  C CG2  . VAL A 1 6 ? -0.172 6.083  0.930  1.00 0.00 ? 6 VAL A CG2  9  
ATOM 907  H H    . VAL A 1 6 ? 0.058  3.946  -0.779 1.00 0.00 ? 6 VAL A H    9  
ATOM 908  H HA   . VAL A 1 6 ? 1.410  3.073  1.572  1.00 0.00 ? 6 VAL A HA   9  
ATOM 909  H HB   . VAL A 1 6 ? 1.183  5.369  2.410  1.00 0.00 ? 6 VAL A HB   9  
ATOM 910  H HG11 . VAL A 1 6 ? 3.027  4.829  0.927  1.00 0.00 ? 6 VAL A HG11 9  
ATOM 911  H HG12 . VAL A 1 6 ? 2.481  6.480  0.643  1.00 0.00 ? 6 VAL A HG12 9  
ATOM 912  H HG13 . VAL A 1 6 ? 2.028  5.197  -0.480 1.00 0.00 ? 6 VAL A HG13 9  
ATOM 913  H HG21 . VAL A 1 6 ? -0.420 5.880  -0.100 1.00 0.00 ? 6 VAL A HG21 9  
ATOM 914  H HG22 . VAL A 1 6 ? 0.133  7.114  1.033  1.00 0.00 ? 6 VAL A HG22 9  
ATOM 915  H HG23 . VAL A 1 6 ? -1.035 5.898  1.551  1.00 0.00 ? 6 VAL A HG23 9  
ATOM 916  N N    . ASP A 1 7 ? -1.634 2.778  1.765  1.00 0.00 ? 7 ASP A N    9  
ATOM 917  C CA   . ASP A 1 7 ? -2.764 2.356  2.582  1.00 0.00 ? 7 ASP A CA   9  
ATOM 918  C C    . ASP A 1 7 ? -2.523 1.000  3.213  1.00 0.00 ? 7 ASP A C    9  
ATOM 919  O O    . ASP A 1 7 ? -3.271 0.585  4.086  1.00 0.00 ? 7 ASP A O    9  
ATOM 920  C CB   . ASP A 1 7 ? -4.067 2.318  1.782  1.00 0.00 ? 7 ASP A CB   9  
ATOM 921  C CG   . ASP A 1 7 ? -4.617 3.680  1.468  1.00 0.00 ? 7 ASP A CG   9  
ATOM 922  O OD1  . ASP A 1 7 ? -5.439 4.198  2.259  1.00 0.00 ? 7 ASP A OD1  9  
ATOM 923  O OD2  . ASP A 1 7 ? -4.270 4.254  0.413  1.00 0.00 ? 7 ASP A OD2  9  
ATOM 924  H H    . ASP A 1 7 ? -1.636 2.646  0.797  1.00 0.00 ? 7 ASP A H    9  
ATOM 925  H HA   . ASP A 1 7 ? -2.873 3.080  3.375  1.00 0.00 ? 7 ASP A HA   9  
ATOM 926  H HB2  . ASP A 1 7 ? -3.891 1.804  0.848  1.00 0.00 ? 7 ASP A HB2  9  
ATOM 927  H HB3  . ASP A 1 7 ? -4.805 1.771  2.349  1.00 0.00 ? 7 ASP A HB3  9  
ATOM 928  N N    . GLY A 1 1 ? -1.729 0.401  2.590  1.00 0.00 ? 1 GLY A N    10 
ATOM 929  C CA   . GLY A 1 1 ? -1.243 -0.751 3.298  1.00 0.00 ? 1 GLY A CA   10 
ATOM 930  C C    . GLY A 1 1 ? -0.729 -1.800 2.358  1.00 0.00 ? 1 GLY A C    10 
ATOM 931  O O    . GLY A 1 1 ? 0.290  -2.446 2.633  1.00 0.00 ? 1 GLY A O    10 
ATOM 932  H H1   . GLY A 1 1 ? -1.195 0.780  1.859  1.00 0.00 ? 1 GLY A H1   10 
ATOM 933  H HA2  . GLY A 1 1 ? -0.446 -0.444 3.959  1.00 0.00 ? 1 GLY A HA2  10 
ATOM 934  H HA3  . GLY A 1 1 ? -2.049 -1.167 3.883  1.00 0.00 ? 1 GLY A HA3  10 
ATOM 935  N N    . LEU A 1 2 ? -1.433 -1.964 1.238  1.00 0.00 ? 2 LEU A N    10 
ATOM 936  C CA   . LEU A 1 2 ? -1.068 -2.926 0.188  1.00 0.00 ? 2 LEU A CA   10 
ATOM 937  C C    . LEU A 1 2 ? 0.327  -2.590 -0.359 1.00 0.00 ? 2 LEU A C    10 
ATOM 938  O O    . LEU A 1 2 ? 0.709  -1.428 -0.336 1.00 0.00 ? 2 LEU A O    10 
ATOM 939  C CB   . LEU A 1 2 ? -2.097 -2.874 -0.950 1.00 0.00 ? 2 LEU A CB   10 
ATOM 940  C CG   . LEU A 1 2 ? -3.552 -3.192 -0.589 1.00 0.00 ? 2 LEU A CG   10 
ATOM 941  C CD1  . LEU A 1 2 ? -4.419 -3.135 -1.828 1.00 0.00 ? 2 LEU A CD1  10 
ATOM 942  C CD2  . LEU A 1 2 ? -3.670 -4.554 0.068  1.00 0.00 ? 2 LEU A CD2  10 
ATOM 943  H H    . LEU A 1 2 ? -2.237 -1.416 1.116  1.00 0.00 ? 2 LEU A H    10 
ATOM 944  H HA   . LEU A 1 2 ? -1.055 -3.915 0.619  1.00 0.00 ? 2 LEU A HA   10 
ATOM 945  H HB2  . LEU A 1 2 ? -2.078 -1.871 -1.347 1.00 0.00 ? 2 LEU A HB2  10 
ATOM 946  H HB3  . LEU A 1 2 ? -1.783 -3.553 -1.727 1.00 0.00 ? 2 LEU A HB3  10 
ATOM 947  H HG   . LEU A 1 2 ? -3.913 -2.444 0.101  1.00 0.00 ? 2 LEU A HG   10 
ATOM 948  H HD11 . LEU A 1 2 ? -4.070 -3.861 -2.546 1.00 0.00 ? 2 LEU A HD11 10 
ATOM 949  H HD12 . LEU A 1 2 ? -4.365 -2.147 -2.263 1.00 0.00 ? 2 LEU A HD12 10 
ATOM 950  H HD13 . LEU A 1 2 ? -5.440 -3.359 -1.559 1.00 0.00 ? 2 LEU A HD13 10 
ATOM 951  H HD21 . LEU A 1 2 ? -4.706 -4.757 0.291  1.00 0.00 ? 2 LEU A HD21 10 
ATOM 952  H HD22 . LEU A 1 2 ? -3.099 -4.562 0.986  1.00 0.00 ? 2 LEU A HD22 10 
ATOM 953  H HD23 . LEU A 1 2 ? -3.290 -5.310 -0.602 1.00 0.00 ? 2 LEU A HD23 10 
ATOM 954  N N    . PRO A 1 3 ? 1.091  -3.599 -0.860 1.00 0.00 ? 3 PRO A N    10 
ATOM 955  C CA   . PRO A 1 3 ? 2.478  -3.425 -1.340 1.00 0.00 ? 3 PRO A CA   10 
ATOM 956  C C    . PRO A 1 3 ? 2.790  -2.089 -2.107 1.00 0.00 ? 3 PRO A C    10 
ATOM 957  O O    . PRO A 1 3 ? 3.705  -1.363 -1.701 1.00 0.00 ? 3 PRO A O    10 
ATOM 958  C CB   . PRO A 1 3 ? 2.760  -4.678 -2.204 1.00 0.00 ? 3 PRO A CB   10 
ATOM 959  C CG   . PRO A 1 3 ? 1.528  -5.544 -2.108 1.00 0.00 ? 3 PRO A CG   10 
ATOM 960  C CD   . PRO A 1 3 ? 0.676  -5.010 -0.982 1.00 0.00 ? 3 PRO A CD   10 
ATOM 961  H HA   . PRO A 1 3 ? 3.138  -3.442 -0.485 1.00 0.00 ? 3 PRO A HA   10 
ATOM 962  H HB2  . PRO A 1 3 ? 2.954  -4.376 -3.222 1.00 0.00 ? 3 PRO A HB2  10 
ATOM 963  H HB3  . PRO A 1 3 ? 3.628  -5.191 -1.815 1.00 0.00 ? 3 PRO A HB3  10 
ATOM 964  H HG2  . PRO A 1 3 ? 0.977  -5.507 -3.035 1.00 0.00 ? 3 PRO A HG2  10 
ATOM 965  H HG3  . PRO A 1 3 ? 1.820  -6.562 -1.901 1.00 0.00 ? 3 PRO A HG3  10 
ATOM 966  H HD2  . PRO A 1 3 ? -0.371 -5.085 -1.237 1.00 0.00 ? 3 PRO A HD2  10 
ATOM 967  H HD3  . PRO A 1 3 ? 0.877  -5.553 -0.071 1.00 0.00 ? 3 PRO A HD3  10 
ATOM 968  N N    . PRO A 1 4 ? 2.053  -1.710 -3.195 1.00 0.00 ? 4 PRO A N    10 
ATOM 969  C CA   . PRO A 1 4 ? 2.329  -0.483 -3.915 1.00 0.00 ? 4 PRO A CA   10 
ATOM 970  C C    . PRO A 1 4 ? 1.386  0.676  -3.525 1.00 0.00 ? 4 PRO A C    10 
ATOM 971  O O    . PRO A 1 4 ? 1.230  1.634  -4.284 1.00 0.00 ? 4 PRO A O    10 
ATOM 972  C CB   . PRO A 1 4 ? 2.081  -0.903 -5.367 1.00 0.00 ? 4 PRO A CB   10 
ATOM 973  C CG   . PRO A 1 4 ? 1.062  -2.014 -5.296 1.00 0.00 ? 4 PRO A CG   10 
ATOM 974  C CD   . PRO A 1 4 ? 0.948  -2.431 -3.843 1.00 0.00 ? 4 PRO A CD   10 
ATOM 975  H HA   . PRO A 1 4 ? 3.357  -0.177 -3.806 1.00 0.00 ? 4 PRO A HA   10 
ATOM 976  H HB2  . PRO A 1 4 ? 1.706  -0.056 -5.924 1.00 0.00 ? 4 PRO A HB2  10 
ATOM 977  H HB3  . PRO A 1 4 ? 3.004  -1.246 -5.808 1.00 0.00 ? 4 PRO A HB3  10 
ATOM 978  H HG2  . PRO A 1 4 ? 0.107  -1.656 -5.653 1.00 0.00 ? 4 PRO A HG2  10 
ATOM 979  H HG3  . PRO A 1 4 ? 1.391  -2.846 -5.901 1.00 0.00 ? 4 PRO A HG3  10 
ATOM 980  H HD2  . PRO A 1 4 ? -0.001 -2.124 -3.430 1.00 0.00 ? 4 PRO A HD2  10 
ATOM 981  H HD3  . PRO A 1 4 ? 1.074  -3.499 -3.744 1.00 0.00 ? 4 PRO A HD3  10 
ATOM 982  N N    . TYR A 1 5 ? 0.772  0.600  -2.352 1.00 0.00 ? 5 TYR A N    10 
ATOM 983  C CA   . TYR A 1 5 ? -0.159 1.637  -1.917 1.00 0.00 ? 5 TYR A CA   10 
ATOM 984  C C    . TYR A 1 5 ? 0.112  2.048  -0.479 1.00 0.00 ? 5 TYR A C    10 
ATOM 985  O O    . TYR A 1 5 ? 0.485  1.219  0.347  1.00 0.00 ? 5 TYR A O    10 
ATOM 986  C CB   . TYR A 1 5 ? -1.622 1.162  -2.036 1.00 0.00 ? 5 TYR A CB   10 
ATOM 987  C CG   . TYR A 1 5 ? -2.081 0.849  -3.445 1.00 0.00 ? 5 TYR A CG   10 
ATOM 988  C CD1  . TYR A 1 5 ? -2.156 -0.458 -3.894 1.00 0.00 ? 5 TYR A CD1  10 
ATOM 989  C CD2  . TYR A 1 5 ? -2.434 1.861  -4.324 1.00 0.00 ? 5 TYR A CD2  10 
ATOM 990  C CE1  . TYR A 1 5 ? -2.566 -0.749 -5.172 1.00 0.00 ? 5 TYR A CE1  10 
ATOM 991  C CE2  . TYR A 1 5 ? -2.849 1.575  -5.611 1.00 0.00 ? 5 TYR A CE2  10 
ATOM 992  C CZ   . TYR A 1 5 ? -2.912 0.267  -6.027 1.00 0.00 ? 5 TYR A CZ   10 
ATOM 993  O OH   . TYR A 1 5 ? -3.327 -0.032 -7.310 1.00 0.00 ? 5 TYR A OH   10 
ATOM 994  H H    . TYR A 1 5 ? 0.953  -0.152 -1.743 1.00 0.00 ? 5 TYR A H    10 
ATOM 995  H HA   . TYR A 1 5 ? -0.022 2.488  -2.566 1.00 0.00 ? 5 TYR A HA   10 
ATOM 996  H HB2  . TYR A 1 5 ? -1.744 0.265  -1.447 1.00 0.00 ? 5 TYR A HB2  10 
ATOM 997  H HB3  . TYR A 1 5 ? -2.272 1.925  -1.635 1.00 0.00 ? 5 TYR A HB3  10 
ATOM 998  H HD1  . TYR A 1 5 ? -1.886 -1.262 -3.227 1.00 0.00 ? 5 TYR A HD1  10 
ATOM 999  H HD2  . TYR A 1 5 ? -2.382 2.888  -3.992 1.00 0.00 ? 5 TYR A HD2  10 
ATOM 1000 H HE1  . TYR A 1 5 ? -2.616 -1.777 -5.497 1.00 0.00 ? 5 TYR A HE1  10 
ATOM 1001 H HE2  . TYR A 1 5 ? -3.119 2.376  -6.283 1.00 0.00 ? 5 TYR A HE2  10 
ATOM 1002 H HH   . TYR A 1 5 ? -3.944 -0.770 -7.222 1.00 0.00 ? 5 TYR A HH   10 
ATOM 1003 N N    . VAL A 1 6 ? -0.135 3.312  -0.156 1.00 0.00 ? 6 VAL A N    10 
ATOM 1004 C CA   . VAL A 1 6 ? 0.053  3.795  1.222  1.00 0.00 ? 6 VAL A CA   10 
ATOM 1005 C C    . VAL A 1 6 ? -1.120 3.366  2.095  1.00 0.00 ? 6 VAL A C    10 
ATOM 1006 O O    . VAL A 1 6 ? -1.139 3.586  3.302  1.00 0.00 ? 6 VAL A O    10 
ATOM 1007 C CB   . VAL A 1 6 ? 0.256  5.338  1.321  1.00 0.00 ? 6 VAL A CB   10 
ATOM 1008 C CG1  . VAL A 1 6 ? 1.507  5.762  0.584  1.00 0.00 ? 6 VAL A CG1  10 
ATOM 1009 C CG2  . VAL A 1 6 ? -0.954 6.110  0.804  1.00 0.00 ? 6 VAL A CG2  10 
ATOM 1010 H H    . VAL A 1 6 ? -0.456 3.932  -0.848 1.00 0.00 ? 6 VAL A H    10 
ATOM 1011 H HA   . VAL A 1 6 ? 0.934  3.297  1.601  1.00 0.00 ? 6 VAL A HA   10 
ATOM 1012 H HB   . VAL A 1 6 ? 0.394  5.578  2.366  1.00 0.00 ? 6 VAL A HB   10 
ATOM 1013 H HG11 . VAL A 1 6 ? 1.433  5.461  -0.451 1.00 0.00 ? 6 VAL A HG11 10 
ATOM 1014 H HG12 . VAL A 1 6 ? 2.366  5.290  1.039  1.00 0.00 ? 6 VAL A HG12 10 
ATOM 1015 H HG13 . VAL A 1 6 ? 1.615  6.835  0.640  1.00 0.00 ? 6 VAL A HG13 10 
ATOM 1016 H HG21 . VAL A 1 6 ? -1.841 5.792  1.332  1.00 0.00 ? 6 VAL A HG21 10 
ATOM 1017 H HG22 . VAL A 1 6 ? -1.068 5.936  -0.256 1.00 0.00 ? 6 VAL A HG22 10 
ATOM 1018 H HG23 . VAL A 1 6 ? -0.797 7.165  0.969  1.00 0.00 ? 6 VAL A HG23 10 
ATOM 1019 N N    . ASP A 1 7 ? -2.092 2.741  1.455  1.00 0.00 ? 7 ASP A N    10 
ATOM 1020 C CA   . ASP A 1 7 ? -3.267 2.192  2.115  1.00 0.00 ? 7 ASP A CA   10 
ATOM 1021 C C    . ASP A 1 7 ? -2.869 0.976  2.924  1.00 0.00 ? 7 ASP A C    10 
ATOM 1022 O O    . ASP A 1 7 ? -3.593 0.544  3.816  1.00 0.00 ? 7 ASP A O    10 
ATOM 1023 C CB   . ASP A 1 7 ? -4.320 1.766  1.086  1.00 0.00 ? 7 ASP A CB   10 
ATOM 1024 C CG   . ASP A 1 7 ? -4.805 2.892  0.213  1.00 0.00 ? 7 ASP A CG   10 
ATOM 1025 O OD1  . ASP A 1 7 ? -4.179 3.157  -0.832 1.00 0.00 ? 7 ASP A OD1  10 
ATOM 1026 O OD2  . ASP A 1 7 ? -5.845 3.513  0.531  1.00 0.00 ? 7 ASP A OD2  10 
ATOM 1027 H H    . ASP A 1 7 ? -2.017 2.680  0.479  1.00 0.00 ? 7 ASP A H    10 
ATOM 1028 H HA   . ASP A 1 7 ? -3.688 2.944  2.763  1.00 0.00 ? 7 ASP A HA   10 
ATOM 1029 H HB2  . ASP A 1 7 ? -3.897 1.008  0.445  1.00 0.00 ? 7 ASP A HB2  10 
ATOM 1030 H HB3  . ASP A 1 7 ? -5.168 1.346  1.608  1.00 0.00 ? 7 ASP A HB3  10 
ATOM 1031 N N    . GLY A 1 1 ? -1.690 0.243  2.641  1.00 0.00 ? 1 GLY A N    11 
ATOM 1032 C CA   . GLY A 1 1 ? -1.274 -0.963 3.326  1.00 0.00 ? 1 GLY A CA   11 
ATOM 1033 C C    . GLY A 1 1 ? -0.890 -2.045 2.363  1.00 0.00 ? 1 GLY A C    11 
ATOM 1034 O O    . GLY A 1 1 ? -0.145 -2.957 2.703  1.00 0.00 ? 1 GLY A O    11 
ATOM 1035 H H1   . GLY A 1 1 ? -1.169 0.580  1.879  1.00 0.00 ? 1 GLY A H1   11 
ATOM 1036 H HA2  . GLY A 1 1 ? -0.429 -0.739 3.960  1.00 0.00 ? 1 GLY A HA2  11 
ATOM 1037 H HA3  . GLY A 1 1 ? -2.092 -1.315 3.935  1.00 0.00 ? 1 GLY A HA3  11 
ATOM 1038 N N    . LEU A 1 2 ? -1.414 -1.954 1.167  1.00 0.00 ? 2 LEU A N    11 
ATOM 1039 C CA   . LEU A 1 2 ? -1.074 -2.887 0.102  1.00 0.00 ? 2 LEU A CA   11 
ATOM 1040 C C    . LEU A 1 2 ? 0.353  -2.588 -0.349 1.00 0.00 ? 2 LEU A C    11 
ATOM 1041 O O    . LEU A 1 2 ? 0.781  -1.448 -0.231 1.00 0.00 ? 2 LEU A O    11 
ATOM 1042 C CB   . LEU A 1 2 ? -2.041 -2.750 -1.104 1.00 0.00 ? 2 LEU A CB   11 
ATOM 1043 C CG   . LEU A 1 2 ? -3.515 -3.182 -0.923 1.00 0.00 ? 2 LEU A CG   11 
ATOM 1044 C CD1  . LEU A 1 2 ? -4.264 -2.277 0.032  1.00 0.00 ? 2 LEU A CD1  11 
ATOM 1045 C CD2  . LEU A 1 2 ? -4.220 -3.226 -2.267 1.00 0.00 ? 2 LEU A CD2  11 
ATOM 1046 H H    . LEU A 1 2 ? -2.051 -1.231 1.001  1.00 0.00 ? 2 LEU A H    11 
ATOM 1047 H HA   . LEU A 1 2 ? -1.124 -3.889 0.502  1.00 0.00 ? 2 LEU A HA   11 
ATOM 1048 H HB2  . LEU A 1 2 ? -2.053 -1.703 -1.361 1.00 0.00 ? 2 LEU A HB2  11 
ATOM 1049 H HB3  . LEU A 1 2 ? -1.623 -3.298 -1.934 1.00 0.00 ? 2 LEU A HB3  11 
ATOM 1050 H HG   . LEU A 1 2 ? -3.536 -4.179 -0.508 1.00 0.00 ? 2 LEU A HG   11 
ATOM 1051 H HD11 . LEU A 1 2 ? -5.284 -2.616 0.132  1.00 0.00 ? 2 LEU A HD11 11 
ATOM 1052 H HD12 . LEU A 1 2 ? -4.260 -1.266 -0.349 1.00 0.00 ? 2 LEU A HD12 11 
ATOM 1053 H HD13 . LEU A 1 2 ? -3.782 -2.298 0.999  1.00 0.00 ? 2 LEU A HD13 11 
ATOM 1054 H HD21 . LEU A 1 2 ? -4.205 -2.240 -2.711 1.00 0.00 ? 2 LEU A HD21 11 
ATOM 1055 H HD22 . LEU A 1 2 ? -5.243 -3.542 -2.128 1.00 0.00 ? 2 LEU A HD22 11 
ATOM 1056 H HD23 . LEU A 1 2 ? -3.715 -3.920 -2.921 1.00 0.00 ? 2 LEU A HD23 11 
ATOM 1057 N N    . PRO A 1 3 ? 1.106  -3.583 -0.864 1.00 0.00 ? 3 PRO A N    11 
ATOM 1058 C CA   . PRO A 1 3 ? 2.511  -3.395 -1.284 1.00 0.00 ? 3 PRO A CA   11 
ATOM 1059 C C    . PRO A 1 3 ? 2.804  -2.085 -2.096 1.00 0.00 ? 3 PRO A C    11 
ATOM 1060 O O    . PRO A 1 3 ? 3.735  -1.357 -1.733 1.00 0.00 ? 3 PRO A O    11 
ATOM 1061 C CB   . PRO A 1 3 ? 2.837  -4.659 -2.085 1.00 0.00 ? 3 PRO A CB   11 
ATOM 1062 C CG   . PRO A 1 3 ? 1.930  -5.698 -1.518 1.00 0.00 ? 3 PRO A CG   11 
ATOM 1063 C CD   . PRO A 1 3 ? 0.669  -4.986 -1.073 1.00 0.00 ? 3 PRO A CD   11 
ATOM 1064 H HA   . PRO A 1 3 ? 3.138  -3.363 -0.405 1.00 0.00 ? 3 PRO A HA   11 
ATOM 1065 H HB2  . PRO A 1 3 ? 2.664  -4.494 -3.138 1.00 0.00 ? 3 PRO A HB2  11 
ATOM 1066 H HB3  . PRO A 1 3 ? 3.873  -4.925 -1.931 1.00 0.00 ? 3 PRO A HB3  11 
ATOM 1067 H HG2  . PRO A 1 3 ? 1.694  -6.427 -2.278 1.00 0.00 ? 3 PRO A HG2  11 
ATOM 1068 H HG3  . PRO A 1 3 ? 2.402  -6.181 -0.675 1.00 0.00 ? 3 PRO A HG3  11 
ATOM 1069 H HD2  . PRO A 1 3 ? -0.083 -5.040 -1.846 1.00 0.00 ? 3 PRO A HD2  11 
ATOM 1070 H HD3  . PRO A 1 3 ? 0.296  -5.415 -0.156 1.00 0.00 ? 3 PRO A HD3  11 
ATOM 1071 N N    . PRO A 1 4 ? 2.015  -1.728 -3.169 1.00 0.00 ? 4 PRO A N    11 
ATOM 1072 C CA   . PRO A 1 4 ? 2.264  -0.521 -3.928 1.00 0.00 ? 4 PRO A CA   11 
ATOM 1073 C C    . PRO A 1 4 ? 1.353  0.656  -3.519 1.00 0.00 ? 4 PRO A C    11 
ATOM 1074 O O    . PRO A 1 4 ? 1.203  1.616  -4.272 1.00 0.00 ? 4 PRO A O    11 
ATOM 1075 C CB   . PRO A 1 4 ? 1.931  -0.967 -5.352 1.00 0.00 ? 4 PRO A CB   11 
ATOM 1076 C CG   . PRO A 1 4 ? 0.878  -2.030 -5.206 1.00 0.00 ? 4 PRO A CG   11 
ATOM 1077 C CD   . PRO A 1 4 ? 0.876  -2.467 -3.756 1.00 0.00 ? 4 PRO A CD   11 
ATOM 1078 H HA   . PRO A 1 4 ? 3.299  -0.221 -3.884 1.00 0.00 ? 4 PRO A HA   11 
ATOM 1079 H HB2  . PRO A 1 4 ? 1.561  -0.122 -5.912 1.00 0.00 ? 4 PRO A HB2  11 
ATOM 1080 H HB3  . PRO A 1 4 ? 2.818  -1.358 -5.828 1.00 0.00 ? 4 PRO A HB3  11 
ATOM 1081 H HG2  . PRO A 1 4 ? -0.088 -1.624 -5.470 1.00 0.00 ? 4 PRO A HG2  11 
ATOM 1082 H HG3  . PRO A 1 4 ? 1.115  -2.864 -5.847 1.00 0.00 ? 4 PRO A HG3  11 
ATOM 1083 H HD2  . PRO A 1 4 ? -0.049 -2.177 -3.280 1.00 0.00 ? 4 PRO A HD2  11 
ATOM 1084 H HD3  . PRO A 1 4 ? 1.018  -3.534 -3.674 1.00 0.00 ? 4 PRO A HD3  11 
ATOM 1085 N N    . TYR A 1 5 ? 0.757  0.592  -2.340 1.00 0.00 ? 5 TYR A N    11 
ATOM 1086 C CA   . TYR A 1 5 ? -0.142 1.649  -1.893 1.00 0.00 ? 5 TYR A CA   11 
ATOM 1087 C C    . TYR A 1 5 ? 0.145  2.019  -0.451 1.00 0.00 ? 5 TYR A C    11 
ATOM 1088 O O    . TYR A 1 5 ? 0.477  1.161  0.358  1.00 0.00 ? 5 TYR A O    11 
ATOM 1089 C CB   . TYR A 1 5 ? -1.618 1.223  -2.020 1.00 0.00 ? 5 TYR A CB   11 
ATOM 1090 C CG   . TYR A 1 5 ? -2.101 0.962  -3.435 1.00 0.00 ? 5 TYR A CG   11 
ATOM 1091 C CD1  . TYR A 1 5 ? -2.333 -0.329 -3.886 1.00 0.00 ? 5 TYR A CD1  11 
ATOM 1092 C CD2  . TYR A 1 5 ? -2.335 2.010  -4.313 1.00 0.00 ? 5 TYR A CD2  11 
ATOM 1093 C CE1  . TYR A 1 5 ? -2.782 -0.570 -5.164 1.00 0.00 ? 5 TYR A CE1  11 
ATOM 1094 C CE2  . TYR A 1 5 ? -2.784 1.777  -5.597 1.00 0.00 ? 5 TYR A CE2  11 
ATOM 1095 C CZ   . TYR A 1 5 ? -3.008 0.484  -6.015 1.00 0.00 ? 5 TYR A CZ   11 
ATOM 1096 O OH   . TYR A 1 5 ? -3.458 0.238  -7.301 1.00 0.00 ? 5 TYR A OH   11 
ATOM 1097 H H    . TYR A 1 5 ? 0.944  -0.160 -1.735 1.00 0.00 ? 5 TYR A H    11 
ATOM 1098 H HA   . TYR A 1 5 ? 0.027  2.508  -2.524 1.00 0.00 ? 5 TYR A HA   11 
ATOM 1099 H HB2  . TYR A 1 5 ? -1.765 0.318  -1.452 1.00 0.00 ? 5 TYR A HB2  11 
ATOM 1100 H HB3  . TYR A 1 5 ? -2.239 1.997  -1.593 1.00 0.00 ? 5 TYR A HB3  11 
ATOM 1101 H HD1  . TYR A 1 5 ? -2.158 -1.164 -3.225 1.00 0.00 ? 5 TYR A HD1  11 
ATOM 1102 H HD2  . TYR A 1 5 ? -2.155 3.020  -3.978 1.00 0.00 ? 5 TYR A HD2  11 
ATOM 1103 H HE1  . TYR A 1 5 ? -2.956 -1.584 -5.494 1.00 0.00 ? 5 TYR A HE1  11 
ATOM 1104 H HE2  . TYR A 1 5 ? -2.959 2.607  -6.264 1.00 0.00 ? 5 TYR A HE2  11 
ATOM 1105 H HH   . TYR A 1 5 ? -4.243 -0.319 -7.210 1.00 0.00 ? 5 TYR A HH   11 
ATOM 1106 N N    . VAL A 1 6 ? -0.033 3.282  -0.106 1.00 0.00 ? 6 VAL A N    11 
ATOM 1107 C CA   . VAL A 1 6 ? 0.204  3.727  1.269  1.00 0.00 ? 6 VAL A CA   11 
ATOM 1108 C C    . VAL A 1 6 ? -0.933 3.276  2.189  1.00 0.00 ? 6 VAL A C    11 
ATOM 1109 O O    . VAL A 1 6 ? -0.868 3.425  3.401  1.00 0.00 ? 6 VAL A O    11 
ATOM 1110 C CB   . VAL A 1 6 ? 0.434  5.265  1.389  1.00 0.00 ? 6 VAL A CB   11 
ATOM 1111 C CG1  . VAL A 1 6 ? 1.646  5.693  0.583  1.00 0.00 ? 6 VAL A CG1  11 
ATOM 1112 C CG2  . VAL A 1 6 ? -0.792 6.053  0.958  1.00 0.00 ? 6 VAL A CG2  11 
ATOM 1113 H H    . VAL A 1 6 ? -0.325 3.929  -0.785 1.00 0.00 ? 6 VAL A H    11 
ATOM 1114 H HA   . VAL A 1 6 ? 1.098  3.213  1.596  1.00 0.00 ? 6 VAL A HA   11 
ATOM 1115 H HB   . VAL A 1 6 ? 0.639  5.486  2.427  1.00 0.00 ? 6 VAL A HB   11 
ATOM 1116 H HG11 . VAL A 1 6 ? 2.524  5.181  0.947  1.00 0.00 ? 6 VAL A HG11 11 
ATOM 1117 H HG12 . VAL A 1 6 ? 1.786  6.760  0.682  1.00 0.00 ? 6 VAL A HG12 11 
ATOM 1118 H HG13 . VAL A 1 6 ? 1.492  5.446  -0.457 1.00 0.00 ? 6 VAL A HG13 11 
ATOM 1119 H HG21 . VAL A 1 6 ? -1.019 5.823  -0.071 1.00 0.00 ? 6 VAL A HG21 11 
ATOM 1120 H HG22 . VAL A 1 6 ? -0.596 7.111  1.058  1.00 0.00 ? 6 VAL A HG22 11 
ATOM 1121 H HG23 . VAL A 1 6 ? -1.629 5.780  1.581  1.00 0.00 ? 6 VAL A HG23 11 
ATOM 1122 N N    . ASP A 1 7 ? -1.971 2.727  1.577  1.00 0.00 ? 7 ASP A N    11 
ATOM 1123 C CA   . ASP A 1 7 ? -3.123 2.168  2.283  1.00 0.00 ? 7 ASP A CA   11 
ATOM 1124 C C    . ASP A 1 7 ? -2.734 0.921  3.077  1.00 0.00 ? 7 ASP A C    11 
ATOM 1125 O O    . ASP A 1 7 ? -3.363 0.589  4.079  1.00 0.00 ? 7 ASP A O    11 
ATOM 1126 C CB   . ASP A 1 7 ? -4.223 1.815  1.278  1.00 0.00 ? 7 ASP A CB   11 
ATOM 1127 C CG   . ASP A 1 7 ? -5.448 1.212  1.924  1.00 0.00 ? 7 ASP A CG   11 
ATOM 1128 O OD1  . ASP A 1 7 ? -6.255 1.954  2.508  1.00 0.00 ? 7 ASP A OD1  11 
ATOM 1129 O OD2  . ASP A 1 7 ? -5.661 -0.005 1.815  1.00 0.00 ? 7 ASP A OD2  11 
ATOM 1130 H H    . ASP A 1 7 ? -1.967 2.735  0.596  1.00 0.00 ? 7 ASP A H    11 
ATOM 1131 H HA   . ASP A 1 7 ? -3.503 2.916  2.961  1.00 0.00 ? 7 ASP A HA   11 
ATOM 1132 H HB2  . ASP A 1 7 ? -4.531 2.708  0.755  1.00 0.00 ? 7 ASP A HB2  11 
ATOM 1133 H HB3  . ASP A 1 7 ? -3.830 1.106  0.564  1.00 0.00 ? 7 ASP A HB3  11 
ATOM 1134 N N    . GLY A 1 1 ? -1.628 0.121  2.858  1.00 0.00 ? 1 GLY A N    12 
ATOM 1135 C CA   . GLY A 1 1 ? -1.605 -1.221 3.383  1.00 0.00 ? 1 GLY A CA   12 
ATOM 1136 C C    . GLY A 1 1 ? -1.027 -2.197 2.392  1.00 0.00 ? 1 GLY A C    12 
ATOM 1137 O O    . GLY A 1 1 ? -0.074 -2.914 2.701  1.00 0.00 ? 1 GLY A O    12 
ATOM 1138 H H1   . GLY A 1 1 ? -1.118 0.316  2.043  1.00 0.00 ? 1 GLY A H1   12 
ATOM 1139 H HA2  . GLY A 1 1 ? -0.999 -1.231 4.276  1.00 0.00 ? 1 GLY A HA2  12 
ATOM 1140 H HA3  . GLY A 1 1 ? -2.607 -1.531 3.639  1.00 0.00 ? 1 GLY A HA3  12 
ATOM 1141 N N    . LEU A 1 2 ? -1.591 -2.224 1.201  1.00 0.00 ? 2 LEU A N    12 
ATOM 1142 C CA   . LEU A 1 2 ? -1.108 -3.109 0.146  1.00 0.00 ? 2 LEU A CA   12 
ATOM 1143 C C    . LEU A 1 2 ? 0.234  -2.604 -0.381 1.00 0.00 ? 2 LEU A C    12 
ATOM 1144 O O    . LEU A 1 2 ? 0.415  -1.414 -0.504 1.00 0.00 ? 2 LEU A O    12 
ATOM 1145 C CB   . LEU A 1 2 ? -2.126 -3.246 -1.015 1.00 0.00 ? 2 LEU A CB   12 
ATOM 1146 C CG   . LEU A 1 2 ? -3.425 -4.041 -0.740 1.00 0.00 ? 2 LEU A CG   12 
ATOM 1147 C CD1  . LEU A 1 2 ? -4.344 -3.338 0.244  1.00 0.00 ? 2 LEU A CD1  12 
ATOM 1148 C CD2  . LEU A 1 2 ? -4.154 -4.326 -2.036 1.00 0.00 ? 2 LEU A CD2  12 
ATOM 1149 H H    . LEU A 1 2 ? -2.352 -1.632 1.026  1.00 0.00 ? 2 LEU A H    12 
ATOM 1150 H HA   . LEU A 1 2 ? -0.954 -4.076 0.599  1.00 0.00 ? 2 LEU A HA   12 
ATOM 1151 H HB2  . LEU A 1 2 ? -2.412 -2.250 -1.321 1.00 0.00 ? 2 LEU A HB2  12 
ATOM 1152 H HB3  . LEU A 1 2 ? -1.618 -3.716 -1.845 1.00 0.00 ? 2 LEU A HB3  12 
ATOM 1153 H HG   . LEU A 1 2 ? -3.155 -4.992 -0.301 1.00 0.00 ? 2 LEU A HG   12 
ATOM 1154 H HD11 . LEU A 1 2 ? -3.825 -3.198 1.181  1.00 0.00 ? 2 LEU A HD11 12 
ATOM 1155 H HD12 . LEU A 1 2 ? -5.226 -3.939 0.407  1.00 0.00 ? 2 LEU A HD12 12 
ATOM 1156 H HD13 . LEU A 1 2 ? -4.630 -2.377 -0.155 1.00 0.00 ? 2 LEU A HD13 12 
ATOM 1157 H HD21 . LEU A 1 2 ? -4.403 -3.393 -2.519 1.00 0.00 ? 2 LEU A HD21 12 
ATOM 1158 H HD22 . LEU A 1 2 ? -5.061 -4.873 -1.822 1.00 0.00 ? 2 LEU A HD22 12 
ATOM 1159 H HD23 . LEU A 1 2 ? -3.522 -4.912 -2.685 1.00 0.00 ? 2 LEU A HD23 12 
ATOM 1160 N N    . PRO A 1 3 ? 1.172  -3.515 -0.714 1.00 0.00 ? 3 PRO A N    12 
ATOM 1161 C CA   . PRO A 1 3 ? 2.547  -3.179 -1.157 1.00 0.00 ? 3 PRO A CA   12 
ATOM 1162 C C    . PRO A 1 3 ? 2.727  -1.924 -2.083 1.00 0.00 ? 3 PRO A C    12 
ATOM 1163 O O    . PRO A 1 3 ? 3.584  -1.079 -1.787 1.00 0.00 ? 3 PRO A O    12 
ATOM 1164 C CB   . PRO A 1 3 ? 3.018  -4.456 -1.831 1.00 0.00 ? 3 PRO A CB   12 
ATOM 1165 C CG   . PRO A 1 3 ? 2.332  -5.536 -1.069 1.00 0.00 ? 3 PRO A CG   12 
ATOM 1166 C CD   . PRO A 1 3 ? 0.985  -4.985 -0.673 1.00 0.00 ? 3 PRO A CD   12 
ATOM 1167 H HA   . PRO A 1 3 ? 3.163  -3.009 -0.287 1.00 0.00 ? 3 PRO A HA   12 
ATOM 1168 H HB2  . PRO A 1 3 ? 2.733  -4.450 -2.872 1.00 0.00 ? 3 PRO A HB2  12 
ATOM 1169 H HB3  . PRO A 1 3 ? 4.092  -4.537 -1.750 1.00 0.00 ? 3 PRO A HB3  12 
ATOM 1170 H HG2  . PRO A 1 3 ? 2.211  -6.409 -1.693 1.00 0.00 ? 3 PRO A HG2  12 
ATOM 1171 H HG3  . PRO A 1 3 ? 2.906  -5.783 -0.189 1.00 0.00 ? 3 PRO A HG3  12 
ATOM 1172 H HD2  . PRO A 1 3 ? 0.229  -5.293 -1.381 1.00 0.00 ? 3 PRO A HD2  12 
ATOM 1173 H HD3  . PRO A 1 3 ? 0.728  -5.314 0.322  1.00 0.00 ? 3 PRO A HD3  12 
ATOM 1174 N N    . PRO A 1 4 ? 1.949  -1.742 -3.198 1.00 0.00 ? 4 PRO A N    12 
ATOM 1175 C CA   . PRO A 1 4 ? 2.140  -0.582 -4.071 1.00 0.00 ? 4 PRO A CA   12 
ATOM 1176 C C    . PRO A 1 4 ? 1.414  0.685  -3.585 1.00 0.00 ? 4 PRO A C    12 
ATOM 1177 O O    . PRO A 1 4 ? 1.438  1.719  -4.264 1.00 0.00 ? 4 PRO A O    12 
ATOM 1178 C CB   . PRO A 1 4 ? 1.550  -1.054 -5.394 1.00 0.00 ? 4 PRO A CB   12 
ATOM 1179 C CG   . PRO A 1 4 ? 0.441  -1.961 -4.997 1.00 0.00 ? 4 PRO A CG   12 
ATOM 1180 C CD   . PRO A 1 4 ? 0.872  -2.630 -3.718 1.00 0.00 ? 4 PRO A CD   12 
ATOM 1181 H HA   . PRO A 1 4 ? 3.187  -0.358 -4.208 1.00 0.00 ? 4 PRO A HA   12 
ATOM 1182 H HB2  . PRO A 1 4 ? 1.193  -0.202 -5.954 1.00 0.00 ? 4 PRO A HB2  12 
ATOM 1183 H HB3  . PRO A 1 4 ? 2.303  -1.578 -5.964 1.00 0.00 ? 4 PRO A HB3  12 
ATOM 1184 H HG2  . PRO A 1 4 ? -0.460 -1.387 -4.838 1.00 0.00 ? 4 PRO A HG2  12 
ATOM 1185 H HG3  . PRO A 1 4 ? 0.284  -2.696 -5.772 1.00 0.00 ? 4 PRO A HG3  12 
ATOM 1186 H HD2  . PRO A 1 4 ? 0.045  -2.680 -3.024 1.00 0.00 ? 4 PRO A HD2  12 
ATOM 1187 H HD3  . PRO A 1 4 ? 1.249  -3.620 -3.925 1.00 0.00 ? 4 PRO A HD3  12 
ATOM 1188 N N    . TYR A 1 5 ? 0.781  0.621  -2.427 1.00 0.00 ? 5 TYR A N    12 
ATOM 1189 C CA   . TYR A 1 5 ? 0.033  1.751  -1.901 1.00 0.00 ? 5 TYR A CA   12 
ATOM 1190 C C    . TYR A 1 5 ? 0.381  1.996  -0.455 1.00 0.00 ? 5 TYR A C    12 
ATOM 1191 O O    . TYR A 1 5 ? 0.279  1.087  0.368  1.00 0.00 ? 5 TYR A O    12 
ATOM 1192 C CB   . TYR A 1 5 ? -1.485 1.507  -1.998 1.00 0.00 ? 5 TYR A CB   12 
ATOM 1193 C CG   . TYR A 1 5 ? -2.006 1.336  -3.400 1.00 0.00 ? 5 TYR A CG   12 
ATOM 1194 C CD1  . TYR A 1 5 ? -2.332 0.083  -3.895 1.00 0.00 ? 5 TYR A CD1  12 
ATOM 1195 C CD2  . TYR A 1 5 ? -2.165 2.430  -4.233 1.00 0.00 ? 5 TYR A CD2  12 
ATOM 1196 C CE1  . TYR A 1 5 ? -2.799 -0.073 -5.182 1.00 0.00 ? 5 TYR A CE1  12 
ATOM 1197 C CE2  . TYR A 1 5 ? -2.634 2.284  -5.516 1.00 0.00 ? 5 TYR A CE2  12 
ATOM 1198 C CZ   . TYR A 1 5 ? -2.948 1.034  -5.987 1.00 0.00 ? 5 TYR A CZ   12 
ATOM 1199 O OH   . TYR A 1 5 ? -3.411 0.885  -7.274 1.00 0.00 ? 5 TYR A OH   12 
ATOM 1200 H H    . TYR A 1 5 ? 0.819  -0.203 -1.886 1.00 0.00 ? 5 TYR A H    12 
ATOM 1201 H HA   . TYR A 1 5 ? 0.273  2.625  -2.486 1.00 0.00 ? 5 TYR A HA   12 
ATOM 1202 H HB2  . TYR A 1 5 ? -1.728 0.608  -1.451 1.00 0.00 ? 5 TYR A HB2  12 
ATOM 1203 H HB3  . TYR A 1 5 ? -2.003 2.339  -1.545 1.00 0.00 ? 5 TYR A HB3  12 
ATOM 1204 H HD1  . TYR A 1 5 ? -2.214 -0.781 -3.259 1.00 0.00 ? 5 TYR A HD1  12 
ATOM 1205 H HD2  . TYR A 1 5 ? -1.916 3.413  -3.858 1.00 0.00 ? 5 TYR A HD2  12 
ATOM 1206 H HE1  . TYR A 1 5 ? -3.048 -1.056 -5.551 1.00 0.00 ? 5 TYR A HE1  12 
ATOM 1207 H HE2  . TYR A 1 5 ? -2.754 3.149  -6.150 1.00 0.00 ? 5 TYR A HE2  12 
ATOM 1208 H HH   . TYR A 1 5 ? -2.894 1.477  -7.838 1.00 0.00 ? 5 TYR A HH   12 
ATOM 1209 N N    . VAL A 1 6 ? 0.808  3.195  -0.127 1.00 0.00 ? 6 VAL A N    12 
ATOM 1210 C CA   . VAL A 1 6 ? 1.007  3.547  1.268  1.00 0.00 ? 6 VAL A CA   12 
ATOM 1211 C C    . VAL A 1 6 ? -0.377 3.710  1.883  1.00 0.00 ? 6 VAL A C    12 
ATOM 1212 O O    . VAL A 1 6 ? -0.993 4.785  1.839  1.00 0.00 ? 6 VAL A O    12 
ATOM 1213 C CB   . VAL A 1 6 ? 1.831  4.838  1.455  1.00 0.00 ? 6 VAL A CB   12 
ATOM 1214 C CG1  . VAL A 1 6 ? 2.093  5.107  2.933  1.00 0.00 ? 6 VAL A CG1  12 
ATOM 1215 C CG2  . VAL A 1 6 ? 3.136  4.760  0.688  1.00 0.00 ? 6 VAL A CG2  12 
ATOM 1216 H H    . VAL A 1 6 ? 0.991  3.853  -0.832 1.00 0.00 ? 6 VAL A H    12 
ATOM 1217 H HA   . VAL A 1 6 ? 1.498  2.711  1.745  1.00 0.00 ? 6 VAL A HA   12 
ATOM 1218 H HB   . VAL A 1 6 ? 1.239  5.643  1.052  1.00 0.00 ? 6 VAL A HB   12 
ATOM 1219 H HG11 . VAL A 1 6 ? 2.653  4.285  3.352  1.00 0.00 ? 6 VAL A HG11 12 
ATOM 1220 H HG12 . VAL A 1 6 ? 1.150  5.201  3.450  1.00 0.00 ? 6 VAL A HG12 12 
ATOM 1221 H HG13 . VAL A 1 6 ? 2.659  6.022  3.038  1.00 0.00 ? 6 VAL A HG13 12 
ATOM 1222 H HG21 . VAL A 1 6 ? 3.708  3.913  1.033  1.00 0.00 ? 6 VAL A HG21 12 
ATOM 1223 H HG22 . VAL A 1 6 ? 3.698  5.665  0.856  1.00 0.00 ? 6 VAL A HG22 12 
ATOM 1224 H HG23 . VAL A 1 6 ? 2.931  4.655  -0.367 1.00 0.00 ? 6 VAL A HG23 12 
ATOM 1225 N N    . ASP A 1 7 ? -0.863 2.617  2.359  1.00 0.00 ? 7 ASP A N    12 
ATOM 1226 C CA   . ASP A 1 7 ? -2.224 2.442  2.822  1.00 0.00 ? 7 ASP A CA   12 
ATOM 1227 C C    . ASP A 1 7 ? -2.318 1.073  3.459  1.00 0.00 ? 7 ASP A C    12 
ATOM 1228 O O    . ASP A 1 7 ? -2.978 0.883  4.477  1.00 0.00 ? 7 ASP A O    12 
ATOM 1229 C CB   . ASP A 1 7 ? -3.196 2.526  1.622  1.00 0.00 ? 7 ASP A CB   12 
ATOM 1230 C CG   . ASP A 1 7 ? -4.640 2.276  1.989  1.00 0.00 ? 7 ASP A CG   12 
ATOM 1231 O OD1  . ASP A 1 7 ? -5.143 1.157  1.742  1.00 0.00 ? 7 ASP A OD1  12 
ATOM 1232 O OD2  . ASP A 1 7 ? -5.302 3.187  2.520  1.00 0.00 ? 7 ASP A OD2  12 
ATOM 1233 H H    . ASP A 1 7 ? -0.230 1.873  2.421  1.00 0.00 ? 7 ASP A H    12 
ATOM 1234 H HA   . ASP A 1 7 ? -2.464 3.212  3.540  1.00 0.00 ? 7 ASP A HA   12 
ATOM 1235 H HB2  . ASP A 1 7 ? -3.133 3.513  1.188  1.00 0.00 ? 7 ASP A HB2  12 
ATOM 1236 H HB3  . ASP A 1 7 ? -2.897 1.800  0.882  1.00 0.00 ? 7 ASP A HB3  12 
ATOM 1237 N N    . GLY A 1 1 ? -1.748 0.395  2.561  1.00 0.00 ? 1 GLY A N    13 
ATOM 1238 C CA   . GLY A 1 1 ? -1.256 -0.757 3.271  1.00 0.00 ? 1 GLY A CA   13 
ATOM 1239 C C    . GLY A 1 1 ? -0.756 -1.813 2.329  1.00 0.00 ? 1 GLY A C    13 
ATOM 1240 O O    . GLY A 1 1 ? 0.240  -2.488 2.616  1.00 0.00 ? 1 GLY A O    13 
ATOM 1241 H H1   . GLY A 1 1 ? -1.377 0.613  1.678  1.00 0.00 ? 1 GLY A H1   13 
ATOM 1242 H HA2  . GLY A 1 1 ? -0.448 -0.450 3.917  1.00 0.00 ? 1 GLY A HA2  13 
ATOM 1243 H HA3  . GLY A 1 1 ? -2.050 -1.171 3.872  1.00 0.00 ? 1 GLY A HA3  13 
ATOM 1244 N N    . LEU A 1 2 ? -1.453 -1.963 1.205  1.00 0.00 ? 2 LEU A N    13 
ATOM 1245 C CA   . LEU A 1 2 ? -1.059 -2.902 0.146  1.00 0.00 ? 2 LEU A CA   13 
ATOM 1246 C C    . LEU A 1 2 ? 0.355  -2.574 -0.353 1.00 0.00 ? 2 LEU A C    13 
ATOM 1247 O O    . LEU A 1 2 ? 0.753  -1.417 -0.303 1.00 0.00 ? 2 LEU A O    13 
ATOM 1248 C CB   . LEU A 1 2 ? -2.046 -2.823 -1.032 1.00 0.00 ? 2 LEU A CB   13 
ATOM 1249 C CG   . LEU A 1 2 ? -3.489 -3.246 -0.758 1.00 0.00 ? 2 LEU A CG   13 
ATOM 1250 C CD1  . LEU A 1 2 ? -4.325 -3.053 -2.001 1.00 0.00 ? 2 LEU A CD1  13 
ATOM 1251 C CD2  . LEU A 1 2 ? -3.553 -4.699 -0.317 1.00 0.00 ? 2 LEU A CD2  13 
ATOM 1252 H H    . LEU A 1 2 ? -2.274 -1.439 1.102  1.00 0.00 ? 2 LEU A H    13 
ATOM 1253 H HA   . LEU A 1 2 ? -1.070 -3.900 0.555  1.00 0.00 ? 2 LEU A HA   13 
ATOM 1254 H HB2  . LEU A 1 2 ? -2.063 -1.801 -1.379 1.00 0.00 ? 2 LEU A HB2  13 
ATOM 1255 H HB3  . LEU A 1 2 ? -1.661 -3.441 -1.829 1.00 0.00 ? 2 LEU A HB3  13 
ATOM 1256 H HG   . LEU A 1 2 ? -3.902 -2.630 0.030  1.00 0.00 ? 2 LEU A HG   13 
ATOM 1257 H HD11 . LEU A 1 2 ? -3.927 -3.665 -2.796 1.00 0.00 ? 2 LEU A HD11 13 
ATOM 1258 H HD12 . LEU A 1 2 ? -4.300 -2.014 -2.297 1.00 0.00 ? 2 LEU A HD12 13 
ATOM 1259 H HD13 . LEU A 1 2 ? -5.343 -3.348 -1.796 1.00 0.00 ? 2 LEU A HD13 13 
ATOM 1260 H HD21 . LEU A 1 2 ? -3.150 -5.328 -1.097 1.00 0.00 ? 2 LEU A HD21 13 
ATOM 1261 H HD22 . LEU A 1 2 ? -4.579 -4.972 -0.129 1.00 0.00 ? 2 LEU A HD22 13 
ATOM 1262 H HD23 . LEU A 1 2 ? -2.975 -4.829 0.584  1.00 0.00 ? 2 LEU A HD23 13 
ATOM 1263 N N    . PRO A 1 3 ? 1.113  -3.578 -0.855 1.00 0.00 ? 3 PRO A N    13 
ATOM 1264 C CA   . PRO A 1 3 ? 2.506  -3.399 -1.316 1.00 0.00 ? 3 PRO A CA   13 
ATOM 1265 C C    . PRO A 1 3 ? 2.796  -2.099 -2.137 1.00 0.00 ? 3 PRO A C    13 
ATOM 1266 O O    . PRO A 1 3 ? 3.742  -1.389 -1.811 1.00 0.00 ? 3 PRO A O    13 
ATOM 1267 C CB   . PRO A 1 3 ? 2.799  -4.670 -2.116 1.00 0.00 ? 3 PRO A CB   13 
ATOM 1268 C CG   . PRO A 1 3 ? 1.924  -5.700 -1.495 1.00 0.00 ? 3 PRO A CG   13 
ATOM 1269 C CD   . PRO A 1 3 ? 0.685  -4.988 -1.010 1.00 0.00 ? 3 PRO A CD   13 
ATOM 1270 H HA   . PRO A 1 3 ? 3.160  -3.371 -0.456 1.00 0.00 ? 3 PRO A HA   13 
ATOM 1271 H HB2  . PRO A 1 3 ? 2.577  -4.520 -3.161 1.00 0.00 ? 3 PRO A HB2  13 
ATOM 1272 H HB3  . PRO A 1 3 ? 3.841  -4.930 -2.006 1.00 0.00 ? 3 PRO A HB3  13 
ATOM 1273 H HG2  . PRO A 1 3 ? 1.662  -6.444 -2.233 1.00 0.00 ? 3 PRO A HG2  13 
ATOM 1274 H HG3  . PRO A 1 3 ? 2.438  -6.163 -0.665 1.00 0.00 ? 3 PRO A HG3  13 
ATOM 1275 H HD2  . PRO A 1 3 ? -0.107 -5.067 -1.739 1.00 0.00 ? 3 PRO A HD2  13 
ATOM 1276 H HD3  . PRO A 1 3 ? 0.356  -5.394 -0.065 1.00 0.00 ? 3 PRO A HD3  13 
ATOM 1277 N N    . PRO A 1 4 ? 1.999  -1.727 -3.187 1.00 0.00 ? 4 PRO A N    13 
ATOM 1278 C CA   . PRO A 1 4 ? 2.268  -0.517 -3.934 1.00 0.00 ? 4 PRO A CA   13 
ATOM 1279 C C    . PRO A 1 4 ? 1.457  0.700  -3.445 1.00 0.00 ? 4 PRO A C    13 
ATOM 1280 O O    . PRO A 1 4 ? 1.532  1.773  -4.034 1.00 0.00 ? 4 PRO A O    13 
ATOM 1281 C CB   . PRO A 1 4 ? 1.848  -0.903 -5.350 1.00 0.00 ? 4 PRO A CB   13 
ATOM 1282 C CG   . PRO A 1 4 ? 0.758  -1.922 -5.180 1.00 0.00 ? 4 PRO A CG   13 
ATOM 1283 C CD   . PRO A 1 4 ? 0.840  -2.448 -3.762 1.00 0.00 ? 4 PRO A CD   13 
ATOM 1284 H HA   . PRO A 1 4 ? 3.320  -0.272 -3.931 1.00 0.00 ? 4 PRO A HA   13 
ATOM 1285 H HB2  . PRO A 1 4 ? 1.495  -0.026 -5.872 1.00 0.00 ? 4 PRO A HB2  13 
ATOM 1286 H HB3  . PRO A 1 4 ? 2.694  -1.321 -5.876 1.00 0.00 ? 4 PRO A HB3  13 
ATOM 1287 H HG2  . PRO A 1 4 ? -0.203 -1.457 -5.346 1.00 0.00 ? 4 PRO A HG2  13 
ATOM 1288 H HG3  . PRO A 1 4 ? 0.903  -2.726 -5.887 1.00 0.00 ? 4 PRO A HG3  13 
ATOM 1289 H HD2  . PRO A 1 4 ? -0.063 -2.208 -3.221 1.00 0.00 ? 4 PRO A HD2  13 
ATOM 1290 H HD3  . PRO A 1 4 ? 1.003  -3.514 -3.759 1.00 0.00 ? 4 PRO A HD3  13 
ATOM 1291 N N    . TYR A 1 5 ? 0.725  0.557  -2.359 1.00 0.00 ? 5 TYR A N    13 
ATOM 1292 C CA   . TYR A 1 5 ? -0.155 1.626  -1.905 1.00 0.00 ? 5 TYR A CA   13 
ATOM 1293 C C    . TYR A 1 5 ? 0.125  2.050  -0.484 1.00 0.00 ? 5 TYR A C    13 
ATOM 1294 O O    . TYR A 1 5 ? 0.432  1.225  0.372  1.00 0.00 ? 5 TYR A O    13 
ATOM 1295 C CB   . TYR A 1 5 ? -1.623 1.230  -2.044 1.00 0.00 ? 5 TYR A CB   13 
ATOM 1296 C CG   . TYR A 1 5 ? -2.100 1.123  -3.468 1.00 0.00 ? 5 TYR A CG   13 
ATOM 1297 C CD1  . TYR A 1 5 ? -2.245 -0.107 -4.088 1.00 0.00 ? 5 TYR A CD1  13 
ATOM 1298 C CD2  . TYR A 1 5 ? -2.409 2.264  -4.196 1.00 0.00 ? 5 TYR A CD2  13 
ATOM 1299 C CE1  . TYR A 1 5 ? -2.686 -0.198 -5.390 1.00 0.00 ? 5 TYR A CE1  13 
ATOM 1300 C CE2  . TYR A 1 5 ? -2.849 2.183  -5.495 1.00 0.00 ? 5 TYR A CE2  13 
ATOM 1301 C CZ   . TYR A 1 5 ? -2.985 0.952  -6.087 1.00 0.00 ? 5 TYR A CZ   13 
ATOM 1302 O OH   . TYR A 1 5 ? -3.424 0.866  -7.389 1.00 0.00 ? 5 TYR A OH   13 
ATOM 1303 H H    . TYR A 1 5 ? 0.802  -0.262 -1.819 1.00 0.00 ? 5 TYR A H    13 
ATOM 1304 H HA   . TYR A 1 5 ? 0.019  2.475  -2.549 1.00 0.00 ? 5 TYR A HA   13 
ATOM 1305 H HB2  . TYR A 1 5 ? -1.770 0.270  -1.575 1.00 0.00 ? 5 TYR A HB2  13 
ATOM 1306 H HB3  . TYR A 1 5 ? -2.238 1.960  -1.539 1.00 0.00 ? 5 TYR A HB3  13 
ATOM 1307 H HD1  . TYR A 1 5 ? -2.010 -1.006 -3.538 1.00 0.00 ? 5 TYR A HD1  13 
ATOM 1308 H HD2  . TYR A 1 5 ? -2.299 3.230  -3.725 1.00 0.00 ? 5 TYR A HD2  13 
ATOM 1309 H HE1  . TYR A 1 5 ? -2.794 -1.165 -5.859 1.00 0.00 ? 5 TYR A HE1  13 
ATOM 1310 H HE2  . TYR A 1 5 ? -3.086 3.082  -6.044 1.00 0.00 ? 5 TYR A HE2  13 
ATOM 1311 H HH   . TYR A 1 5 ? -4.076 0.151  -7.418 1.00 0.00 ? 5 TYR A HH   13 
ATOM 1312 N N    . VAL A 1 6 ? -0.024 3.338  -0.234 1.00 0.00 ? 6 VAL A N    13 
ATOM 1313 C CA   . VAL A 1 6 ? 0.192  3.924  1.089  1.00 0.00 ? 6 VAL A CA   13 
ATOM 1314 C C    . VAL A 1 6 ? -0.864 3.389  2.076  1.00 0.00 ? 6 VAL A C    13 
ATOM 1315 O O    . VAL A 1 6 ? -0.633 3.320  3.297  1.00 0.00 ? 6 VAL A O    13 
ATOM 1316 C CB   . VAL A 1 6 ? 0.159  5.488  1.010  1.00 0.00 ? 6 VAL A CB   13 
ATOM 1317 C CG1  . VAL A 1 6 ? 0.368  6.134  2.374  1.00 0.00 ? 6 VAL A CG1  13 
ATOM 1318 C CG2  . VAL A 1 6 ? 1.217  5.988  0.038  1.00 0.00 ? 6 VAL A CG2  13 
ATOM 1319 H H    . VAL A 1 6 ? -0.303 3.930  -0.970 1.00 0.00 ? 6 VAL A H    13 
ATOM 1320 H HA   . VAL A 1 6 ? 1.167  3.607  1.431  1.00 0.00 ? 6 VAL A HA   13 
ATOM 1321 H HB   . VAL A 1 6 ? -0.808 5.792  0.634  1.00 0.00 ? 6 VAL A HB   13 
ATOM 1322 H HG11 . VAL A 1 6 ? 0.340  7.209  2.273  1.00 0.00 ? 6 VAL A HG11 13 
ATOM 1323 H HG12 . VAL A 1 6 ? 1.326  5.834  2.770  1.00 0.00 ? 6 VAL A HG12 13 
ATOM 1324 H HG13 . VAL A 1 6 ? -0.414 5.815  3.044  1.00 0.00 ? 6 VAL A HG13 13 
ATOM 1325 H HG21 . VAL A 1 6 ? 2.193  5.686  0.389  1.00 0.00 ? 6 VAL A HG21 13 
ATOM 1326 H HG22 . VAL A 1 6 ? 1.178  7.065  -0.022 1.00 0.00 ? 6 VAL A HG22 13 
ATOM 1327 H HG23 . VAL A 1 6 ? 1.044  5.564  -0.939 1.00 0.00 ? 6 VAL A HG23 13 
ATOM 1328 N N    . ASP A 1 7 ? -2.006 2.986  1.519  1.00 0.00 ? 7 ASP A N    13 
ATOM 1329 C CA   . ASP A 1 7 ? -3.121 2.367  2.259  1.00 0.00 ? 7 ASP A CA   13 
ATOM 1330 C C    . ASP A 1 7 ? -2.652 1.188  3.108  1.00 0.00 ? 7 ASP A C    13 
ATOM 1331 O O    . ASP A 1 7 ? -3.075 1.036  4.259  1.00 0.00 ? 7 ASP A O    13 
ATOM 1332 C CB   . ASP A 1 7 ? -4.201 1.893  1.274  1.00 0.00 ? 7 ASP A CB   13 
ATOM 1333 C CG   . ASP A 1 7 ? -5.356 1.169  1.946  1.00 0.00 ? 7 ASP A CG   13 
ATOM 1334 O OD1  . ASP A 1 7 ? -6.240 1.841  2.524  1.00 0.00 ? 7 ASP A OD1  13 
ATOM 1335 O OD2  . ASP A 1 7 ? -5.419 -0.082 1.869  1.00 0.00 ? 7 ASP A OD2  13 
ATOM 1336 H H    . ASP A 1 7 ? -2.122 3.147  0.557  1.00 0.00 ? 7 ASP A H    13 
ATOM 1337 H HA   . ASP A 1 7 ? -3.553 3.114  2.907  1.00 0.00 ? 7 ASP A HA   13 
ATOM 1338 H HB2  . ASP A 1 7 ? -4.601 2.748  0.749  1.00 0.00 ? 7 ASP A HB2  13 
ATOM 1339 H HB3  . ASP A 1 7 ? -3.749 1.223  0.557  1.00 0.00 ? 7 ASP A HB3  13 
ATOM 1340 N N    . GLY A 1 1 ? -1.889 0.027  2.803  1.00 0.00 ? 1 GLY A N    14 
ATOM 1341 C CA   . GLY A 1 1 ? -1.502 -1.207 3.449  1.00 0.00 ? 1 GLY A CA   14 
ATOM 1342 C C    . GLY A 1 1 ? -1.203 -2.268 2.435  1.00 0.00 ? 1 GLY A C    14 
ATOM 1343 O O    . GLY A 1 1 ? -0.881 -3.407 2.764  1.00 0.00 ? 1 GLY A O    14 
ATOM 1344 H H1   . GLY A 1 1 ? -1.225 0.537  2.290  1.00 0.00 ? 1 GLY A H1   14 
ATOM 1345 H HA2  . GLY A 1 1 ? -0.619 -1.030 4.044  1.00 0.00 ? 1 GLY A HA2  14 
ATOM 1346 H HA3  . GLY A 1 1 ? -2.309 -1.543 4.081  1.00 0.00 ? 1 GLY A HA3  14 
ATOM 1347 N N    . LEU A 1 2 ? -1.319 -1.891 1.205  1.00 0.00 ? 2 LEU A N    14 
ATOM 1348 C CA   . LEU A 1 2 ? -1.039 -2.761 0.090  1.00 0.00 ? 2 LEU A CA   14 
ATOM 1349 C C    . LEU A 1 2 ? 0.428  -2.600 -0.269 1.00 0.00 ? 2 LEU A C    14 
ATOM 1350 O O    . LEU A 1 2 ? 1.006  -1.574 0.057  1.00 0.00 ? 2 LEU A O    14 
ATOM 1351 C CB   . LEU A 1 2 ? -1.914 -2.359 -1.104 1.00 0.00 ? 2 LEU A CB   14 
ATOM 1352 C CG   . LEU A 1 2 ? -3.426 -2.339 -0.861 1.00 0.00 ? 2 LEU A CG   14 
ATOM 1353 C CD1  . LEU A 1 2 ? -4.160 -1.908 -2.116 1.00 0.00 ? 2 LEU A CD1  14 
ATOM 1354 C CD2  . LEU A 1 2 ? -3.920 -3.700 -0.395 1.00 0.00 ? 2 LEU A CD2  14 
ATOM 1355 H H    . LEU A 1 2 ? -1.581 -0.963 1.048  1.00 0.00 ? 2 LEU A H    14 
ATOM 1356 H HA   . LEU A 1 2 ? -1.249 -3.782 0.371  1.00 0.00 ? 2 LEU A HA   14 
ATOM 1357 H HB2  . LEU A 1 2 ? -1.607 -1.375 -1.419 1.00 0.00 ? 2 LEU A HB2  14 
ATOM 1358 H HB3  . LEU A 1 2 ? -1.713 -3.048 -1.910 1.00 0.00 ? 2 LEU A HB3  14 
ATOM 1359 H HG   . LEU A 1 2 ? -3.644 -1.615 -0.088 1.00 0.00 ? 2 LEU A HG   14 
ATOM 1360 H HD11 . LEU A 1 2 ? -3.944 -2.601 -2.916 1.00 0.00 ? 2 LEU A HD11 14 
ATOM 1361 H HD12 . LEU A 1 2 ? -3.838 -0.917 -2.401 1.00 0.00 ? 2 LEU A HD12 14 
ATOM 1362 H HD13 . LEU A 1 2 ? -5.222 -1.899 -1.923 1.00 0.00 ? 2 LEU A HD13 14 
ATOM 1363 H HD21 . LEU A 1 2 ? -3.668 -4.444 -1.135 1.00 0.00 ? 2 LEU A HD21 14 
ATOM 1364 H HD22 . LEU A 1 2 ? -4.991 -3.667 -0.270 1.00 0.00 ? 2 LEU A HD22 14 
ATOM 1365 H HD23 . LEU A 1 2 ? -3.455 -3.953 0.547  1.00 0.00 ? 2 LEU A HD23 14 
ATOM 1366 N N    . PRO A 1 3 ? 1.064  -3.592 -0.903 1.00 0.00 ? 3 PRO A N    14 
ATOM 1367 C CA   . PRO A 1 3 ? 2.461  -3.470 -1.330 1.00 0.00 ? 3 PRO A CA   14 
ATOM 1368 C C    . PRO A 1 3 ? 2.784  -2.142 -2.109 1.00 0.00 ? 3 PRO A C    14 
ATOM 1369 O O    . PRO A 1 3 ? 3.721  -1.438 -1.725 1.00 0.00 ? 3 PRO A O    14 
ATOM 1370 C CB   . PRO A 1 3 ? 2.712  -4.725 -2.177 1.00 0.00 ? 3 PRO A CB   14 
ATOM 1371 C CG   . PRO A 1 3 ? 1.718  -5.720 -1.673 1.00 0.00 ? 3 PRO A CG   14 
ATOM 1372 C CD   . PRO A 1 3 ? 0.513  -4.932 -1.214 1.00 0.00 ? 3 PRO A CD   14 
ATOM 1373 H HA   . PRO A 1 3 ? 3.099  -3.488 -0.457 1.00 0.00 ? 3 PRO A HA   14 
ATOM 1374 H HB2  . PRO A 1 3 ? 2.569  -4.502 -3.224 1.00 0.00 ? 3 PRO A HB2  14 
ATOM 1375 H HB3  . PRO A 1 3 ? 3.722  -5.072 -2.020 1.00 0.00 ? 3 PRO A HB3  14 
ATOM 1376 H HG2  . PRO A 1 3 ? 1.442  -6.399 -2.466 1.00 0.00 ? 3 PRO A HG2  14 
ATOM 1377 H HG3  . PRO A 1 3 ? 2.142  -6.269 -0.844 1.00 0.00 ? 3 PRO A HG3  14 
ATOM 1378 H HD2  . PRO A 1 3 ? -0.226 -4.874 -1.999 1.00 0.00 ? 3 PRO A HD2  14 
ATOM 1379 H HD3  . PRO A 1 3 ? 0.088  -5.383 -0.329 1.00 0.00 ? 3 PRO A HD3  14 
ATOM 1380 N N    . PRO A 1 4 ? 2.014  -1.737 -3.179 1.00 0.00 ? 4 PRO A N    14 
ATOM 1381 C CA   . PRO A 1 4 ? 2.310  -0.517 -3.917 1.00 0.00 ? 4 PRO A CA   14 
ATOM 1382 C C    . PRO A 1 4 ? 1.468  0.712  -3.481 1.00 0.00 ? 4 PRO A C    14 
ATOM 1383 O O    . PRO A 1 4 ? 1.500  1.763  -4.146 1.00 0.00 ? 4 PRO A O    14 
ATOM 1384 C CB   . PRO A 1 4 ? 1.959  -0.915 -5.368 1.00 0.00 ? 4 PRO A CB   14 
ATOM 1385 C CG   . PRO A 1 4 ? 1.132  -2.176 -5.269 1.00 0.00 ? 4 PRO A CG   14 
ATOM 1386 C CD   . PRO A 1 4 ? 0.881  -2.426 -3.805 1.00 0.00 ? 4 PRO A CD   14 
ATOM 1387 H HA   . PRO A 1 4 ? 3.358  -0.266 -3.869 1.00 0.00 ? 4 PRO A HA   14 
ATOM 1388 H HB2  . PRO A 1 4 ? 1.400  -0.115 -5.831 1.00 0.00 ? 4 PRO A HB2  14 
ATOM 1389 H HB3  . PRO A 1 4 ? 2.869  -1.087 -5.925 1.00 0.00 ? 4 PRO A HB3  14 
ATOM 1390 H HG2  . PRO A 1 4 ? 0.197  -2.039 -5.791 1.00 0.00 ? 4 PRO A HG2  14 
ATOM 1391 H HG3  . PRO A 1 4 ? 1.677  -3.003 -5.702 1.00 0.00 ? 4 PRO A HG3  14 
ATOM 1392 H HD2  . PRO A 1 4 ? -0.055 -1.980 -3.503 1.00 0.00 ? 4 PRO A HD2  14 
ATOM 1393 H HD3  . PRO A 1 4 ? 0.889  -3.481 -3.578 1.00 0.00 ? 4 PRO A HD3  14 
ATOM 1394 N N    . TYR A 1 5 ? 0.728  0.603  -2.379 1.00 0.00 ? 5 TYR A N    14 
ATOM 1395 C CA   . TYR A 1 5 ? -0.136 1.703  -1.928 1.00 0.00 ? 5 TYR A CA   14 
ATOM 1396 C C    . TYR A 1 5 ? -0.082 1.868  -0.423 1.00 0.00 ? 5 TYR A C    14 
ATOM 1397 O O    . TYR A 1 5 ? -0.066 0.882  0.313  1.00 0.00 ? 5 TYR A O    14 
ATOM 1398 C CB   . TYR A 1 5 ? -1.599 1.504  -2.377 1.00 0.00 ? 5 TYR A CB   14 
ATOM 1399 C CG   . TYR A 1 5 ? -1.819 1.605  -3.871 1.00 0.00 ? 5 TYR A CG   14 
ATOM 1400 C CD1  . TYR A 1 5 ? -1.876 0.471  -4.663 1.00 0.00 ? 5 TYR A CD1  14 
ATOM 1401 C CD2  . TYR A 1 5 ? -1.965 2.841  -4.489 1.00 0.00 ? 5 TYR A CD2  14 
ATOM 1402 C CE1  . TYR A 1 5 ? -2.072 0.564  -6.023 1.00 0.00 ? 5 TYR A CE1  14 
ATOM 1403 C CE2  . TYR A 1 5 ? -2.162 2.940  -5.850 1.00 0.00 ? 5 TYR A CE2  14 
ATOM 1404 C CZ   . TYR A 1 5 ? -2.214 1.796  -6.613 1.00 0.00 ? 5 TYR A CZ   14 
ATOM 1405 O OH   . TYR A 1 5 ? -2.411 1.883  -7.973 1.00 0.00 ? 5 TYR A OH   14 
ATOM 1406 H H    . TYR A 1 5 ? 0.791  -0.213 -1.834 1.00 0.00 ? 5 TYR A H    14 
ATOM 1407 H HA   . TYR A 1 5 ? 0.242  2.608  -2.381 1.00 0.00 ? 5 TYR A HA   14 
ATOM 1408 H HB2  . TYR A 1 5 ? -1.931 0.527  -2.066 1.00 0.00 ? 5 TYR A HB2  14 
ATOM 1409 H HB3  . TYR A 1 5 ? -2.218 2.245  -1.896 1.00 0.00 ? 5 TYR A HB3  14 
ATOM 1410 H HD1  . TYR A 1 5 ? -1.766 -0.497 -4.199 1.00 0.00 ? 5 TYR A HD1  14 
ATOM 1411 H HD2  . TYR A 1 5 ? -1.921 3.738  -3.890 1.00 0.00 ? 5 TYR A HD2  14 
ATOM 1412 H HE1  . TYR A 1 5 ? -2.114 -0.330 -6.628 1.00 0.00 ? 5 TYR A HE1  14 
ATOM 1413 H HE2  . TYR A 1 5 ? -2.273 3.910  -6.312 1.00 0.00 ? 5 TYR A HE2  14 
ATOM 1414 H HH   . TYR A 1 5 ? -3.064 1.209  -8.205 1.00 0.00 ? 5 TYR A HH   14 
ATOM 1415 N N    . VAL A 1 6 ? -0.146 3.110  0.042  1.00 0.00 ? 6 VAL A N    14 
ATOM 1416 C CA   . VAL A 1 6 ? -0.041 3.427  1.482  1.00 0.00 ? 6 VAL A CA   14 
ATOM 1417 C C    . VAL A 1 6 ? -1.253 2.935  2.290  1.00 0.00 ? 6 VAL A C    14 
ATOM 1418 O O    . VAL A 1 6 ? -1.284 3.044  3.512  1.00 0.00 ? 6 VAL A O    14 
ATOM 1419 C CB   . VAL A 1 6 ? 0.194  4.941  1.747  1.00 0.00 ? 6 VAL A CB   14 
ATOM 1420 C CG1  . VAL A 1 6 ? 1.503  5.400  1.120  1.00 0.00 ? 6 VAL A CG1  14 
ATOM 1421 C CG2  . VAL A 1 6 ? -0.970 5.789  1.241  1.00 0.00 ? 6 VAL A CG2  14 
ATOM 1422 H H    . VAL A 1 6 ? -0.266 3.851  -0.592 1.00 0.00 ? 6 VAL A H    14 
ATOM 1423 H HA   . VAL A 1 6 ? 0.820  2.885  1.843  1.00 0.00 ? 6 VAL A HA   14 
ATOM 1424 H HB   . VAL A 1 6 ? 0.274  5.071  2.817  1.00 0.00 ? 6 VAL A HB   14 
ATOM 1425 H HG11 . VAL A 1 6 ? 1.470  5.229  0.055  1.00 0.00 ? 6 VAL A HG11 14 
ATOM 1426 H HG12 . VAL A 1 6 ? 2.325  4.844  1.548  1.00 0.00 ? 6 VAL A HG12 14 
ATOM 1427 H HG13 . VAL A 1 6 ? 1.644  6.455  1.310  1.00 0.00 ? 6 VAL A HG13 14 
ATOM 1428 H HG21 . VAL A 1 6 ? -0.784 6.828  1.469  1.00 0.00 ? 6 VAL A HG21 14 
ATOM 1429 H HG22 . VAL A 1 6 ? -1.886 5.469  1.714  1.00 0.00 ? 6 VAL A HG22 14 
ATOM 1430 H HG23 . VAL A 1 6 ? -1.056 5.669  0.171  1.00 0.00 ? 6 VAL A HG23 14 
ATOM 1431 N N    . ASP A 1 7 ? -2.221 2.369  1.592  1.00 0.00 ? 7 ASP A N    14 
ATOM 1432 C CA   . ASP A 1 7 ? -3.429 1.782  2.187  1.00 0.00 ? 7 ASP A CA   14 
ATOM 1433 C C    . ASP A 1 7 ? -3.122 0.485  2.911  1.00 0.00 ? 7 ASP A C    14 
ATOM 1434 O O    . ASP A 1 7 ? -4.007 -0.107 3.528  1.00 0.00 ? 7 ASP A O    14 
ATOM 1435 C CB   . ASP A 1 7 ? -4.478 1.486  1.110  1.00 0.00 ? 7 ASP A CB   14 
ATOM 1436 C CG   . ASP A 1 7 ? -5.098 2.714  0.513  1.00 0.00 ? 7 ASP A CG   14 
ATOM 1437 O OD1  . ASP A 1 7 ? -4.524 3.282  -0.439 1.00 0.00 ? 7 ASP A OD1  14 
ATOM 1438 O OD2  . ASP A 1 7 ? -6.194 3.113  0.962  1.00 0.00 ? 7 ASP A OD2  14 
ATOM 1439 H H    . ASP A 1 7 ? -2.120 2.373  0.618  1.00 0.00 ? 7 ASP A H    14 
ATOM 1440 H HA   . ASP A 1 7 ? -3.846 2.494  2.883  1.00 0.00 ? 7 ASP A HA   14 
ATOM 1441 H HB2  . ASP A 1 7 ? -4.010 0.931  0.312  1.00 0.00 ? 7 ASP A HB2  14 
ATOM 1442 H HB3  . ASP A 1 7 ? -5.260 0.880  1.545  1.00 0.00 ? 7 ASP A HB3  14 
ATOM 1443 N N    . GLY A 1 1 ? -1.859 0.228  2.769  1.00 0.00 ? 1 GLY A N    15 
ATOM 1444 C CA   . GLY A 1 1 ? -1.576 -1.033 3.419  1.00 0.00 ? 1 GLY A CA   15 
ATOM 1445 C C    . GLY A 1 1 ? -1.087 -2.080 2.441  1.00 0.00 ? 1 GLY A C    15 
ATOM 1446 O O    . GLY A 1 1 ? -0.365 -3.000 2.814  1.00 0.00 ? 1 GLY A O    15 
ATOM 1447 H H1   . GLY A 1 1 ? -1.381 0.470  1.948  1.00 0.00 ? 1 GLY A H1   15 
ATOM 1448 H HA2  . GLY A 1 1 ? -0.818 -0.876 4.174  1.00 0.00 ? 1 GLY A HA2  15 
ATOM 1449 H HA3  . GLY A 1 1 ? -2.476 -1.393 3.893  1.00 0.00 ? 1 GLY A HA3  15 
ATOM 1450 N N    . LEU A 1 2 ? -1.495 -1.950 1.195  1.00 0.00 ? 2 LEU A N    15 
ATOM 1451 C CA   . LEU A 1 2 ? -1.065 -2.860 0.127  1.00 0.00 ? 2 LEU A CA   15 
ATOM 1452 C C    . LEU A 1 2 ? 0.396  -2.583 -0.263 1.00 0.00 ? 2 LEU A C    15 
ATOM 1453 O O    . LEU A 1 2 ? 0.890  -1.502 -0.018 1.00 0.00 ? 2 LEU A O    15 
ATOM 1454 C CB   . LEU A 1 2 ? -1.977 -2.707 -1.101 1.00 0.00 ? 2 LEU A CB   15 
ATOM 1455 C CG   . LEU A 1 2 ? -3.429 -3.152 -0.931 1.00 0.00 ? 2 LEU A CG   15 
ATOM 1456 C CD1  . LEU A 1 2 ? -4.212 -2.876 -2.199 1.00 0.00 ? 2 LEU A CD1  15 
ATOM 1457 C CD2  . LEU A 1 2 ? -3.498 -4.635 -0.588 1.00 0.00 ? 2 LEU A CD2  15 
ATOM 1458 H H    . LEU A 1 2 ? -2.121 -1.225 0.990  1.00 0.00 ? 2 LEU A H    15 
ATOM 1459 H HA   . LEU A 1 2 ? -1.140 -3.869 0.500  1.00 0.00 ? 2 LEU A HA   15 
ATOM 1460 H HB2  . LEU A 1 2 ? -1.978 -1.665 -1.384 1.00 0.00 ? 2 LEU A HB2  15 
ATOM 1461 H HB3  . LEU A 1 2 ? -1.545 -3.275 -1.912 1.00 0.00 ? 2 LEU A HB3  15 
ATOM 1462 H HG   . LEU A 1 2 ? -3.883 -2.594 -0.125 1.00 0.00 ? 2 LEU A HG   15 
ATOM 1463 H HD11 . LEU A 1 2 ? -5.238 -3.183 -2.064 1.00 0.00 ? 2 LEU A HD11 15 
ATOM 1464 H HD12 . LEU A 1 2 ? -3.775 -3.427 -3.018 1.00 0.00 ? 2 LEU A HD12 15 
ATOM 1465 H HD13 . LEU A 1 2 ? -4.177 -1.820 -2.418 1.00 0.00 ? 2 LEU A HD13 15 
ATOM 1466 H HD21 . LEU A 1 2 ? -4.531 -4.932 -0.494 1.00 0.00 ? 2 LEU A HD21 15 
ATOM 1467 H HD22 . LEU A 1 2 ? -2.992 -4.816 0.349  1.00 0.00 ? 2 LEU A HD22 15 
ATOM 1468 H HD23 . LEU A 1 2 ? -3.028 -5.211 -1.370 1.00 0.00 ? 2 LEU A HD23 15 
ATOM 1469 N N    . PRO A 1 3 ? 1.109  -3.562 -0.861 1.00 0.00 ? 3 PRO A N    15 
ATOM 1470 C CA   . PRO A 1 3 ? 2.506  -3.377 -1.296 1.00 0.00 ? 3 PRO A CA   15 
ATOM 1471 C C    . PRO A 1 3 ? 2.787  -2.067 -2.121 1.00 0.00 ? 3 PRO A C    15 
ATOM 1472 O O    . PRO A 1 3 ? 3.721  -1.339 -1.788 1.00 0.00 ? 3 PRO A O    15 
ATOM 1473 C CB   . PRO A 1 3 ? 2.823  -4.645 -2.098 1.00 0.00 ? 3 PRO A CB   15 
ATOM 1474 C CG   . PRO A 1 3 ? 1.903  -5.675 -1.536 1.00 0.00 ? 3 PRO A CG   15 
ATOM 1475 C CD   . PRO A 1 3 ? 0.647  -4.946 -1.120 1.00 0.00 ? 3 PRO A CD   15 
ATOM 1476 H HA   . PRO A 1 3 ? 3.138  -3.347 -0.421 1.00 0.00 ? 3 PRO A HA   15 
ATOM 1477 H HB2  . PRO A 1 3 ? 2.653  -4.475 -3.150 1.00 0.00 ? 3 PRO A HB2  15 
ATOM 1478 H HB3  . PRO A 1 3 ? 3.856  -4.920 -1.941 1.00 0.00 ? 3 PRO A HB3  15 
ATOM 1479 H HG2  . PRO A 1 3 ? 1.676  -6.414 -2.290 1.00 0.00 ? 3 PRO A HG2  15 
ATOM 1480 H HG3  . PRO A 1 3 ? 2.362  -6.147 -0.680 1.00 0.00 ? 3 PRO A HG3  15 
ATOM 1481 H HD2  . PRO A 1 3 ? -0.085 -4.969 -1.913 1.00 0.00 ? 3 PRO A HD2  15 
ATOM 1482 H HD3  . PRO A 1 3 ? 0.240  -5.391 -0.222 1.00 0.00 ? 3 PRO A HD3  15 
ATOM 1483 N N    . PRO A 1 4 ? 1.994  -1.720 -3.191 1.00 0.00 ? 4 PRO A N    15 
ATOM 1484 C CA   . PRO A 1 4 ? 2.247  -0.517 -3.978 1.00 0.00 ? 4 PRO A CA   15 
ATOM 1485 C C    . PRO A 1 4 ? 1.436  0.701  -3.511 1.00 0.00 ? 4 PRO A C    15 
ATOM 1486 O O    . PRO A 1 4 ? 1.422  1.737  -4.182 1.00 0.00 ? 4 PRO A O    15 
ATOM 1487 C CB   . PRO A 1 4 ? 1.788  -0.924 -5.391 1.00 0.00 ? 4 PRO A CB   15 
ATOM 1488 C CG   . PRO A 1 4 ? 1.044  -2.227 -5.236 1.00 0.00 ? 4 PRO A CG   15 
ATOM 1489 C CD   . PRO A 1 4 ? 0.869  -2.461 -3.764 1.00 0.00 ? 4 PRO A CD   15 
ATOM 1490 H HA   . PRO A 1 4 ? 3.297  -0.270 -4.007 1.00 0.00 ? 4 PRO A HA   15 
ATOM 1491 H HB2  . PRO A 1 4 ? 1.144  -0.153 -5.786 1.00 0.00 ? 4 PRO A HB2  15 
ATOM 1492 H HB3  . PRO A 1 4 ? 2.648  -1.035 -6.033 1.00 0.00 ? 4 PRO A HB3  15 
ATOM 1493 H HG2  . PRO A 1 4 ? 0.078  -2.156 -5.711 1.00 0.00 ? 4 PRO A HG2  15 
ATOM 1494 H HG3  . PRO A 1 4 ? 1.617  -3.030 -5.676 1.00 0.00 ? 4 PRO A HG3  15 
ATOM 1495 H HD2  . PRO A 1 4 ? -0.073 -2.055 -3.425 1.00 0.00 ? 4 PRO A HD2  15 
ATOM 1496 H HD3  . PRO A 1 4 ? 0.932  -3.513 -3.527 1.00 0.00 ? 4 PRO A HD3  15 
ATOM 1497 N N    . TYR A 1 5 ? 0.763  0.586  -2.386 1.00 0.00 ? 5 TYR A N    15 
ATOM 1498 C CA   . TYR A 1 5 ? -0.090 1.666  -1.909 1.00 0.00 ? 5 TYR A CA   15 
ATOM 1499 C C    . TYR A 1 5 ? 0.090  1.855  -0.429 1.00 0.00 ? 5 TYR A C    15 
ATOM 1500 O O    . TYR A 1 5 ? -0.036 0.912  0.335  1.00 0.00 ? 5 TYR A O    15 
ATOM 1501 C CB   . TYR A 1 5 ? -1.572 1.385  -2.207 1.00 0.00 ? 5 TYR A CB   15 
ATOM 1502 C CG   . TYR A 1 5 ? -1.918 1.272  -3.680 1.00 0.00 ? 5 TYR A CG   15 
ATOM 1503 C CD1  . TYR A 1 5 ? -2.189 2.401  -4.433 1.00 0.00 ? 5 TYR A CD1  15 
ATOM 1504 C CD2  . TYR A 1 5 ? -1.970 0.035  -4.311 1.00 0.00 ? 5 TYR A CD2  15 
ATOM 1505 C CE1  . TYR A 1 5 ? -2.499 2.302  -5.773 1.00 0.00 ? 5 TYR A CE1  15 
ATOM 1506 C CE2  . TYR A 1 5 ? -2.279 -0.069 -5.650 1.00 0.00 ? 5 TYR A CE2  15 
ATOM 1507 C CZ   . TYR A 1 5 ? -2.543 1.066  -6.376 1.00 0.00 ? 5 TYR A CZ   15 
ATOM 1508 O OH   . TYR A 1 5 ? -2.846 0.970  -7.717 1.00 0.00 ? 5 TYR A OH   15 
ATOM 1509 H H    . TYR A 1 5 ? 0.868  -0.223 -1.838 1.00 0.00 ? 5 TYR A H    15 
ATOM 1510 H HA   . TYR A 1 5 ? 0.201  2.572  -2.423 1.00 0.00 ? 5 TYR A HA   15 
ATOM 1511 H HB2  . TYR A 1 5 ? -1.851 0.456  -1.734 1.00 0.00 ? 5 TYR A HB2  15 
ATOM 1512 H HB3  . TYR A 1 5 ? -2.166 2.182  -1.785 1.00 0.00 ? 5 TYR A HB3  15 
ATOM 1513 H HD1  . TYR A 1 5 ? -2.153 3.371  -3.959 1.00 0.00 ? 5 TYR A HD1  15 
ATOM 1514 H HD2  . TYR A 1 5 ? -1.764 -0.856 -3.736 1.00 0.00 ? 5 TYR A HD2  15 
ATOM 1515 H HE1  . TYR A 1 5 ? -2.708 3.194  -6.345 1.00 0.00 ? 5 TYR A HE1  15 
ATOM 1516 H HE2  . TYR A 1 5 ? -2.311 -1.039 -6.124 1.00 0.00 ? 5 TYR A HE2  15 
ATOM 1517 H HH   . TYR A 1 5 ? -2.331 1.655  -8.155 1.00 0.00 ? 5 TYR A HH   15 
ATOM 1518 N N    . VAL A 1 6 ? 0.302  3.079  -0.008 1.00 0.00 ? 6 VAL A N    15 
ATOM 1519 C CA   . VAL A 1 6 ? 0.568  3.381  1.409  1.00 0.00 ? 6 VAL A CA   15 
ATOM 1520 C C    . VAL A 1 6 ? -0.645 3.121  2.329  1.00 0.00 ? 6 VAL A C    15 
ATOM 1521 O O    . VAL A 1 6 ? -0.559 3.295  3.537  1.00 0.00 ? 6 VAL A O    15 
ATOM 1522 C CB   . VAL A 1 6 ? 1.099  4.818  1.622  1.00 0.00 ? 6 VAL A CB   15 
ATOM 1523 C CG1  . VAL A 1 6 ? 2.392  5.028  0.858  1.00 0.00 ? 6 VAL A CG1  15 
ATOM 1524 C CG2  . VAL A 1 6 ? 0.075  5.865  1.220  1.00 0.00 ? 6 VAL A CG2  15 
ATOM 1525 H H    . VAL A 1 6 ? 0.291  3.812  -0.662 1.00 0.00 ? 6 VAL A H    15 
ATOM 1526 H HA   . VAL A 1 6 ? 1.342  2.692  1.715  1.00 0.00 ? 6 VAL A HA   15 
ATOM 1527 H HB   . VAL A 1 6 ? 1.301  4.923  2.678  1.00 0.00 ? 6 VAL A HB   15 
ATOM 1528 H HG11 . VAL A 1 6 ? 2.752  6.032  1.026  1.00 0.00 ? 6 VAL A HG11 15 
ATOM 1529 H HG12 . VAL A 1 6 ? 2.209  4.884  -0.196 1.00 0.00 ? 6 VAL A HG12 15 
ATOM 1530 H HG13 . VAL A 1 6 ? 3.130  4.316  1.196  1.00 0.00 ? 6 VAL A HG13 15 
ATOM 1531 H HG21 . VAL A 1 6 ? -0.831 5.717  1.789  1.00 0.00 ? 6 VAL A HG21 15 
ATOM 1532 H HG22 . VAL A 1 6 ? -0.134 5.775  0.166  1.00 0.00 ? 6 VAL A HG22 15 
ATOM 1533 H HG23 . VAL A 1 6 ? 0.468  6.851  1.424  1.00 0.00 ? 6 VAL A HG23 15 
ATOM 1534 N N    . ASP A 1 7 ? -1.760 2.715  1.739  1.00 0.00 ? 7 ASP A N    15 
ATOM 1535 C CA   . ASP A 1 7 ? -2.972 2.353  2.489  1.00 0.00 ? 7 ASP A CA   15 
ATOM 1536 C C    . ASP A 1 7 ? -2.725 1.087  3.293  1.00 0.00 ? 7 ASP A C    15 
ATOM 1537 O O    . ASP A 1 7 ? -3.305 0.894  4.366  1.00 0.00 ? 7 ASP A O    15 
ATOM 1538 C CB   . ASP A 1 7 ? -4.168 2.088  1.557  1.00 0.00 ? 7 ASP A CB   15 
ATOM 1539 C CG   . ASP A 1 7 ? -4.574 3.255  0.704  1.00 0.00 ? 7 ASP A CG   15 
ATOM 1540 O OD1  . ASP A 1 7 ? -4.215 3.271  -0.493 1.00 0.00 ? 7 ASP A OD1  15 
ATOM 1541 O OD2  . ASP A 1 7 ? -5.271 4.167  1.200  1.00 0.00 ? 7 ASP A OD2  15 
ATOM 1542 H H    . ASP A 1 7 ? -1.750 2.676  0.761  1.00 0.00 ? 7 ASP A H    15 
ATOM 1543 H HA   . ASP A 1 7 ? -3.215 3.164  3.158  1.00 0.00 ? 7 ASP A HA   15 
ATOM 1544 H HB2  . ASP A 1 7 ? -3.916 1.272  0.896  1.00 0.00 ? 7 ASP A HB2  15 
ATOM 1545 H HB3  . ASP A 1 7 ? -5.014 1.792  2.161  1.00 0.00 ? 7 ASP A HB3  15 
ATOM 1546 N N    . GLY A 1 1 ? -1.801 1.091  2.166  1.00 0.00 ? 1 GLY A N    16 
ATOM 1547 C CA   . GLY A 1 1 ? -2.386 -0.226 2.192  1.00 0.00 ? 1 GLY A CA   16 
ATOM 1548 C C    . GLY A 1 1 ? -1.414 -1.298 1.765  1.00 0.00 ? 1 GLY A C    16 
ATOM 1549 O O    . GLY A 1 1 ? -0.303 -1.371 2.291  1.00 0.00 ? 1 GLY A O    16 
ATOM 1550 H H1   . GLY A 1 1 ? -0.939 1.221  1.712  1.00 0.00 ? 1 GLY A H1   16 
ATOM 1551 H HA2  . GLY A 1 1 ? -2.720 -0.436 3.198  1.00 0.00 ? 1 GLY A HA2  16 
ATOM 1552 H HA3  . GLY A 1 1 ? -3.238 -0.238 1.531  1.00 0.00 ? 1 GLY A HA3  16 
ATOM 1553 N N    . LEU A 1 2 ? -1.833 -2.112 0.805  1.00 0.00 ? 2 LEU A N    16 
ATOM 1554 C CA   . LEU A 1 2 ? -1.031 -3.208 0.264  1.00 0.00 ? 2 LEU A CA   16 
ATOM 1555 C C    . LEU A 1 2 ? 0.190  -2.644 -0.452 1.00 0.00 ? 2 LEU A C    16 
ATOM 1556 O O    . LEU A 1 2 ? 0.103  -1.551 -0.958 1.00 0.00 ? 2 LEU A O    16 
ATOM 1557 C CB   . LEU A 1 2 ? -1.885 -4.039 -0.709 1.00 0.00 ? 2 LEU A CB   16 
ATOM 1558 C CG   . LEU A 1 2 ? -3.104 -4.743 -0.104 1.00 0.00 ? 2 LEU A CG   16 
ATOM 1559 C CD1  . LEU A 1 2 ? -3.865 -5.498 -1.175 1.00 0.00 ? 2 LEU A CD1  16 
ATOM 1560 C CD2  . LEU A 1 2 ? -2.680 -5.686 1.012  1.00 0.00 ? 2 LEU A CD2  16 
ATOM 1561 H H    . LEU A 1 2 ? -2.720 -1.956 0.418  1.00 0.00 ? 2 LEU A H    16 
ATOM 1562 H HA   . LEU A 1 2 ? -0.707 -3.835 1.081  1.00 0.00 ? 2 LEU A HA   16 
ATOM 1563 H HB2  . LEU A 1 2 ? -2.235 -3.377 -1.486 1.00 0.00 ? 2 LEU A HB2  16 
ATOM 1564 H HB3  . LEU A 1 2 ? -1.257 -4.789 -1.165 1.00 0.00 ? 2 LEU A HB3  16 
ATOM 1565 H HG   . LEU A 1 2 ? -3.768 -3.999 0.313  1.00 0.00 ? 2 LEU A HG   16 
ATOM 1566 H HD11 . LEU A 1 2 ? -4.205 -4.809 -1.933 1.00 0.00 ? 2 LEU A HD11 16 
ATOM 1567 H HD12 . LEU A 1 2 ? -4.715 -5.993 -0.728 1.00 0.00 ? 2 LEU A HD12 16 
ATOM 1568 H HD13 . LEU A 1 2 ? -3.216 -6.235 -1.624 1.00 0.00 ? 2 LEU A HD13 16 
ATOM 1569 H HD21 . LEU A 1 2 ? -1.973 -6.407 0.626  1.00 0.00 ? 2 LEU A HD21 16 
ATOM 1570 H HD22 . LEU A 1 2 ? -3.550 -6.206 1.381  1.00 0.00 ? 2 LEU A HD22 16 
ATOM 1571 H HD23 . LEU A 1 2 ? -2.227 -5.126 1.817  1.00 0.00 ? 2 LEU A HD23 16 
ATOM 1572 N N    . PRO A 1 3 ? 1.317  -3.426 -0.534 1.00 0.00 ? 3 PRO A N    16 
ATOM 1573 C CA   . PRO A 1 3 ? 2.634  -2.995 -1.070 1.00 0.00 ? 3 PRO A CA   16 
ATOM 1574 C C    . PRO A 1 3 ? 2.679  -1.791 -2.080 1.00 0.00 ? 3 PRO A C    16 
ATOM 1575 O O    . PRO A 1 3 ? 3.456  -0.859 -1.852 1.00 0.00 ? 3 PRO A O    16 
ATOM 1576 C CB   . PRO A 1 3 ? 3.199  -4.281 -1.655 1.00 0.00 ? 3 PRO A CB   16 
ATOM 1577 C CG   . PRO A 1 3 ? 2.713  -5.341 -0.715 1.00 0.00 ? 3 PRO A CG   16 
ATOM 1578 C CD   . PRO A 1 3 ? 1.401  -4.846 -0.112 1.00 0.00 ? 3 PRO A CD   16 
ATOM 1579 H HA   . PRO A 1 3 ? 3.261  -2.710 -0.239 1.00 0.00 ? 3 PRO A HA   16 
ATOM 1580 H HB2  . PRO A 1 3 ? 2.816  -4.421 -2.656 1.00 0.00 ? 3 PRO A HB2  16 
ATOM 1581 H HB3  . PRO A 1 3 ? 4.277  -4.236 -1.673 1.00 0.00 ? 3 PRO A HB3  16 
ATOM 1582 H HG2  . PRO A 1 3 ? 2.551  -6.261 -1.257 1.00 0.00 ? 3 PRO A HG2  16 
ATOM 1583 H HG3  . PRO A 1 3 ? 3.444  -5.497 0.064  1.00 0.00 ? 3 PRO A HG3  16 
ATOM 1584 H HD2  . PRO A 1 3 ? 0.575  -5.417 -0.510 1.00 0.00 ? 3 PRO A HD2  16 
ATOM 1585 H HD3  . PRO A 1 3 ? 1.427  -4.932 0.963  1.00 0.00 ? 3 PRO A HD3  16 
ATOM 1586 N N    . PRO A 1 4 ? 1.909  -1.783 -3.231 1.00 0.00 ? 4 PRO A N    16 
ATOM 1587 C CA   . PRO A 1 4 ? 1.896  -0.627 -4.164 1.00 0.00 ? 4 PRO A CA   16 
ATOM 1588 C C    . PRO A 1 4 ? 1.450  0.694  -3.493 1.00 0.00 ? 4 PRO A C    16 
ATOM 1589 O O    . PRO A 1 4 ? 1.897  1.779  -3.867 1.00 0.00 ? 4 PRO A O    16 
ATOM 1590 C CB   . PRO A 1 4 ? 0.888  -1.035 -5.246 1.00 0.00 ? 4 PRO A CB   16 
ATOM 1591 C CG   . PRO A 1 4 ? 0.106  -2.157 -4.653 1.00 0.00 ? 4 PRO A CG   16 
ATOM 1592 C CD   . PRO A 1 4 ? 1.048  -2.875 -3.741 1.00 0.00 ? 4 PRO A CD   16 
ATOM 1593 H HA   . PRO A 1 4 ? 2.870  -0.481 -4.607 1.00 0.00 ? 4 PRO A HA   16 
ATOM 1594 H HB2  . PRO A 1 4 ? 0.253  -0.192 -5.478 1.00 0.00 ? 4 PRO A HB2  16 
ATOM 1595 H HB3  . PRO A 1 4 ? 1.417  -1.348 -6.133 1.00 0.00 ? 4 PRO A HB3  16 
ATOM 1596 H HG2  . PRO A 1 4 ? -0.731 -1.768 -4.095 1.00 0.00 ? 4 PRO A HG2  16 
ATOM 1597 H HG3  . PRO A 1 4 ? -0.241 -2.818 -5.433 1.00 0.00 ? 4 PRO A HG3  16 
ATOM 1598 H HD2  . PRO A 1 4 ? 0.512  -3.356 -2.936 1.00 0.00 ? 4 PRO A HD2  16 
ATOM 1599 H HD3  . PRO A 1 4 ? 1.635  -3.593 -4.296 1.00 0.00 ? 4 PRO A HD3  16 
ATOM 1600 N N    . TYR A 1 5 ? 0.624  0.578  -2.489 1.00 0.00 ? 5 TYR A N    16 
ATOM 1601 C CA   . TYR A 1 5 ? 0.093  1.704  -1.766 1.00 0.00 ? 5 TYR A CA   16 
ATOM 1602 C C    . TYR A 1 5 ? 0.747  1.783  -0.413 1.00 0.00 ? 5 TYR A C    16 
ATOM 1603 O O    . TYR A 1 5 ? 0.830  0.797  0.300  1.00 0.00 ? 5 TYR A O    16 
ATOM 1604 C CB   . TYR A 1 5 ? -1.418 1.551  -1.555 1.00 0.00 ? 5 TYR A CB   16 
ATOM 1605 C CG   . TYR A 1 5 ? -2.247 1.614  -2.805 1.00 0.00 ? 5 TYR A CG   16 
ATOM 1606 C CD1  . TYR A 1 5 ? -2.505 0.481  -3.555 1.00 0.00 ? 5 TYR A CD1  16 
ATOM 1607 C CD2  . TYR A 1 5 ? -2.784 2.811  -3.224 1.00 0.00 ? 5 TYR A CD2  16 
ATOM 1608 C CE1  . TYR A 1 5 ? -3.276 0.546  -4.694 1.00 0.00 ? 5 TYR A CE1  16 
ATOM 1609 C CE2  . TYR A 1 5 ? -3.556 2.890  -4.357 1.00 0.00 ? 5 TYR A CE2  16 
ATOM 1610 C CZ   . TYR A 1 5 ? -3.799 1.757  -5.090 1.00 0.00 ? 5 TYR A CZ   16 
ATOM 1611 O OH   . TYR A 1 5 ? -4.569 1.835  -6.230 1.00 0.00 ? 5 TYR A OH   16 
ATOM 1612 H H    . TYR A 1 5 ? 0.386  -0.322 -2.166 1.00 0.00 ? 5 TYR A H    16 
ATOM 1613 H HA   . TYR A 1 5 ? 0.278  2.607  -2.328 1.00 0.00 ? 5 TYR A HA   16 
ATOM 1614 H HB2  . TYR A 1 5 ? -1.608 0.595  -1.089 1.00 0.00 ? 5 TYR A HB2  16 
ATOM 1615 H HB3  . TYR A 1 5 ? -1.753 2.332  -0.890 1.00 0.00 ? 5 TYR A HB3  16 
ATOM 1616 H HD1  . TYR A 1 5 ? -2.091 -0.463 -3.235 1.00 0.00 ? 5 TYR A HD1  16 
ATOM 1617 H HD2  . TYR A 1 5 ? -2.586 3.699  -2.643 1.00 0.00 ? 5 TYR A HD2  16 
ATOM 1618 H HE1  . TYR A 1 5 ? -3.467 -0.350 -5.265 1.00 0.00 ? 5 TYR A HE1  16 
ATOM 1619 H HE2  . TYR A 1 5 ? -3.966 3.840  -4.665 1.00 0.00 ? 5 TYR A HE2  16 
ATOM 1620 H HH   . TYR A 1 5 ? -5.207 1.115  -6.204 1.00 0.00 ? 5 TYR A HH   16 
ATOM 1621 N N    . VAL A 1 6 ? 1.194  2.941  -0.039 1.00 0.00 ? 6 VAL A N    16 
ATOM 1622 C CA   . VAL A 1 6 ? 1.775  3.125  1.283  1.00 0.00 ? 6 VAL A CA   16 
ATOM 1623 C C    . VAL A 1 6 ? 0.647  3.101  2.326  1.00 0.00 ? 6 VAL A C    16 
ATOM 1624 O O    . VAL A 1 6 ? 0.834  2.709  3.485  1.00 0.00 ? 6 VAL A O    16 
ATOM 1625 C CB   . VAL A 1 6 ? 2.576  4.451  1.357  1.00 0.00 ? 6 VAL A CB   16 
ATOM 1626 C CG1  . VAL A 1 6 ? 3.141  4.687  2.747  1.00 0.00 ? 6 VAL A CG1  16 
ATOM 1627 C CG2  . VAL A 1 6 ? 3.701  4.423  0.341  1.00 0.00 ? 6 VAL A CG2  16 
ATOM 1628 H H    . VAL A 1 6 ? 1.141  3.702  -0.658 1.00 0.00 ? 6 VAL A H    16 
ATOM 1629 H HA   . VAL A 1 6 ? 2.434  2.290  1.470  1.00 0.00 ? 6 VAL A HA   16 
ATOM 1630 H HB   . VAL A 1 6 ? 1.920  5.269  1.104  1.00 0.00 ? 6 VAL A HB   16 
ATOM 1631 H HG11 . VAL A 1 6 ? 2.332  4.750  3.460  1.00 0.00 ? 6 VAL A HG11 16 
ATOM 1632 H HG12 . VAL A 1 6 ? 3.706  5.607  2.756  1.00 0.00 ? 6 VAL A HG12 16 
ATOM 1633 H HG13 . VAL A 1 6 ? 3.788  3.863  3.010  1.00 0.00 ? 6 VAL A HG13 16 
ATOM 1634 H HG21 . VAL A 1 6 ? 4.235  5.360  0.364  1.00 0.00 ? 6 VAL A HG21 16 
ATOM 1635 H HG22 . VAL A 1 6 ? 3.295  4.259  -0.645 1.00 0.00 ? 6 VAL A HG22 16 
ATOM 1636 H HG23 . VAL A 1 6 ? 4.380  3.618  0.586  1.00 0.00 ? 6 VAL A HG23 16 
ATOM 1637 N N    . ASP A 1 7 ? -0.531 3.439  1.868  1.00 0.00 ? 7 ASP A N    16 
ATOM 1638 C CA   . ASP A 1 7 ? -1.727 3.474  2.689  1.00 0.00 ? 7 ASP A CA   16 
ATOM 1639 C C    . ASP A 1 7 ? -2.401 2.098  2.773  1.00 0.00 ? 7 ASP A C    16 
ATOM 1640 O O    . ASP A 1 7 ? -3.447 1.951  3.421  1.00 0.00 ? 7 ASP A O    16 
ATOM 1641 C CB   . ASP A 1 7 ? -2.720 4.512  2.142  1.00 0.00 ? 7 ASP A CB   16 
ATOM 1642 C CG   . ASP A 1 7 ? -3.159 4.229  0.718  1.00 0.00 ? 7 ASP A CG   16 
ATOM 1643 O OD1  . ASP A 1 7 ? -2.368 4.483  -0.216 1.00 0.00 ? 7 ASP A OD1  16 
ATOM 1644 O OD2  . ASP A 1 7 ? -4.312 3.779  0.502  1.00 0.00 ? 7 ASP A OD2  16 
ATOM 1645 H H    . ASP A 1 7 ? -0.616 3.692  0.923  1.00 0.00 ? 7 ASP A H    16 
ATOM 1646 H HA   . ASP A 1 7 ? -1.434 3.776  3.682  1.00 0.00 ? 7 ASP A HA   16 
ATOM 1647 H HB2  . ASP A 1 7 ? -3.600 4.519  2.769  1.00 0.00 ? 7 ASP A HB2  16 
ATOM 1648 H HB3  . ASP A 1 7 ? -2.259 5.488  2.173  1.00 0.00 ? 7 ASP A HB3  16 
ATOM 1649 N N    . GLY A 1 1 ? -2.048 0.984  2.173  1.00 0.00 ? 1 GLY A N    17 
ATOM 1650 C CA   . GLY A 1 1 ? -2.550 -0.366 2.232  1.00 0.00 ? 1 GLY A CA   17 
ATOM 1651 C C    . GLY A 1 1 ? -1.548 -1.418 1.842  1.00 0.00 ? 1 GLY A C    17 
ATOM 1652 O O    . GLY A 1 1 ? -0.533 -1.610 2.524  1.00 0.00 ? 1 GLY A O    17 
ATOM 1653 H H1   . GLY A 1 1 ? -1.194 1.174  1.731  1.00 0.00 ? 1 GLY A H1   17 
ATOM 1654 H HA2  . GLY A 1 1 ? -2.871 -0.564 3.244  1.00 0.00 ? 1 GLY A HA2  17 
ATOM 1655 H HA3  . GLY A 1 1 ? -3.409 -0.439 1.585  1.00 0.00 ? 1 GLY A HA3  17 
ATOM 1656 N N    . LEU A 1 2 ? -1.835 -2.099 0.754  1.00 0.00 ? 2 LEU A N    17 
ATOM 1657 C CA   . LEU A 1 2 ? -1.011 -3.193 0.248  1.00 0.00 ? 2 LEU A CA   17 
ATOM 1658 C C    . LEU A 1 2 ? 0.263  -2.637 -0.387 1.00 0.00 ? 2 LEU A C    17 
ATOM 1659 O O    . LEU A 1 2 ? 0.283  -1.474 -0.718 1.00 0.00 ? 2 LEU A O    17 
ATOM 1660 C CB   . LEU A 1 2 ? -1.819 -4.019 -0.776 1.00 0.00 ? 2 LEU A CB   17 
ATOM 1661 C CG   . LEU A 1 2 ? -3.076 -4.724 -0.243 1.00 0.00 ? 2 LEU A CG   17 
ATOM 1662 C CD1  . LEU A 1 2 ? -3.754 -5.513 -1.350 1.00 0.00 ? 2 LEU A CD1  17 
ATOM 1663 C CD2  . LEU A 1 2 ? -2.734 -5.640 0.928  1.00 0.00 ? 2 LEU A CD2  17 
ATOM 1664 H H    . LEU A 1 2 ? -2.628 -1.839 0.234  1.00 0.00 ? 2 LEU A H    17 
ATOM 1665 H HA   . LEU A 1 2 ? -0.741 -3.826 1.081  1.00 0.00 ? 2 LEU A HA   17 
ATOM 1666 H HB2  . LEU A 1 2 ? -2.131 -3.345 -1.561 1.00 0.00 ? 2 LEU A HB2  17 
ATOM 1667 H HB3  . LEU A 1 2 ? -1.176 -4.764 -1.218 1.00 0.00 ? 2 LEU A HB3  17 
ATOM 1668 H HG   . LEU A 1 2 ? -3.773 -3.975 0.103  1.00 0.00 ? 2 LEU A HG   17 
ATOM 1669 H HD11 . LEU A 1 2 ? -4.033 -4.847 -2.152 1.00 0.00 ? 2 LEU A HD11 17 
ATOM 1670 H HD12 . LEU A 1 2 ? -4.640 -5.993 -0.959 1.00 0.00 ? 2 LEU A HD12 17 
ATOM 1671 H HD13 . LEU A 1 2 ? -3.075 -6.264 -1.725 1.00 0.00 ? 2 LEU A HD13 17 
ATOM 1672 H HD21 . LEU A 1 2 ? -3.629 -6.143 1.262  1.00 0.00 ? 2 LEU A HD21 17 
ATOM 1673 H HD22 . LEU A 1 2 ? -2.334 -5.053 1.742  1.00 0.00 ? 2 LEU A HD22 17 
ATOM 1674 H HD23 . LEU A 1 2 ? -2.004 -6.373 0.615  1.00 0.00 ? 2 LEU A HD23 17 
ATOM 1675 N N    . PRO A 1 3 ? 1.335  -3.479 -0.562 1.00 0.00 ? 3 PRO A N    17 
ATOM 1676 C CA   . PRO A 1 3 ? 2.651  -3.102 -1.133 1.00 0.00 ? 3 PRO A CA   17 
ATOM 1677 C C    . PRO A 1 3 ? 2.708  -1.874 -2.108 1.00 0.00 ? 3 PRO A C    17 
ATOM 1678 O O    . PRO A 1 3 ? 3.518  -0.968 -1.876 1.00 0.00 ? 3 PRO A O    17 
ATOM 1679 C CB   . PRO A 1 3 ? 3.141  -4.407 -1.802 1.00 0.00 ? 3 PRO A CB   17 
ATOM 1680 C CG   . PRO A 1 3 ? 2.223  -5.496 -1.291 1.00 0.00 ? 3 PRO A CG   17 
ATOM 1681 C CD   . PRO A 1 3 ? 1.387  -4.893 -0.186 1.00 0.00 ? 3 PRO A CD   17 
ATOM 1682 H HA   . PRO A 1 3 ? 3.327  -2.874 -0.323 1.00 0.00 ? 3 PRO A HA   17 
ATOM 1683 H HB2  . PRO A 1 3 ? 3.076  -4.307 -2.875 1.00 0.00 ? 3 PRO A HB2  17 
ATOM 1684 H HB3  . PRO A 1 3 ? 4.167  -4.598 -1.523 1.00 0.00 ? 3 PRO A HB3  17 
ATOM 1685 H HG2  . PRO A 1 3 ? 1.585  -5.839 -2.091 1.00 0.00 ? 3 PRO A HG2  17 
ATOM 1686 H HG3  . PRO A 1 3 ? 2.811  -6.319 -0.910 1.00 0.00 ? 3 PRO A HG3  17 
ATOM 1687 H HD2  . PRO A 1 3 ? 0.405  -5.340 -0.154 1.00 0.00 ? 3 PRO A HD2  17 
ATOM 1688 H HD3  . PRO A 1 3 ? 1.886  -5.018 0.764  1.00 0.00 ? 3 PRO A HD3  17 
ATOM 1689 N N    . PRO A 1 4 ? 1.875  -1.802 -3.202 1.00 0.00 ? 4 PRO A N    17 
ATOM 1690 C CA   . PRO A 1 4 ? 1.909  -0.655 -4.131 1.00 0.00 ? 4 PRO A CA   17 
ATOM 1691 C C    . PRO A 1 4 ? 1.395  0.671  -3.525 1.00 0.00 ? 4 PRO A C    17 
ATOM 1692 O O    . PRO A 1 4 ? 1.645  1.748  -4.076 1.00 0.00 ? 4 PRO A O    17 
ATOM 1693 C CB   . PRO A 1 4 ? 0.982  -1.095 -5.273 1.00 0.00 ? 4 PRO A CB   17 
ATOM 1694 C CG   . PRO A 1 4 ? 0.062  -2.080 -4.651 1.00 0.00 ? 4 PRO A CG   17 
ATOM 1695 C CD   . PRO A 1 4 ? 0.892  -2.823 -3.656 1.00 0.00 ? 4 PRO A CD   17 
ATOM 1696 H HA   . PRO A 1 4 ? 2.902  -0.501 -4.524 1.00 0.00 ? 4 PRO A HA   17 
ATOM 1697 H HB2  . PRO A 1 4 ? 0.449  -0.237 -5.657 1.00 0.00 ? 4 PRO A HB2  17 
ATOM 1698 H HB3  . PRO A 1 4 ? 1.564  -1.547 -6.062 1.00 0.00 ? 4 PRO A HB3  17 
ATOM 1699 H HG2  . PRO A 1 4 ? -0.749 -1.564 -4.157 1.00 0.00 ? 4 PRO A HG2  17 
ATOM 1700 H HG3  . PRO A 1 4 ? -0.322 -2.756 -5.401 1.00 0.00 ? 4 PRO A HG3  17 
ATOM 1701 H HD2  . PRO A 1 4 ? 0.282  -3.166 -2.832 1.00 0.00 ? 4 PRO A HD2  17 
ATOM 1702 H HD3  . PRO A 1 4 ? 1.395  -3.653 -4.129 1.00 0.00 ? 4 PRO A HD3  17 
ATOM 1703 N N    . TYR A 1 5 ? 0.701  0.602  -2.406 1.00 0.00 ? 5 TYR A N    17 
ATOM 1704 C CA   . TYR A 1 5 ? 0.103  1.781  -1.799 1.00 0.00 ? 5 TYR A CA   17 
ATOM 1705 C C    . TYR A 1 5 ? 0.583  1.963  -0.374 1.00 0.00 ? 5 TYR A C    17 
ATOM 1706 O O    . TYR A 1 5 ? 0.668  1.007  0.388  1.00 0.00 ? 5 TYR A O    17 
ATOM 1707 C CB   . TYR A 1 5 ? -1.426 1.685  -1.805 1.00 0.00 ? 5 TYR A CB   17 
ATOM 1708 C CG   . TYR A 1 5 ? -2.035 1.580  -3.180 1.00 0.00 ? 5 TYR A CG   17 
ATOM 1709 C CD1  . TYR A 1 5 ? -2.035 2.665  -4.036 1.00 0.00 ? 5 TYR A CD1  17 
ATOM 1710 C CD2  . TYR A 1 5 ? -2.621 0.402  -3.615 1.00 0.00 ? 5 TYR A CD2  17 
ATOM 1711 C CE1  . TYR A 1 5 ? -2.597 2.585  -5.288 1.00 0.00 ? 5 TYR A CE1  17 
ATOM 1712 C CE2  . TYR A 1 5 ? -3.187 0.311  -4.869 1.00 0.00 ? 5 TYR A CE2  17 
ATOM 1713 C CZ   . TYR A 1 5 ? -3.173 1.407  -5.703 1.00 0.00 ? 5 TYR A CZ   17 
ATOM 1714 O OH   . TYR A 1 5 ? -3.751 1.331  -6.963 1.00 0.00 ? 5 TYR A OH   17 
ATOM 1715 H H    . TYR A 1 5 ? 0.614  -0.260 -1.935 1.00 0.00 ? 5 TYR A H    17 
ATOM 1716 H HA   . TYR A 1 5 ? 0.394  2.641  -2.382 1.00 0.00 ? 5 TYR A HA   17 
ATOM 1717 H HB2  . TYR A 1 5 ? -1.723 0.809  -1.247 1.00 0.00 ? 5 TYR A HB2  17 
ATOM 1718 H HB3  . TYR A 1 5 ? -1.833 2.561  -1.324 1.00 0.00 ? 5 TYR A HB3  17 
ATOM 1719 H HD1  . TYR A 1 5 ? -1.580 3.587  -3.707 1.00 0.00 ? 5 TYR A HD1  17 
ATOM 1720 H HD2  . TYR A 1 5 ? -2.632 -0.456 -2.960 1.00 0.00 ? 5 TYR A HD2  17 
ATOM 1721 H HE1  . TYR A 1 5 ? -2.585 3.445  -5.939 1.00 0.00 ? 5 TYR A HE1  17 
ATOM 1722 H HE2  . TYR A 1 5 ? -3.637 -0.616 -5.189 1.00 0.00 ? 5 TYR A HE2  17 
ATOM 1723 H HH   . TYR A 1 5 ? -4.629 0.955  -6.811 1.00 0.00 ? 5 TYR A HH   17 
ATOM 1724 N N    . VAL A 1 6 ? 0.841  3.193  0.001  1.00 0.00 ? 6 VAL A N    17 
ATOM 1725 C CA   . VAL A 1 6 ? 1.313  3.504  1.348  1.00 0.00 ? 6 VAL A CA   17 
ATOM 1726 C C    . VAL A 1 6 ? 0.175  3.275  2.342  1.00 0.00 ? 6 VAL A C    17 
ATOM 1727 O O    . VAL A 1 6 ? 0.384  2.863  3.491  1.00 0.00 ? 6 VAL A O    17 
ATOM 1728 C CB   . VAL A 1 6 ? 1.782  4.981  1.456  1.00 0.00 ? 6 VAL A CB   17 
ATOM 1729 C CG1  . VAL A 1 6 ? 2.394  5.267  2.818  1.00 0.00 ? 6 VAL A CG1  17 
ATOM 1730 C CG2  . VAL A 1 6 ? 2.758  5.332  0.346  1.00 0.00 ? 6 VAL A CG2  17 
ATOM 1731 H H    . VAL A 1 6 ? 0.705  3.928  -0.636 1.00 0.00 ? 6 VAL A H    17 
ATOM 1732 H HA   . VAL A 1 6 ? 2.136  2.848  1.587  1.00 0.00 ? 6 VAL A HA   17 
ATOM 1733 H HB   . VAL A 1 6 ? 0.910  5.610  1.353  1.00 0.00 ? 6 VAL A HB   17 
ATOM 1734 H HG11 . VAL A 1 6 ? 2.739  6.290  2.847  1.00 0.00 ? 6 VAL A HG11 17 
ATOM 1735 H HG12 . VAL A 1 6 ? 3.223  4.598  2.990  1.00 0.00 ? 6 VAL A HG12 17 
ATOM 1736 H HG13 . VAL A 1 6 ? 1.649  5.116  3.585  1.00 0.00 ? 6 VAL A HG13 17 
ATOM 1737 H HG21 . VAL A 1 6 ? 3.627  4.697  0.417  1.00 0.00 ? 6 VAL A HG21 17 
ATOM 1738 H HG22 . VAL A 1 6 ? 3.056  6.365  0.445  1.00 0.00 ? 6 VAL A HG22 17 
ATOM 1739 H HG23 . VAL A 1 6 ? 2.281  5.185  -0.611 1.00 0.00 ? 6 VAL A HG23 17 
ATOM 1740 N N    . ASP A 1 7 ? -1.022 3.481  1.866  1.00 0.00 ? 7 ASP A N    17 
ATOM 1741 C CA   . ASP A 1 7 ? -2.222 3.370  2.668  1.00 0.00 ? 7 ASP A CA   17 
ATOM 1742 C C    . ASP A 1 7 ? -2.757 1.941  2.735  1.00 0.00 ? 7 ASP A C    17 
ATOM 1743 O O    . ASP A 1 7 ? -3.812 1.709  3.314  1.00 0.00 ? 7 ASP A O    17 
ATOM 1744 C CB   . ASP A 1 7 ? -3.315 4.313  2.132  1.00 0.00 ? 7 ASP A CB   17 
ATOM 1745 C CG   . ASP A 1 7 ? -3.749 4.003  0.705  1.00 0.00 ? 7 ASP A CG   17 
ATOM 1746 O OD1  . ASP A 1 7 ? -4.788 3.334  0.508  1.00 0.00 ? 7 ASP A OD1  17 
ATOM 1747 O OD2  . ASP A 1 7 ? -3.069 4.447  -0.245 1.00 0.00 ? 7 ASP A OD2  17 
ATOM 1748 H H    . ASP A 1 7 ? -1.117 3.735  0.923  1.00 0.00 ? 7 ASP A H    17 
ATOM 1749 H HA   . ASP A 1 7 ? -1.974 3.690  3.668  1.00 0.00 ? 7 ASP A HA   17 
ATOM 1750 H HB2  . ASP A 1 7 ? -4.184 4.237  2.769  1.00 0.00 ? 7 ASP A HB2  17 
ATOM 1751 H HB3  . ASP A 1 7 ? -2.945 5.327  2.167  1.00 0.00 ? 7 ASP A HB3  17 
ATOM 1752 N N    . GLY A 1 1 ? -1.872 0.080  2.730  1.00 0.00 ? 1 GLY A N    18 
ATOM 1753 C CA   . GLY A 1 1 ? -1.432 -1.107 3.443  1.00 0.00 ? 1 GLY A CA   18 
ATOM 1754 C C    . GLY A 1 1 ? -1.030 -2.172 2.473  1.00 0.00 ? 1 GLY A C    18 
ATOM 1755 O O    . GLY A 1 1 ? -0.447 -3.199 2.840  1.00 0.00 ? 1 GLY A O    18 
ATOM 1756 H H1   . GLY A 1 1 ? -1.223 0.579  2.185  1.00 0.00 ? 1 GLY A H1   18 
ATOM 1757 H HA2  . GLY A 1 1 ? -0.604 -0.864 4.090  1.00 0.00 ? 1 GLY A HA2  18 
ATOM 1758 H HA3  . GLY A 1 1 ? -2.255 -1.475 4.037  1.00 0.00 ? 1 GLY A HA3  18 
ATOM 1759 N N    . LEU A 1 2 ? -1.329 -1.908 1.235  1.00 0.00 ? 2 LEU A N    18 
ATOM 1760 C CA   . LEU A 1 2 ? -1.040 -2.793 0.133  1.00 0.00 ? 2 LEU A CA   18 
ATOM 1761 C C    . LEU A 1 2 ? 0.424  -2.608 -0.265 1.00 0.00 ? 2 LEU A C    18 
ATOM 1762 O O    . LEU A 1 2 ? 1.000  -1.565 0.026  1.00 0.00 ? 2 LEU A O    18 
ATOM 1763 C CB   . LEU A 1 2 ? -1.945 -2.416 -1.047 1.00 0.00 ? 2 LEU A CB   18 
ATOM 1764 C CG   . LEU A 1 2 ? -3.445 -2.345 -0.749 1.00 0.00 ? 2 LEU A CG   18 
ATOM 1765 C CD1  . LEU A 1 2 ? -4.211 -1.896 -1.977 1.00 0.00 ? 2 LEU A CD1  18 
ATOM 1766 C CD2  . LEU A 1 2 ? -3.965 -3.685 -0.259 1.00 0.00 ? 2 LEU A CD2  18 
ATOM 1767 H H    . LEU A 1 2 ? -1.764 -1.049 1.065  1.00 0.00 ? 2 LEU A H    18 
ATOM 1768 H HA   . LEU A 1 2 ? -1.234 -3.813 0.425  1.00 0.00 ? 2 LEU A HA   18 
ATOM 1769 H HB2  . LEU A 1 2 ? -1.623 -1.455 -1.415 1.00 0.00 ? 2 LEU A HB2  18 
ATOM 1770 H HB3  . LEU A 1 2 ? -1.792 -3.144 -1.830 1.00 0.00 ? 2 LEU A HB3  18 
ATOM 1771 H HG   . LEU A 1 2 ? -3.611 -1.613 0.027  1.00 0.00 ? 2 LEU A HG   18 
ATOM 1772 H HD11 . LEU A 1 2 ? -5.259 -1.818 -1.738 1.00 0.00 ? 2 LEU A HD11 18 
ATOM 1773 H HD12 . LEU A 1 2 ? -4.081 -2.622 -2.766 1.00 0.00 ? 2 LEU A HD12 18 
ATOM 1774 H HD13 . LEU A 1 2 ? -3.844 -0.935 -2.305 1.00 0.00 ? 2 LEU A HD13 18 
ATOM 1775 H HD21 . LEU A 1 2 ? -3.464 -3.952 0.659  1.00 0.00 ? 2 LEU A HD21 18 
ATOM 1776 H HD22 . LEU A 1 2 ? -3.767 -4.439 -1.007 1.00 0.00 ? 2 LEU A HD22 18 
ATOM 1777 H HD23 . LEU A 1 2 ? -5.029 -3.619 -0.085 1.00 0.00 ? 2 LEU A HD23 18 
ATOM 1778 N N    . PRO A 1 3 ? 1.053  -3.604 -0.917 1.00 0.00 ? 3 PRO A N    18 
ATOM 1779 C CA   . PRO A 1 3 ? 2.451  -3.495 -1.366 1.00 0.00 ? 3 PRO A CA   18 
ATOM 1780 C C    . PRO A 1 3 ? 2.798  -2.163 -2.130 1.00 0.00 ? 3 PRO A C    18 
ATOM 1781 O O    . PRO A 1 3 ? 3.775  -1.494 -1.761 1.00 0.00 ? 3 PRO A O    18 
ATOM 1782 C CB   . PRO A 1 3 ? 2.667  -4.741 -2.238 1.00 0.00 ? 3 PRO A CB   18 
ATOM 1783 C CG   . PRO A 1 3 ? 1.669  -5.731 -1.728 1.00 0.00 ? 3 PRO A CG   18 
ATOM 1784 C CD   . PRO A 1 3 ? 0.482  -4.935 -1.232 1.00 0.00 ? 3 PRO A CD   18 
ATOM 1785 H HA   . PRO A 1 3 ? 3.102  -3.545 -0.504 1.00 0.00 ? 3 PRO A HA   18 
ATOM 1786 H HB2  . PRO A 1 3 ? 2.511  -4.502 -3.280 1.00 0.00 ? 3 PRO A HB2  18 
ATOM 1787 H HB3  . PRO A 1 3 ? 3.674  -5.104 -2.102 1.00 0.00 ? 3 PRO A HB3  18 
ATOM 1788 H HG2  . PRO A 1 3 ? 1.368  -6.392 -2.528 1.00 0.00 ? 3 PRO A HG2  18 
ATOM 1789 H HG3  . PRO A 1 3 ? 2.101  -6.300 -0.919 1.00 0.00 ? 3 PRO A HG3  18 
ATOM 1790 H HD2  . PRO A 1 3 ? -0.274 -4.856 -1.999 1.00 0.00 ? 3 PRO A HD2  18 
ATOM 1791 H HD3  . PRO A 1 3 ? 0.071  -5.394 -0.345 1.00 0.00 ? 3 PRO A HD3  18 
ATOM 1792 N N    . PRO A 1 4 ? 2.020  -1.720 -3.173 1.00 0.00 ? 4 PRO A N    18 
ATOM 1793 C CA   . PRO A 1 4 ? 2.326  -0.498 -3.897 1.00 0.00 ? 4 PRO A CA   18 
ATOM 1794 C C    . PRO A 1 4 ? 1.490  0.725  -3.448 1.00 0.00 ? 4 PRO A C    18 
ATOM 1795 O O    . PRO A 1 4 ? 1.550  1.784  -4.075 1.00 0.00 ? 4 PRO A O    18 
ATOM 1796 C CB   . PRO A 1 4 ? 1.963  -0.877 -5.343 1.00 0.00 ? 4 PRO A CB   18 
ATOM 1797 C CG   . PRO A 1 4 ? 1.018  -2.055 -5.243 1.00 0.00 ? 4 PRO A CG   18 
ATOM 1798 C CD   . PRO A 1 4 ? 0.851  -2.373 -3.778 1.00 0.00 ? 4 PRO A CD   18 
ATOM 1799 H HA   . PRO A 1 4 ? 3.377  -0.255 -3.855 1.00 0.00 ? 4 PRO A HA   18 
ATOM 1800 H HB2  . PRO A 1 4 ? 1.489  -0.034 -5.822 1.00 0.00 ? 4 PRO A HB2  18 
ATOM 1801 H HB3  . PRO A 1 4 ? 2.860  -1.140 -5.884 1.00 0.00 ? 4 PRO A HB3  18 
ATOM 1802 H HG2  . PRO A 1 4 ? 0.064  -1.789 -5.673 1.00 0.00 ? 4 PRO A HG2  18 
ATOM 1803 H HG3  . PRO A 1 4 ? 1.434  -2.903 -5.768 1.00 0.00 ? 4 PRO A HG3  18 
ATOM 1804 H HD2  . PRO A 1 4 ? -0.067 -1.943 -3.401 1.00 0.00 ? 4 PRO A HD2  18 
ATOM 1805 H HD3  . PRO A 1 4 ? 0.862  -3.438 -3.607 1.00 0.00 ? 4 PRO A HD3  18 
ATOM 1806 N N    . TYR A 1 5 ? 0.726  0.600  -2.372 1.00 0.00 ? 5 TYR A N    18 
ATOM 1807 C CA   . TYR A 1 5 ? -0.153 1.692  -1.955 1.00 0.00 ? 5 TYR A CA   18 
ATOM 1808 C C    . TYR A 1 5 ? -0.087 1.945  -0.470 1.00 0.00 ? 5 TYR A C    18 
ATOM 1809 O O    . TYR A 1 5 ? 0.088  1.024  0.313  1.00 0.00 ? 5 TYR A O    18 
ATOM 1810 C CB   . TYR A 1 5 ? -1.615 1.442  -2.376 1.00 0.00 ? 5 TYR A CB   18 
ATOM 1811 C CG   . TYR A 1 5 ? -1.831 1.415  -3.871 1.00 0.00 ? 5 TYR A CG   18 
ATOM 1812 C CD1  . TYR A 1 5 ? -2.003 2.589  -4.584 1.00 0.00 ? 5 TYR A CD1  18 
ATOM 1813 C CD2  . TYR A 1 5 ? -1.853 0.221  -4.567 1.00 0.00 ? 5 TYR A CD2  18 
ATOM 1814 C CE1  . TYR A 1 5 ? -2.188 2.576  -5.944 1.00 0.00 ? 5 TYR A CE1  18 
ATOM 1815 C CE2  . TYR A 1 5 ? -2.038 0.201  -5.929 1.00 0.00 ? 5 TYR A CE2  18 
ATOM 1816 C CZ   . TYR A 1 5 ? -2.206 1.379  -6.612 1.00 0.00 ? 5 TYR A CZ   18 
ATOM 1817 O OH   . TYR A 1 5 ? -2.388 1.358  -7.983 1.00 0.00 ? 5 TYR A OH   18 
ATOM 1818 H H    . TYR A 1 5 ? 0.778  -0.215 -1.825 1.00 0.00 ? 5 TYR A H    18 
ATOM 1819 H HA   . TYR A 1 5 ? 0.192  2.582  -2.460 1.00 0.00 ? 5 TYR A HA   18 
ATOM 1820 H HB2  . TYR A 1 5 ? -1.941 0.493  -1.978 1.00 0.00 ? 5 TYR A HB2  18 
ATOM 1821 H HB3  . TYR A 1 5 ? -2.234 2.223  -1.962 1.00 0.00 ? 5 TYR A HB3  18 
ATOM 1822 H HD1  . TYR A 1 5 ? -1.988 3.531  -4.060 1.00 0.00 ? 5 TYR A HD1  18 
ATOM 1823 H HD2  . TYR A 1 5 ? -1.723 -0.705 -4.028 1.00 0.00 ? 5 TYR A HD2  18 
ATOM 1824 H HE1  . TYR A 1 5 ? -2.320 3.504  -6.480 1.00 0.00 ? 5 TYR A HE1  18 
ATOM 1825 H HE2  . TYR A 1 5 ? -2.052 -0.739 -6.458 1.00 0.00 ? 5 TYR A HE2  18 
ATOM 1826 H HH   . TYR A 1 5 ? -2.969 0.608  -8.165 1.00 0.00 ? 5 TYR A HH   18 
ATOM 1827 N N    . VAL A 1 6 ? -0.305 3.198  -0.090 1.00 0.00 ? 6 VAL A N    18 
ATOM 1828 C CA   . VAL A 1 6 ? -0.266 3.643  1.308  1.00 0.00 ? 6 VAL A CA   18 
ATOM 1829 C C    . VAL A 1 6 ? -1.417 3.009  2.124  1.00 0.00 ? 6 VAL A C    18 
ATOM 1830 O O    . VAL A 1 6 ? -1.437 3.061  3.345  1.00 0.00 ? 6 VAL A O    18 
ATOM 1831 C CB   . VAL A 1 6 ? -0.335 5.208  1.390  1.00 0.00 ? 6 VAL A CB   18 
ATOM 1832 C CG1  . VAL A 1 6 ? -1.702 5.747  0.971  1.00 0.00 ? 6 VAL A CG1  18 
ATOM 1833 C CG2  . VAL A 1 6 ? 0.063  5.724  2.767  1.00 0.00 ? 6 VAL A CG2  18 
ATOM 1834 H H    . VAL A 1 6 ? -0.483 3.873  -0.779 1.00 0.00 ? 6 VAL A H    18 
ATOM 1835 H HA   . VAL A 1 6 ? 0.674  3.316  1.729  1.00 0.00 ? 6 VAL A HA   18 
ATOM 1836 H HB   . VAL A 1 6 ? 0.376  5.586  0.670  1.00 0.00 ? 6 VAL A HB   18 
ATOM 1837 H HG11 . VAL A 1 6 ? -1.928 5.432  -0.036 1.00 0.00 ? 6 VAL A HG11 18 
ATOM 1838 H HG12 . VAL A 1 6 ? -1.690 6.827  1.012  1.00 0.00 ? 6 VAL A HG12 18 
ATOM 1839 H HG13 . VAL A 1 6 ? -2.457 5.369  1.645  1.00 0.00 ? 6 VAL A HG13 18 
ATOM 1840 H HG21 . VAL A 1 6 ? -0.018 6.801  2.788  1.00 0.00 ? 6 VAL A HG21 18 
ATOM 1841 H HG22 . VAL A 1 6 ? 1.081  5.435  2.979  1.00 0.00 ? 6 VAL A HG22 18 
ATOM 1842 H HG23 . VAL A 1 6 ? -0.594 5.297  3.509  1.00 0.00 ? 6 VAL A HG23 18 
ATOM 1843 N N    . ASP A 1 7 ? -2.350 2.378  1.418  1.00 0.00 ? 7 ASP A N    18 
ATOM 1844 C CA   . ASP A 1 7 ? -3.512 1.717  2.021  1.00 0.00 ? 7 ASP A CA   18 
ATOM 1845 C C    . ASP A 1 7 ? -3.115 0.498  2.835  1.00 0.00 ? 7 ASP A C    18 
ATOM 1846 O O    . ASP A 1 7 ? -3.940 -0.067 3.540  1.00 0.00 ? 7 ASP A O    18 
ATOM 1847 C CB   . ASP A 1 7 ? -4.517 1.264  0.951  1.00 0.00 ? 7 ASP A CB   18 
ATOM 1848 C CG   . ASP A 1 7 ? -5.130 2.391  0.175  1.00 0.00 ? 7 ASP A CG   18 
ATOM 1849 O OD1  . ASP A 1 7 ? -4.697 2.644  -0.962 1.00 0.00 ? 7 ASP A OD1  18 
ATOM 1850 O OD2  . ASP A 1 7 ? -6.061 3.041  0.688  1.00 0.00 ? 7 ASP A OD2  18 
ATOM 1851 H H    . ASP A 1 7 ? -2.255 2.378  0.445  1.00 0.00 ? 7 ASP A H    18 
ATOM 1852 H HA   . ASP A 1 7 ? -4.005 2.429  2.666  1.00 0.00 ? 7 ASP A HA   18 
ATOM 1853 H HB2  . ASP A 1 7 ? -4.009 0.621  0.248  1.00 0.00 ? 7 ASP A HB2  18 
ATOM 1854 H HB3  . ASP A 1 7 ? -5.306 0.702  1.428  1.00 0.00 ? 7 ASP A HB3  18 
ATOM 1855 N N    . GLY A 1 1 ? -1.623 0.999  2.351  1.00 0.00 ? 1 GLY A N    19 
ATOM 1856 C CA   . GLY A 1 1 ? -2.278 -0.285 2.282  1.00 0.00 ? 1 GLY A CA   19 
ATOM 1857 C C    . GLY A 1 1 ? -1.375 -1.383 1.810  1.00 0.00 ? 1 GLY A C    19 
ATOM 1858 O O    . GLY A 1 1 ? -0.288 -1.573 2.360  1.00 0.00 ? 1 GLY A O    19 
ATOM 1859 H H1   . GLY A 1 1 ? -0.774 1.144  1.877  1.00 0.00 ? 1 GLY A H1   19 
ATOM 1860 H HA2  . GLY A 1 1 ? -2.648 -0.539 3.265  1.00 0.00 ? 1 GLY A HA2  19 
ATOM 1861 H HA3  . GLY A 1 1 ? -3.115 -0.203 1.606  1.00 0.00 ? 1 GLY A HA3  19 
ATOM 1862 N N    . LEU A 1 2 ? -1.824 -2.108 0.799  1.00 0.00 ? 2 LEU A N    19 
ATOM 1863 C CA   . LEU A 1 2 ? -1.062 -3.205 0.195  1.00 0.00 ? 2 LEU A CA   19 
ATOM 1864 C C    . LEU A 1 2 ? 0.228  -2.636 -0.403 1.00 0.00 ? 2 LEU A C    19 
ATOM 1865 O O    . LEU A 1 2 ? 0.250  -1.475 -0.706 1.00 0.00 ? 2 LEU A O    19 
ATOM 1866 C CB   . LEU A 1 2 ? -1.915 -3.880 -0.896 1.00 0.00 ? 2 LEU A CB   19 
ATOM 1867 C CG   . LEU A 1 2 ? -3.251 -4.480 -0.438 1.00 0.00 ? 2 LEU A CG   19 
ATOM 1868 C CD1  . LEU A 1 2 ? -4.014 -5.045 -1.624 1.00 0.00 ? 2 LEU A CD1  19 
ATOM 1869 C CD2  . LEU A 1 2 ? -3.028 -5.563 0.613  1.00 0.00 ? 2 LEU A CD2  19 
ATOM 1870 H H    . LEU A 1 2 ? -2.704 -1.886 0.426  1.00 0.00 ? 2 LEU A H    19 
ATOM 1871 H HA   . LEU A 1 2 ? -0.817 -3.922 0.964  1.00 0.00 ? 2 LEU A HA   19 
ATOM 1872 H HB2  . LEU A 1 2 ? -2.120 -3.156 -1.669 1.00 0.00 ? 2 LEU A HB2  19 
ATOM 1873 H HB3  . LEU A 1 2 ? -1.330 -4.675 -1.333 1.00 0.00 ? 2 LEU A HB3  19 
ATOM 1874 H HG   . LEU A 1 2 ? -3.854 -3.699 0.002  1.00 0.00 ? 2 LEU A HG   19 
ATOM 1875 H HD11 . LEU A 1 2 ? -4.953 -5.458 -1.283 1.00 0.00 ? 2 LEU A HD11 19 
ATOM 1876 H HD12 . LEU A 1 2 ? -3.430 -5.824 -2.090 1.00 0.00 ? 2 LEU A HD12 19 
ATOM 1877 H HD13 . LEU A 1 2 ? -4.205 -4.260 -2.338 1.00 0.00 ? 2 LEU A HD13 19 
ATOM 1878 H HD21 . LEU A 1 2 ? -2.402 -6.341 0.201  1.00 0.00 ? 2 LEU A HD21 19 
ATOM 1879 H HD22 . LEU A 1 2 ? -3.980 -5.982 0.902  1.00 0.00 ? 2 LEU A HD22 19 
ATOM 1880 H HD23 . LEU A 1 2 ? -2.547 -5.134 1.480  1.00 0.00 ? 2 LEU A HD23 19 
ATOM 1881 N N    . PRO A 1 3 ? 1.294  -3.456 -0.605 1.00 0.00 ? 3 PRO A N    19 
ATOM 1882 C CA   . PRO A 1 3 ? 2.634  -2.990 -1.057 1.00 0.00 ? 3 PRO A CA   19 
ATOM 1883 C C    . PRO A 1 3 ? 2.684  -1.779 -2.055 1.00 0.00 ? 3 PRO A C    19 
ATOM 1884 O O    . PRO A 1 3 ? 3.395  -0.813 -1.780 1.00 0.00 ? 3 PRO A O    19 
ATOM 1885 C CB   . PRO A 1 3 ? 3.270  -4.247 -1.630 1.00 0.00 ? 3 PRO A CB   19 
ATOM 1886 C CG   . PRO A 1 3 ? 2.721  -5.332 -0.773 1.00 0.00 ? 3 PRO A CG   19 
ATOM 1887 C CD   . PRO A 1 3 ? 1.301  -4.930 -0.423 1.00 0.00 ? 3 PRO A CD   19 
ATOM 1888 H HA   . PRO A 1 3 ? 3.204  -2.686 -0.191 1.00 0.00 ? 3 PRO A HA   19 
ATOM 1889 H HB2  . PRO A 1 3 ? 2.980  -4.366 -2.663 1.00 0.00 ? 3 PRO A HB2  19 
ATOM 1890 H HB3  . PRO A 1 3 ? 4.345  -4.190 -1.550 1.00 0.00 ? 3 PRO A HB3  19 
ATOM 1891 H HG2  . PRO A 1 3 ? 2.728  -6.264 -1.320 1.00 0.00 ? 3 PRO A HG2  19 
ATOM 1892 H HG3  . PRO A 1 3 ? 3.313  -5.426 0.124  1.00 0.00 ? 3 PRO A HG3  19 
ATOM 1893 H HD2  . PRO A 1 3 ? 0.607  -5.404 -1.100 1.00 0.00 ? 3 PRO A HD2  19 
ATOM 1894 H HD3  . PRO A 1 3 ? 1.070  -5.195 0.597  1.00 0.00 ? 3 PRO A HD3  19 
ATOM 1895 N N    . PRO A 1 4 ? 1.924  -1.773 -3.207 1.00 0.00 ? 4 PRO A N    19 
ATOM 1896 C CA   . PRO A 1 4 ? 1.952  -0.628 -4.145 1.00 0.00 ? 4 PRO A CA   19 
ATOM 1897 C C    . PRO A 1 4 ? 1.256  0.640  -3.592 1.00 0.00 ? 4 PRO A C    19 
ATOM 1898 O O    . PRO A 1 4 ? 1.177  1.663  -4.269 1.00 0.00 ? 4 PRO A O    19 
ATOM 1899 C CB   . PRO A 1 4 ? 1.197  -1.154 -5.368 1.00 0.00 ? 4 PRO A CB   19 
ATOM 1900 C CG   . PRO A 1 4 ? 0.280  -2.185 -4.824 1.00 0.00 ? 4 PRO A CG   19 
ATOM 1901 C CD   . PRO A 1 4 ? 1.029  -2.848 -3.707 1.00 0.00 ? 4 PRO A CD   19 
ATOM 1902 H HA   . PRO A 1 4 ? 2.965  -0.379 -4.423 1.00 0.00 ? 4 PRO A HA   19 
ATOM 1903 H HB2  . PRO A 1 4 ? 0.656  -0.344 -5.838 1.00 0.00 ? 4 PRO A HB2  19 
ATOM 1904 H HB3  . PRO A 1 4 ? 1.898  -1.582 -6.067 1.00 0.00 ? 4 PRO A HB3  19 
ATOM 1905 H HG2  . PRO A 1 4 ? -0.619 -1.718 -4.448 1.00 0.00 ? 4 PRO A HG2  19 
ATOM 1906 H HG3  . PRO A 1 4 ? 0.038  -2.905 -5.592 1.00 0.00 ? 4 PRO A HG3  19 
ATOM 1907 H HD2  . PRO A 1 4 ? 0.349  -3.176 -2.934 1.00 0.00 ? 4 PRO A HD2  19 
ATOM 1908 H HD3  . PRO A 1 4 ? 1.604  -3.679 -4.084 1.00 0.00 ? 4 PRO A HD3  19 
ATOM 1909 N N    . TYR A 1 5 ? 0.740  0.558  -2.394 1.00 0.00 ? 5 TYR A N    19 
ATOM 1910 C CA   . TYR A 1 5 ? 0.091  1.669  -1.750 1.00 0.00 ? 5 TYR A CA   19 
ATOM 1911 C C    . TYR A 1 5 ? 0.763  1.882  -0.410 1.00 0.00 ? 5 TYR A C    19 
ATOM 1912 O O    . TYR A 1 5 ? 0.944  0.937  0.352  1.00 0.00 ? 5 TYR A O    19 
ATOM 1913 C CB   . TYR A 1 5 ? -1.399 1.374  -1.514 1.00 0.00 ? 5 TYR A CB   19 
ATOM 1914 C CG   . TYR A 1 5 ? -2.135 0.853  -2.726 1.00 0.00 ? 5 TYR A CG   19 
ATOM 1915 C CD1  . TYR A 1 5 ? -2.470 1.685  -3.785 1.00 0.00 ? 5 TYR A CD1  19 
ATOM 1916 C CD2  . TYR A 1 5 ? -2.497 -0.482 -2.802 1.00 0.00 ? 5 TYR A CD2  19 
ATOM 1917 C CE1  . TYR A 1 5 ? -3.149 1.194  -4.884 1.00 0.00 ? 5 TYR A CE1  19 
ATOM 1918 C CE2  . TYR A 1 5 ? -3.169 -0.979 -3.893 1.00 0.00 ? 5 TYR A CE2  19 
ATOM 1919 C CZ   . TYR A 1 5 ? -3.494 -0.141 -4.931 1.00 0.00 ? 5 TYR A CZ   19 
ATOM 1920 O OH   . TYR A 1 5 ? -4.181 -0.638 -6.022 1.00 0.00 ? 5 TYR A OH   19 
ATOM 1921 H H    . TYR A 1 5 ? 0.800  -0.286 -1.890 1.00 0.00 ? 5 TYR A H    19 
ATOM 1922 H HA   . TYR A 1 5 ? 0.196  2.546  -2.368 1.00 0.00 ? 5 TYR A HA   19 
ATOM 1923 H HB2  . TYR A 1 5 ? -1.489 0.634  -0.733 1.00 0.00 ? 5 TYR A HB2  19 
ATOM 1924 H HB3  . TYR A 1 5 ? -1.886 2.282  -1.191 1.00 0.00 ? 5 TYR A HB3  19 
ATOM 1925 H HD1  . TYR A 1 5 ? -2.196 2.728  -3.739 1.00 0.00 ? 5 TYR A HD1  19 
ATOM 1926 H HD2  . TYR A 1 5 ? -2.241 -1.136 -1.982 1.00 0.00 ? 5 TYR A HD2  19 
ATOM 1927 H HE1  . TYR A 1 5 ? -3.403 1.853  -5.700 1.00 0.00 ? 5 TYR A HE1  19 
ATOM 1928 H HE2  . TYR A 1 5 ? -3.440 -2.024 -3.930 1.00 0.00 ? 5 TYR A HE2  19 
ATOM 1929 H HH   . TYR A 1 5 ? -3.764 -0.299 -6.827 1.00 0.00 ? 5 TYR A HH   19 
ATOM 1930 N N    . VAL A 1 6 ? 1.123  3.093  -0.111 1.00 0.00 ? 6 VAL A N    19 
ATOM 1931 C CA   . VAL A 1 6 ? 1.791  3.392  1.144  1.00 0.00 ? 6 VAL A CA   19 
ATOM 1932 C C    . VAL A 1 6 ? 0.835  3.157  2.320  1.00 0.00 ? 6 VAL A C    19 
ATOM 1933 O O    . VAL A 1 6 ? 1.232  2.670  3.374  1.00 0.00 ? 6 VAL A O    19 
ATOM 1934 C CB   . VAL A 1 6 ? 2.331  4.850  1.164  1.00 0.00 ? 6 VAL A CB   19 
ATOM 1935 C CG1  . VAL A 1 6 ? 3.066  5.158  2.463  1.00 0.00 ? 6 VAL A CG1  19 
ATOM 1936 C CG2  . VAL A 1 6 ? 3.250  5.085  -0.017 1.00 0.00 ? 6 VAL A CG2  19 
ATOM 1937 H H    . VAL A 1 6 ? 0.939  3.817  -0.748 1.00 0.00 ? 6 VAL A H    19 
ATOM 1938 H HA   . VAL A 1 6 ? 2.622  2.709  1.239  1.00 0.00 ? 6 VAL A HA   19 
ATOM 1939 H HB   . VAL A 1 6 ? 1.493  5.525  1.079  1.00 0.00 ? 6 VAL A HB   19 
ATOM 1940 H HG11 . VAL A 1 6 ? 3.436  6.171  2.438  1.00 0.00 ? 6 VAL A HG11 19 
ATOM 1941 H HG12 . VAL A 1 6 ? 3.892  4.473  2.583  1.00 0.00 ? 6 VAL A HG12 19 
ATOM 1942 H HG13 . VAL A 1 6 ? 2.381  5.046  3.289  1.00 0.00 ? 6 VAL A HG13 19 
ATOM 1943 H HG21 . VAL A 1 6 ? 2.716  4.894  -0.935 1.00 0.00 ? 6 VAL A HG21 19 
ATOM 1944 H HG22 . VAL A 1 6 ? 4.102  4.425  0.050  1.00 0.00 ? 6 VAL A HG22 19 
ATOM 1945 H HG23 . VAL A 1 6 ? 3.583  6.110  -0.001 1.00 0.00 ? 6 VAL A HG23 19 
ATOM 1946 N N    . ASP A 1 7 ? -0.432 3.422  2.081  1.00 0.00 ? 7 ASP A N    19 
ATOM 1947 C CA   . ASP A 1 7 ? -1.474 3.315  3.099  1.00 0.00 ? 7 ASP A CA   19 
ATOM 1948 C C    . ASP A 1 7 ? -2.158 1.946  3.083  1.00 0.00 ? 7 ASP A C    19 
ATOM 1949 O O    . ASP A 1 7 ? -3.173 1.751  3.765  1.00 0.00 ? 7 ASP A O    19 
ATOM 1950 C CB   . ASP A 1 7 ? -2.541 4.404  2.884  1.00 0.00 ? 7 ASP A CB   19 
ATOM 1951 C CG   . ASP A 1 7 ? -3.328 4.225  1.595  1.00 0.00 ? 7 ASP A CG   19 
ATOM 1952 O OD1  . ASP A 1 7 ? -4.502 3.800  1.642  1.00 0.00 ? 7 ASP A OD1  19 
ATOM 1953 O OD2  . ASP A 1 7 ? -2.782 4.502  0.501  1.00 0.00 ? 7 ASP A OD2  19 
ATOM 1954 H H    . ASP A 1 7 ? -0.692 3.714  1.180  1.00 0.00 ? 7 ASP A H    19 
ATOM 1955 H HA   . ASP A 1 7 ? -1.021 3.475  4.067  1.00 0.00 ? 7 ASP A HA   19 
ATOM 1956 H HB2  . ASP A 1 7 ? -3.237 4.391  3.710  1.00 0.00 ? 7 ASP A HB2  19 
ATOM 1957 H HB3  . ASP A 1 7 ? -2.050 5.365  2.851  1.00 0.00 ? 7 ASP A HB3  19 
ATOM 1958 N N    . GLY A 1 1 ? -1.847 0.819  2.368  1.00 0.00 ? 1 GLY A N    20 
ATOM 1959 C CA   . GLY A 1 1 ? -2.443 -0.501 2.444  1.00 0.00 ? 1 GLY A CA   20 
ATOM 1960 C C    . GLY A 1 1 ? -1.527 -1.603 1.970  1.00 0.00 ? 1 GLY A C    20 
ATOM 1961 O O    . GLY A 1 1 ? -0.571 -1.969 2.659  1.00 0.00 ? 1 GLY A O    20 
ATOM 1962 H H1   . GLY A 1 1 ? -1.159 1.007  1.693  1.00 0.00 ? 1 GLY A H1   20 
ATOM 1963 H HA2  . GLY A 1 1 ? -2.714 -0.696 3.470  1.00 0.00 ? 1 GLY A HA2  20 
ATOM 1964 H HA3  . GLY A 1 1 ? -3.341 -0.510 1.845  1.00 0.00 ? 1 GLY A HA3  20 
ATOM 1965 N N    . LEU A 1 2 ? -1.803 -2.114 0.799  1.00 0.00 ? 2 LEU A N    20 
ATOM 1966 C CA   . LEU A 1 2 ? -1.035 -3.208 0.215  1.00 0.00 ? 2 LEU A CA   20 
ATOM 1967 C C    . LEU A 1 2 ? 0.217  -2.637 -0.433 1.00 0.00 ? 2 LEU A C    20 
ATOM 1968 O O    . LEU A 1 2 ? 0.180  -1.508 -0.855 1.00 0.00 ? 2 LEU A O    20 
ATOM 1969 C CB   . LEU A 1 2 ? -1.875 -3.991 -0.837 1.00 0.00 ? 2 LEU A CB   20 
ATOM 1970 C CG   . LEU A 1 2 ? -3.091 -4.809 -0.331 1.00 0.00 ? 2 LEU A CG   20 
ATOM 1971 C CD1  . LEU A 1 2 ? -4.232 -3.921 0.155  1.00 0.00 ? 2 LEU A CD1  20 
ATOM 1972 C CD2  . LEU A 1 2 ? -3.579 -5.762 -1.411 1.00 0.00 ? 2 LEU A CD2  20 
ATOM 1973 H H    . LEU A 1 2 ? -2.538 -1.725 0.276  1.00 0.00 ? 2 LEU A H    20 
ATOM 1974 H HA   . LEU A 1 2 ? -0.746 -3.874 1.015  1.00 0.00 ? 2 LEU A HA   20 
ATOM 1975 H HB2  . LEU A 1 2 ? -2.245 -3.277 -1.556 1.00 0.00 ? 2 LEU A HB2  20 
ATOM 1976 H HB3  . LEU A 1 2 ? -1.212 -4.666 -1.357 1.00 0.00 ? 2 LEU A HB3  20 
ATOM 1977 H HG   . LEU A 1 2 ? -2.771 -5.406 0.511  1.00 0.00 ? 2 LEU A HG   20 
ATOM 1978 H HD11 . LEU A 1 2 ? -3.879 -3.292 0.959  1.00 0.00 ? 2 LEU A HD11 20 
ATOM 1979 H HD12 . LEU A 1 2 ? -5.044 -4.538 0.513  1.00 0.00 ? 2 LEU A HD12 20 
ATOM 1980 H HD13 . LEU A 1 2 ? -4.582 -3.306 -0.660 1.00 0.00 ? 2 LEU A HD13 20 
ATOM 1981 H HD21 . LEU A 1 2 ? -4.419 -6.328 -1.038 1.00 0.00 ? 2 LEU A HD21 20 
ATOM 1982 H HD22 . LEU A 1 2 ? -2.781 -6.437 -1.685 1.00 0.00 ? 2 LEU A HD22 20 
ATOM 1983 H HD23 . LEU A 1 2 ? -3.884 -5.193 -2.278 1.00 0.00 ? 2 LEU A HD23 20 
ATOM 1984 N N    . PRO A 1 3 ? 1.332  -3.426 -0.519 1.00 0.00 ? 3 PRO A N    20 
ATOM 1985 C CA   . PRO A 1 3 ? 2.648  -3.008 -1.067 1.00 0.00 ? 3 PRO A CA   20 
ATOM 1986 C C    . PRO A 1 3 ? 2.683  -1.818 -2.100 1.00 0.00 ? 3 PRO A C    20 
ATOM 1987 O O    . PRO A 1 3 ? 3.459  -0.882 -1.894 1.00 0.00 ? 3 PRO A O    20 
ATOM 1988 C CB   . PRO A 1 3 ? 3.194  -4.305 -1.645 1.00 0.00 ? 3 PRO A CB   20 
ATOM 1989 C CG   . PRO A 1 3 ? 2.708  -5.351 -0.690 1.00 0.00 ? 3 PRO A CG   20 
ATOM 1990 C CD   . PRO A 1 3 ? 1.418  -4.831 -0.060 1.00 0.00 ? 3 PRO A CD   20 
ATOM 1991 H HA   . PRO A 1 3 ? 3.283  -2.719 -0.245 1.00 0.00 ? 3 PRO A HA   20 
ATOM 1992 H HB2  . PRO A 1 3 ? 2.801  -4.453 -2.640 1.00 0.00 ? 3 PRO A HB2  20 
ATOM 1993 H HB3  . PRO A 1 3 ? 4.273  -4.271 -1.675 1.00 0.00 ? 3 PRO A HB3  20 
ATOM 1994 H HG2  . PRO A 1 3 ? 2.516  -6.270 -1.226 1.00 0.00 ? 3 PRO A HG2  20 
ATOM 1995 H HG3  . PRO A 1 3 ? 3.453  -5.520 0.072  1.00 0.00 ? 3 PRO A HG3  20 
ATOM 1996 H HD2  . PRO A 1 3 ? 0.571  -5.402 -0.407 1.00 0.00 ? 3 PRO A HD2  20 
ATOM 1997 H HD3  . PRO A 1 3 ? 1.484  -4.879 1.016  1.00 0.00 ? 3 PRO A HD3  20 
ATOM 1998 N N    . PRO A 1 4 ? 1.877  -1.814 -3.224 1.00 0.00 ? 4 PRO A N    20 
ATOM 1999 C CA   . PRO A 1 4 ? 1.873  -0.679 -4.172 1.00 0.00 ? 4 PRO A CA   20 
ATOM 2000 C C    . PRO A 1 4 ? 1.446  0.671  -3.530 1.00 0.00 ? 4 PRO A C    20 
ATOM 2001 O O    . PRO A 1 4 ? 1.846  1.743  -3.994 1.00 0.00 ? 4 PRO A O    20 
ATOM 2002 C CB   . PRO A 1 4 ? 0.858  -1.102 -5.251 1.00 0.00 ? 4 PRO A CB   20 
ATOM 2003 C CG   . PRO A 1 4 ? 0.046  -2.181 -4.619 1.00 0.00 ? 4 PRO A CG   20 
ATOM 2004 C CD   . PRO A 1 4 ? 0.972  -2.894 -3.687 1.00 0.00 ? 4 PRO A CD   20 
ATOM 2005 H HA   . PRO A 1 4 ? 2.846  -0.554 -4.623 1.00 0.00 ? 4 PRO A HA   20 
ATOM 2006 H HB2  . PRO A 1 4 ? 0.247  -0.254 -5.520 1.00 0.00 ? 4 PRO A HB2  20 
ATOM 2007 H HB3  . PRO A 1 4 ? 1.384  -1.463 -6.122 1.00 0.00 ? 4 PRO A HB3  20 
ATOM 2008 H HG2  . PRO A 1 4 ? -0.778 -1.751 -4.071 1.00 0.00 ? 4 PRO A HG2  20 
ATOM 2009 H HG3  . PRO A 1 4 ? -0.322 -2.859 -5.376 1.00 0.00 ? 4 PRO A HG3  20 
ATOM 2010 H HD2  . PRO A 1 4 ? 0.426  -3.324 -2.861 1.00 0.00 ? 4 PRO A HD2  20 
ATOM 2011 H HD3  . PRO A 1 4 ? 1.526  -3.656 -4.217 1.00 0.00 ? 4 PRO A HD3  20 
ATOM 2012 N N    . TYR A 1 5 ? 0.669  0.613  -2.465 1.00 0.00 ? 5 TYR A N    20 
ATOM 2013 C CA   . TYR A 1 5 ? 0.168  1.803  -1.794 1.00 0.00 ? 5 TYR A CA   20 
ATOM 2014 C C    . TYR A 1 5 ? 0.603  1.792  -0.336 1.00 0.00 ? 5 TYR A C    20 
ATOM 2015 O O    . TYR A 1 5 ? 0.318  0.853  0.390  1.00 0.00 ? 5 TYR A O    20 
ATOM 2016 C CB   . TYR A 1 5 ? -1.365 1.875  -1.894 1.00 0.00 ? 5 TYR A CB   20 
ATOM 2017 C CG   . TYR A 1 5 ? -1.872 1.999  -3.313 1.00 0.00 ? 5 TYR A CG   20 
ATOM 2018 C CD1  . TYR A 1 5 ? -2.219 0.875  -4.054 1.00 0.00 ? 5 TYR A CD1  20 
ATOM 2019 C CD2  . TYR A 1 5 ? -1.978 3.237  -3.921 1.00 0.00 ? 5 TYR A CD2  20 
ATOM 2020 C CE1  . TYR A 1 5 ? -2.651 0.985  -5.361 1.00 0.00 ? 5 TYR A CE1  20 
ATOM 2021 C CE2  . TYR A 1 5 ? -2.416 3.358  -5.220 1.00 0.00 ? 5 TYR A CE2  20 
ATOM 2022 C CZ   . TYR A 1 5 ? -2.748 2.231  -5.938 1.00 0.00 ? 5 TYR A CZ   20 
ATOM 2023 O OH   . TYR A 1 5 ? -3.167 2.356  -7.248 1.00 0.00 ? 5 TYR A OH   20 
ATOM 2024 H H    . TYR A 1 5 ? 0.444  -0.264 -2.076 1.00 0.00 ? 5 TYR A H    20 
ATOM 2025 H HA   . TYR A 1 5 ? 0.597  2.662  -2.286 1.00 0.00 ? 5 TYR A HA   20 
ATOM 2026 H HB2  . TYR A 1 5 ? -1.787 0.976  -1.469 1.00 0.00 ? 5 TYR A HB2  20 
ATOM 2027 H HB3  . TYR A 1 5 ? -1.719 2.730  -1.334 1.00 0.00 ? 5 TYR A HB3  20 
ATOM 2028 H HD1  . TYR A 1 5 ? -2.142 -0.101 -3.594 1.00 0.00 ? 5 TYR A HD1  20 
ATOM 2029 H HD2  . TYR A 1 5 ? -1.717 4.122  -3.357 1.00 0.00 ? 5 TYR A HD2  20 
ATOM 2030 H HE1  . TYR A 1 5 ? -2.917 0.102  -5.921 1.00 0.00 ? 5 TYR A HE1  20 
ATOM 2031 H HE2  . TYR A 1 5 ? -2.492 4.335  -5.675 1.00 0.00 ? 5 TYR A HE2  20 
ATOM 2032 H HH   . TYR A 1 5 ? -3.941 1.793  -7.371 1.00 0.00 ? 5 TYR A HH   20 
ATOM 2033 N N    . VAL A 1 6 ? 1.257  2.852  0.102  1.00 0.00 ? 6 VAL A N    20 
ATOM 2034 C CA   . VAL A 1 6 ? 1.818  2.927  1.465  1.00 0.00 ? 6 VAL A CA   20 
ATOM 2035 C C    . VAL A 1 6 ? 0.710  2.868  2.552  1.00 0.00 ? 6 VAL A C    20 
ATOM 2036 O O    . VAL A 1 6 ? 0.958  2.529  3.714  1.00 0.00 ? 6 VAL A O    20 
ATOM 2037 C CB   . VAL A 1 6 ? 2.706  4.208  1.645  1.00 0.00 ? 6 VAL A CB   20 
ATOM 2038 C CG1  . VAL A 1 6 ? 1.892  5.490  1.568  1.00 0.00 ? 6 VAL A CG1  20 
ATOM 2039 C CG2  . VAL A 1 6 ? 3.536  4.157  2.924  1.00 0.00 ? 6 VAL A CG2  20 
ATOM 2040 H H    . VAL A 1 6 ? 1.368  3.622  -0.498 1.00 0.00 ? 6 VAL A H    20 
ATOM 2041 H HA   . VAL A 1 6 ? 2.444  2.054  1.589  1.00 0.00 ? 6 VAL A HA   20 
ATOM 2042 H HB   . VAL A 1 6 ? 3.387  4.229  0.806  1.00 0.00 ? 6 VAL A HB   20 
ATOM 2043 H HG11 . VAL A 1 6 ? 1.110  5.465  2.312  1.00 0.00 ? 6 VAL A HG11 20 
ATOM 2044 H HG12 . VAL A 1 6 ? 1.459  5.587  0.585  1.00 0.00 ? 6 VAL A HG12 20 
ATOM 2045 H HG13 . VAL A 1 6 ? 2.539  6.333  1.758  1.00 0.00 ? 6 VAL A HG13 20 
ATOM 2046 H HG21 . VAL A 1 6 ? 2.877  4.078  3.774  1.00 0.00 ? 6 VAL A HG21 20 
ATOM 2047 H HG22 . VAL A 1 6 ? 4.127  5.058  3.007  1.00 0.00 ? 6 VAL A HG22 20 
ATOM 2048 H HG23 . VAL A 1 6 ? 4.192  3.298  2.896  1.00 0.00 ? 6 VAL A HG23 20 
ATOM 2049 N N    . ASP A 1 7 ? -0.506 3.139  2.158  1.00 0.00 ? 7 ASP A N    20 
ATOM 2050 C CA   . ASP A 1 7 ? -1.617 3.139  3.085  1.00 0.00 ? 7 ASP A CA   20 
ATOM 2051 C C    . ASP A 1 7 ? -2.225 1.748  3.231  1.00 0.00 ? 7 ASP A C    20 
ATOM 2052 O O    . ASP A 1 7 ? -3.017 1.514  4.141  1.00 0.00 ? 7 ASP A O    20 
ATOM 2053 C CB   . ASP A 1 7 ? -2.699 4.137  2.661  1.00 0.00 ? 7 ASP A CB   20 
ATOM 2054 C CG   . ASP A 1 7 ? -3.377 3.767  1.366  1.00 0.00 ? 7 ASP A CG   20 
ATOM 2055 O OD1  . ASP A 1 7 ? -2.767 3.928  0.293  1.00 0.00 ? 7 ASP A OD1  20 
ATOM 2056 O OD2  . ASP A 1 7 ? -4.541 3.331  1.389  1.00 0.00 ? 7 ASP A OD2  20 
ATOM 2057 H H    . ASP A 1 7 ? -0.680 3.346  1.215  1.00 0.00 ? 7 ASP A H    20 
ATOM 2058 H HA   . ASP A 1 7 ? -1.229 3.445  4.045  1.00 0.00 ? 7 ASP A HA   20 
ATOM 2059 H HB2  . ASP A 1 7 ? -3.456 4.181  3.430  1.00 0.00 ? 7 ASP A HB2  20 
ATOM 2060 H HB3  . ASP A 1 7 ? -2.252 5.112  2.551  1.00 0.00 ? 7 ASP A HB3  20 
# 
